data_8EUT
#
_entry.id   8EUT
#
_cell.length_a   135.539
_cell.length_b   178.697
_cell.length_c   179.447
_cell.angle_alpha   90.000
_cell.angle_beta   90.000
_cell.angle_gamma   90.000
#
_symmetry.space_group_name_H-M   'I 2 2 2'
#
loop_
_entity.id
_entity.type
_entity.pdbx_description
1 polymer 'Chaetomium alpha glucosidase'
2 non-polymer (2R,3R,4R,5S)-1-[8-(furan-2-yl)octyl]-2-(hydroxymethyl)piperidine-3,4,5-triol
3 non-polymer GLYCEROL
4 non-polymer 'SULFATE ION'
5 non-polymer 2-acetamido-2-deoxy-beta-D-glucopyranose
6 non-polymer 2-[BIS-(2-HYDROXY-ETHYL)-AMINO]-2-HYDROXYMETHYL-PROPANE-1,3-DIOL
7 water water
#
_entity_poly.entity_id   1
_entity_poly.type   'polypeptide(L)'
_entity_poly.pdbx_seq_one_letter_code
;MGILPSPGMPALLSLVSLLSVLLMGCVAETGVEGESILHSEIGRLNNQSLLWGPYRPNIYFGTRPRIGKSLMTGLMWGKI
ESYTDFQHTVRYTCEQNEGMKGYGWDEYDPRRGGIQSIHDIQNGLDITTSFVKIPGGAHGGSWAARIKGTLNDDAPKDQK
TIVVFYVSQEGENSELEAVPSENEFGYEGDVILKGRSEALGNYKLVVTKGKGVIPQSDHDLSRLRGPGQTVVQSLTYPDE
VLWQAKPILFQQLKAGIDWLVENKYDVADPPPPWQVYLLANKPGSGNVHIVQKVFEGDFEFDILFSSESAGKEVTSKDLE
REVKQATEVFGERFARVFDLKAPFQGDNYKKFGKSMFSNLIGGIGYFYGHSLVDRSYAPEYDEENEGFWEDAAEARARHQ
EALEGPYELFTSIPSRPFFPRGFLWDEGFHLLPIADWDIDLALEIIKSWYNLMDEDGWIAREQILGAEARSKVPKEFQTQ
YPHYANPPTLFLVLDNFVERLRKNNASQPVVKDNLSLDETLSTASVDNPEVGLEYLRRLYPLLRRQFDWFRKTQAGDIKS
YDREAYSTKEAYRWRGRTVSHCLTSGLDDYPRPQPPHPGELHVDLMSWVGVMVKSLISIGSLLGATEDVEFYTKVLDAIE
HNLDDLHWSEKEGCYCDATIDEFEEHKLVCHKGYISLFPFLTGLLKPDSPKLGKLLALIGDESELWSPYGLRSLSKKDEF
YGTAENYWRSPVWININYLAIVQLYNIATQDGPYKETARDLYTRLRKNIVETVYRNWEETGFAWEQYNPETGKGQRTQHF
TGWTSLVVKIMSGHHHHHH
;
_entity_poly.pdbx_strand_id   A,B
#
# COMPACT_ATOMS: atom_id res chain seq x y z
N SER A 40 -11.00 -3.04 29.59
CA SER A 40 -9.77 -2.27 29.36
C SER A 40 -8.73 -2.61 30.41
N GLU A 41 -9.21 -3.06 31.58
CA GLU A 41 -8.40 -3.42 32.72
C GLU A 41 -7.59 -4.69 32.42
N ILE A 42 -8.27 -5.74 31.93
CA ILE A 42 -7.69 -7.03 31.56
C ILE A 42 -6.71 -6.86 30.38
N GLY A 43 -7.08 -5.99 29.42
CA GLY A 43 -6.29 -5.69 28.24
C GLY A 43 -4.91 -5.10 28.56
N ARG A 44 -4.86 -4.23 29.58
CA ARG A 44 -3.64 -3.57 30.02
C ARG A 44 -2.77 -4.57 30.78
N LEU A 45 -3.40 -5.57 31.42
CA LEU A 45 -2.72 -6.57 32.24
C LEU A 45 -2.02 -7.61 31.36
N ASN A 46 -2.62 -7.91 30.18
CA ASN A 46 -2.07 -8.76 29.13
C ASN A 46 -0.86 -8.09 28.45
N ASN A 47 -1.05 -6.84 27.98
CA ASN A 47 0.01 -5.96 27.52
C ASN A 47 1.23 -6.10 28.45
N GLN A 48 1.04 -5.74 29.73
CA GLN A 48 2.08 -5.73 30.74
C GLN A 48 2.72 -7.11 30.91
N SER A 49 1.89 -8.17 30.86
CA SER A 49 2.34 -9.54 31.08
C SER A 49 3.17 -10.08 29.91
N LEU A 50 2.82 -9.73 28.68
CA LEU A 50 3.39 -10.40 27.53
C LEU A 50 4.50 -9.57 26.90
N LEU A 51 4.89 -8.45 27.54
CA LEU A 51 5.74 -7.48 26.86
C LEU A 51 7.12 -8.08 26.53
N TRP A 52 7.75 -8.68 27.54
CA TRP A 52 9.06 -9.25 27.34
C TRP A 52 8.92 -10.72 27.02
N GLY A 53 9.83 -11.19 26.16
CA GLY A 53 10.03 -12.61 25.99
C GLY A 53 11.27 -12.87 25.15
N PRO A 54 11.63 -14.15 24.93
CA PRO A 54 12.74 -14.49 24.06
C PRO A 54 12.14 -14.53 22.66
N TYR A 55 11.57 -13.41 22.23
CA TYR A 55 10.72 -13.30 21.06
C TYR A 55 11.53 -13.15 19.78
N ARG A 56 12.71 -13.76 19.75
CA ARG A 56 13.47 -13.80 18.52
C ARG A 56 13.71 -15.26 18.12
N PRO A 57 12.63 -16.00 17.75
CA PRO A 57 12.77 -17.42 17.47
C PRO A 57 13.75 -17.72 16.32
N ASN A 58 14.15 -16.70 15.55
CA ASN A 58 14.98 -16.94 14.38
C ASN A 58 16.43 -17.14 14.80
N ILE A 59 16.75 -16.75 16.05
CA ILE A 59 18.08 -17.01 16.55
C ILE A 59 17.99 -18.01 17.70
N TYR A 60 19.13 -18.63 18.05
CA TYR A 60 19.13 -19.65 19.09
C TYR A 60 18.59 -19.03 20.38
N PHE A 61 19.14 -17.87 20.76
CA PHE A 61 18.73 -17.25 22.00
C PHE A 61 18.92 -15.73 21.98
N GLY A 62 17.87 -15.02 22.36
CA GLY A 62 17.87 -13.57 22.32
C GLY A 62 16.55 -13.08 22.90
N THR A 63 16.52 -11.81 23.32
CA THR A 63 15.30 -11.20 23.83
C THR A 63 15.00 -9.90 23.08
N ARG A 64 13.68 -9.60 23.04
CA ARG A 64 13.17 -8.32 22.59
C ARG A 64 11.78 -8.17 23.13
N PRO A 65 11.32 -6.93 23.43
CA PRO A 65 9.94 -6.67 23.85
C PRO A 65 8.99 -6.54 22.65
N ARG A 66 7.69 -6.47 22.90
CA ARG A 66 6.78 -6.25 21.80
C ARG A 66 6.74 -4.75 21.50
N ILE A 67 7.89 -4.19 21.13
CA ILE A 67 8.05 -2.81 20.70
C ILE A 67 8.98 -2.84 19.47
N GLY A 68 8.56 -2.18 18.39
CA GLY A 68 9.32 -2.23 17.16
C GLY A 68 10.75 -1.68 17.31
N LYS A 69 10.90 -0.55 17.99
CA LYS A 69 12.20 0.08 18.14
C LYS A 69 12.51 0.11 19.63
N SER A 70 13.43 -0.73 20.07
CA SER A 70 13.61 -0.91 21.49
C SER A 70 14.91 -1.66 21.76
N LEU A 71 14.99 -2.35 22.89
CA LEU A 71 16.21 -3.02 23.29
C LEU A 71 16.06 -4.47 22.87
N MET A 72 17.07 -5.02 22.17
CA MET A 72 17.15 -6.43 21.80
C MET A 72 18.50 -7.02 22.23
N THR A 73 18.45 -8.30 22.65
CA THR A 73 19.67 -9.03 22.99
C THR A 73 19.77 -10.29 22.11
N GLY A 74 20.99 -10.84 22.00
CA GLY A 74 21.29 -12.03 21.23
C GLY A 74 22.56 -12.71 21.72
N LEU A 75 22.58 -14.05 21.68
CA LEU A 75 23.71 -14.82 22.17
C LEU A 75 24.52 -15.42 21.02
N MET A 76 25.85 -15.47 21.16
CA MET A 76 26.67 -16.12 20.14
C MET A 76 27.76 -16.91 20.85
N TRP A 77 28.10 -18.09 20.34
CA TRP A 77 29.22 -18.86 20.88
C TRP A 77 29.89 -19.62 19.75
N GLY A 78 31.18 -19.95 19.94
CA GLY A 78 31.87 -20.83 19.02
C GLY A 78 33.21 -21.24 19.61
N LYS A 79 33.55 -22.55 19.49
CA LYS A 79 34.89 -23.02 19.80
C LYS A 79 35.87 -22.33 18.87
N ILE A 80 37.12 -22.17 19.34
CA ILE A 80 38.21 -21.59 18.57
C ILE A 80 39.46 -22.44 18.77
N GLU A 81 39.87 -23.08 17.68
CA GLU A 81 40.97 -24.03 17.69
C GLU A 81 42.13 -23.49 16.84
N SER A 82 41.87 -22.50 15.99
CA SER A 82 42.83 -22.01 15.02
C SER A 82 42.65 -20.52 14.76
N TYR A 83 43.39 -20.01 13.77
CA TYR A 83 43.39 -18.59 13.45
C TYR A 83 42.28 -18.23 12.44
N THR A 84 41.58 -19.25 11.90
CA THR A 84 40.60 -18.97 10.86
C THR A 84 39.24 -19.65 11.12
N ASP A 85 39.11 -20.32 12.27
CA ASP A 85 38.06 -21.29 12.50
C ASP A 85 36.78 -20.66 13.12
N PHE A 86 36.94 -19.68 14.02
CA PHE A 86 35.81 -19.04 14.69
C PHE A 86 34.72 -18.62 13.71
N GLN A 87 35.09 -17.96 12.60
CA GLN A 87 34.10 -17.49 11.64
C GLN A 87 33.24 -18.63 11.13
N HIS A 88 33.71 -19.89 11.21
CA HIS A 88 32.89 -21.00 10.73
C HIS A 88 32.16 -21.67 11.89
N THR A 89 32.61 -21.43 13.12
CA THR A 89 32.09 -22.23 14.21
C THR A 89 31.01 -21.46 14.94
N VAL A 90 31.11 -20.13 14.91
CA VAL A 90 30.25 -19.24 15.67
C VAL A 90 28.80 -19.49 15.29
N ARG A 91 27.92 -19.45 16.30
CA ARG A 91 26.52 -19.76 16.13
C ARG A 91 25.74 -18.51 16.48
N TYR A 92 24.64 -18.24 15.74
CA TYR A 92 23.79 -17.10 16.05
C TYR A 92 22.39 -17.33 15.52
N THR A 93 22.20 -17.25 14.19
CA THR A 93 20.86 -17.50 13.64
C THR A 93 20.64 -19.01 13.56
N CYS A 94 19.39 -19.45 13.63
CA CYS A 94 19.09 -20.88 13.66
C CYS A 94 19.32 -21.55 12.29
N GLU A 95 19.95 -22.73 12.32
CA GLU A 95 20.06 -23.58 11.13
C GLU A 95 19.96 -25.04 11.57
N GLN A 96 20.01 -25.95 10.58
CA GLN A 96 19.91 -27.37 10.86
C GLN A 96 20.75 -28.14 9.84
N ASN A 97 21.94 -28.63 10.27
CA ASN A 97 22.91 -29.36 9.46
C ASN A 97 23.43 -30.54 10.28
N GLU A 98 24.46 -31.26 9.79
CA GLU A 98 25.03 -32.38 10.52
C GLU A 98 25.72 -31.89 11.80
N GLY A 99 25.93 -30.55 11.89
CA GLY A 99 26.72 -29.87 12.90
C GLY A 99 25.98 -29.71 14.22
N MET A 100 24.65 -29.79 14.13
CA MET A 100 23.79 -29.54 15.27
C MET A 100 22.89 -30.76 15.46
N LYS A 101 23.05 -31.49 16.58
CA LYS A 101 22.25 -32.67 16.84
C LYS A 101 20.77 -32.29 16.94
N GLY A 102 20.51 -31.22 17.68
CA GLY A 102 19.16 -30.70 17.82
C GLY A 102 19.16 -29.60 18.87
N TYR A 103 17.98 -28.98 19.05
CA TYR A 103 17.79 -27.92 20.05
C TYR A 103 16.32 -27.64 20.15
N GLY A 104 15.89 -27.04 21.26
CA GLY A 104 14.51 -26.64 21.43
C GLY A 104 14.19 -26.44 22.91
N TRP A 105 12.95 -25.99 23.13
CA TRP A 105 12.49 -25.58 24.44
C TRP A 105 11.99 -26.81 25.15
N ASP A 106 12.41 -27.04 26.40
CA ASP A 106 11.95 -28.22 27.11
C ASP A 106 10.71 -27.86 27.91
N GLU A 107 10.63 -26.60 28.35
CA GLU A 107 9.41 -26.07 28.94
C GLU A 107 9.31 -24.62 28.50
N TYR A 108 8.10 -24.14 28.25
CA TYR A 108 8.00 -22.73 28.00
C TYR A 108 6.57 -22.26 28.22
N ASP A 109 6.44 -21.07 28.83
CA ASP A 109 5.23 -20.27 28.89
C ASP A 109 5.66 -18.82 28.66
N PRO A 110 5.08 -18.12 27.65
CA PRO A 110 5.51 -16.77 27.32
C PRO A 110 5.32 -15.79 28.47
N ARG A 111 4.46 -16.15 29.44
CA ARG A 111 4.20 -15.27 30.58
C ARG A 111 5.25 -15.41 31.66
N ARG A 112 5.95 -16.57 31.71
CA ARG A 112 6.85 -16.92 32.81
C ARG A 112 8.31 -17.06 32.37
N GLY A 113 8.51 -17.75 31.23
CA GLY A 113 9.82 -18.09 30.72
C GLY A 113 9.93 -19.58 30.46
N GLY A 114 11.16 -20.11 30.45
CA GLY A 114 11.37 -21.50 30.12
C GLY A 114 12.84 -21.90 30.07
N ILE A 115 13.11 -23.16 29.68
CA ILE A 115 14.47 -23.66 29.55
C ILE A 115 14.60 -24.20 28.12
N GLN A 116 15.69 -23.82 27.45
CA GLN A 116 16.02 -24.31 26.12
C GLN A 116 17.33 -25.11 26.21
N SER A 117 17.37 -26.20 25.42
CA SER A 117 18.50 -27.10 25.29
C SER A 117 19.04 -27.03 23.87
N ILE A 118 20.36 -26.82 23.79
CA ILE A 118 21.03 -26.80 22.50
C ILE A 118 22.11 -27.90 22.52
N HIS A 119 22.08 -28.79 21.53
CA HIS A 119 23.12 -29.81 21.43
C HIS A 119 23.93 -29.52 20.18
N ASP A 120 25.13 -28.95 20.39
CA ASP A 120 25.98 -28.53 19.29
C ASP A 120 27.15 -29.52 19.17
N ILE A 121 27.16 -30.25 18.05
CA ILE A 121 28.22 -31.23 17.79
C ILE A 121 29.49 -30.50 17.35
N GLN A 122 29.30 -29.49 16.51
CA GLN A 122 30.43 -28.83 15.87
C GLN A 122 31.34 -28.28 16.96
N ASN A 123 30.72 -27.80 18.05
CA ASN A 123 31.43 -26.98 19.01
C ASN A 123 31.52 -27.72 20.34
N GLY A 124 31.18 -29.02 20.29
CA GLY A 124 31.34 -29.95 21.39
C GLY A 124 30.62 -29.54 22.66
N LEU A 125 29.46 -28.89 22.52
CA LEU A 125 28.82 -28.24 23.66
C LEU A 125 27.34 -28.56 23.75
N ASP A 126 26.92 -28.86 24.98
CA ASP A 126 25.53 -28.91 25.38
C ASP A 126 25.23 -27.67 26.22
N ILE A 127 24.30 -26.85 25.73
CA ILE A 127 24.01 -25.54 26.29
C ILE A 127 22.58 -25.54 26.82
N THR A 128 22.42 -24.90 27.97
CA THR A 128 21.09 -24.62 28.50
C THR A 128 20.89 -23.11 28.51
N THR A 129 19.72 -22.65 28.04
CA THR A 129 19.40 -21.23 28.13
C THR A 129 18.08 -21.10 28.89
N SER A 130 18.15 -20.65 30.15
CA SER A 130 16.98 -20.60 31.01
C SER A 130 16.57 -19.14 31.10
N PHE A 131 15.27 -18.86 30.91
CA PHE A 131 14.82 -17.48 30.88
C PHE A 131 13.57 -17.30 31.74
N VAL A 132 13.53 -16.20 32.50
CA VAL A 132 12.50 -16.03 33.50
C VAL A 132 12.10 -14.57 33.59
N LYS A 133 10.80 -14.36 33.86
CA LYS A 133 10.24 -13.02 33.89
C LYS A 133 9.80 -12.66 35.30
N ILE A 134 10.15 -11.46 35.76
CA ILE A 134 9.79 -11.06 37.11
C ILE A 134 8.89 -9.84 37.02
N PRO A 135 7.55 -10.03 37.17
CA PRO A 135 6.57 -8.93 37.10
C PRO A 135 6.94 -7.77 38.02
N GLY A 136 6.61 -6.54 37.60
CA GLY A 136 6.93 -5.39 38.43
C GLY A 136 7.19 -4.10 37.67
N GLY A 137 6.89 -2.97 38.35
CA GLY A 137 7.05 -1.64 37.82
C GLY A 137 5.96 -1.31 36.81
N ALA A 138 6.25 -0.32 35.95
CA ALA A 138 5.28 0.19 35.00
C ALA A 138 5.63 -0.29 33.58
N HIS A 139 6.75 -0.99 33.43
CA HIS A 139 7.34 -1.09 32.10
C HIS A 139 7.45 -2.53 31.57
N GLY A 140 6.59 -3.41 32.09
CA GLY A 140 6.49 -4.75 31.55
C GLY A 140 7.46 -5.69 32.27
N GLY A 141 7.86 -5.32 33.49
CA GLY A 141 8.55 -6.22 34.40
C GLY A 141 10.04 -6.33 34.06
N SER A 142 10.70 -7.21 34.78
CA SER A 142 12.10 -7.58 34.54
C SER A 142 12.13 -8.99 33.97
N TRP A 143 13.35 -9.54 33.86
CA TRP A 143 13.66 -10.88 33.35
C TRP A 143 15.12 -11.20 33.62
N ALA A 144 15.41 -12.50 33.59
CA ALA A 144 16.78 -12.97 33.75
C ALA A 144 17.03 -14.20 32.87
N ALA A 145 18.29 -14.38 32.48
CA ALA A 145 18.68 -15.52 31.70
C ALA A 145 19.96 -16.10 32.29
N ARG A 146 20.08 -17.42 32.21
CA ARG A 146 21.31 -18.12 32.53
C ARG A 146 21.69 -18.95 31.32
N ILE A 147 22.90 -18.68 30.84
CA ILE A 147 23.55 -19.46 29.82
C ILE A 147 24.48 -20.46 30.51
N LYS A 148 24.26 -21.76 30.31
CA LYS A 148 25.17 -22.76 30.86
C LYS A 148 25.73 -23.60 29.71
N GLY A 149 27.05 -23.76 29.64
CA GLY A 149 27.62 -24.60 28.60
C GLY A 149 28.45 -25.76 29.15
N THR A 150 28.14 -26.99 28.74
CA THR A 150 28.92 -28.15 29.16
C THR A 150 29.56 -28.78 27.94
N LEU A 151 30.88 -29.00 27.97
CA LEU A 151 31.55 -29.77 26.94
C LEU A 151 30.98 -31.20 26.91
N ASN A 152 30.78 -31.75 25.71
CA ASN A 152 30.35 -33.13 25.59
C ASN A 152 31.59 -34.00 25.70
N ASP A 153 31.39 -35.33 25.78
CA ASP A 153 32.51 -36.27 25.95
C ASP A 153 33.52 -36.19 24.81
N ASP A 154 33.13 -35.70 23.63
CA ASP A 154 34.07 -35.70 22.51
C ASP A 154 35.00 -34.48 22.56
N ALA A 155 34.49 -33.34 23.06
CA ALA A 155 35.23 -32.09 23.03
C ALA A 155 36.52 -32.20 23.86
N PRO A 156 37.63 -31.58 23.38
CA PRO A 156 38.86 -31.50 24.18
C PRO A 156 38.54 -30.84 25.51
N LYS A 157 38.94 -31.49 26.62
CA LYS A 157 38.73 -31.01 27.99
C LYS A 157 39.13 -29.53 28.14
N ASP A 158 40.04 -29.07 27.26
CA ASP A 158 40.66 -27.74 27.35
C ASP A 158 40.17 -26.81 26.23
N GLN A 159 38.98 -27.10 25.70
CA GLN A 159 38.40 -26.30 24.63
C GLN A 159 38.30 -24.82 25.02
N LYS A 160 38.72 -23.98 24.08
CA LYS A 160 38.45 -22.55 24.13
C LYS A 160 37.15 -22.25 23.38
N THR A 161 36.22 -21.60 24.08
CA THR A 161 34.91 -21.27 23.55
C THR A 161 34.70 -19.77 23.77
N ILE A 162 34.48 -19.03 22.67
CA ILE A 162 34.18 -17.61 22.71
C ILE A 162 32.67 -17.44 22.86
N VAL A 163 32.27 -16.68 23.88
CA VAL A 163 30.87 -16.39 24.07
C VAL A 163 30.68 -14.89 23.97
N VAL A 164 29.58 -14.49 23.36
CA VAL A 164 29.31 -13.06 23.17
C VAL A 164 27.86 -12.82 23.53
N PHE A 165 27.63 -11.72 24.25
CA PHE A 165 26.30 -11.22 24.44
C PHE A 165 26.23 -9.86 23.72
N TYR A 166 25.28 -9.75 22.78
CA TYR A 166 25.18 -8.61 21.89
C TYR A 166 23.89 -7.87 22.24
N VAL A 167 24.01 -6.56 22.46
CA VAL A 167 22.88 -5.77 22.90
C VAL A 167 22.73 -4.57 21.97
N SER A 168 21.49 -4.31 21.55
CA SER A 168 21.26 -3.17 20.67
C SER A 168 20.04 -2.39 21.15
N GLN A 169 20.06 -1.06 20.94
CA GLN A 169 18.87 -0.24 21.19
C GLN A 169 18.61 0.77 20.07
N GLU A 170 17.38 0.69 19.51
CA GLU A 170 16.82 1.59 18.50
C GLU A 170 15.85 2.58 19.17
N GLY A 171 15.76 3.80 18.61
CA GLY A 171 15.04 4.94 19.15
C GLY A 171 15.87 6.24 19.12
N GLU A 172 15.22 7.37 18.85
CA GLU A 172 15.94 8.64 18.75
C GLU A 172 16.35 9.16 20.14
N ASN A 173 15.48 9.02 21.14
CA ASN A 173 15.65 9.64 22.46
C ASN A 173 15.98 8.61 23.52
N SER A 174 16.78 7.59 23.16
CA SER A 174 17.10 6.54 24.11
C SER A 174 18.60 6.47 24.31
N GLU A 175 19.02 6.03 25.50
CA GLU A 175 20.43 6.00 25.81
C GLU A 175 20.71 4.67 26.50
N LEU A 176 21.97 4.22 26.32
CA LEU A 176 22.50 2.99 26.89
C LEU A 176 24.01 3.13 27.08
N GLU A 177 24.49 2.91 28.31
CA GLU A 177 25.89 3.14 28.65
C GLU A 177 26.47 1.93 29.37
N ALA A 178 27.67 1.50 28.95
CA ALA A 178 28.41 0.53 29.73
C ALA A 178 29.22 1.27 30.77
N VAL A 179 28.97 0.94 32.04
CA VAL A 179 29.79 1.48 33.11
C VAL A 179 31.18 0.88 32.99
N PRO A 180 32.24 1.73 32.93
CA PRO A 180 33.62 1.26 32.82
C PRO A 180 34.07 0.48 34.04
N SER A 181 35.13 -0.31 33.89
CA SER A 181 35.63 -1.19 34.93
C SER A 181 36.76 -0.52 35.71
N GLU A 182 37.15 -1.10 36.86
CA GLU A 182 38.29 -0.61 37.62
C GLU A 182 39.57 -0.95 36.84
N ASN A 183 39.76 -2.23 36.52
CA ASN A 183 41.00 -2.78 35.99
C ASN A 183 41.19 -2.29 34.56
N GLU A 184 42.44 -2.37 34.07
CA GLU A 184 42.93 -1.58 32.95
C GLU A 184 42.31 -2.05 31.61
N PHE A 185 42.19 -3.36 31.44
CA PHE A 185 42.02 -3.97 30.13
C PHE A 185 40.65 -4.62 29.94
N GLY A 186 39.77 -4.52 30.95
CA GLY A 186 38.47 -5.15 30.89
C GLY A 186 37.89 -5.41 32.29
N TYR A 187 37.07 -6.47 32.41
CA TYR A 187 36.30 -6.74 33.61
C TYR A 187 36.74 -8.04 34.29
N GLU A 188 36.97 -7.95 35.62
CA GLU A 188 37.18 -9.10 36.50
C GLU A 188 35.84 -9.58 37.04
N GLY A 189 34.84 -8.66 37.02
CA GLY A 189 33.51 -8.90 37.57
C GLY A 189 32.40 -8.67 36.54
N ASP A 190 31.28 -8.13 37.01
CA ASP A 190 30.08 -8.01 36.20
C ASP A 190 30.22 -6.82 35.25
N VAL A 191 29.54 -6.89 34.08
CA VAL A 191 29.37 -5.75 33.20
C VAL A 191 27.97 -5.15 33.45
N ILE A 192 27.91 -3.84 33.77
CA ILE A 192 26.64 -3.17 34.02
C ILE A 192 26.33 -2.22 32.86
N LEU A 193 25.19 -2.42 32.20
CA LEU A 193 24.76 -1.44 31.21
C LEU A 193 23.57 -0.72 31.83
N LYS A 194 23.68 0.62 31.84
CA LYS A 194 22.60 1.51 32.27
C LYS A 194 21.98 2.18 31.05
N GLY A 195 20.66 2.11 30.95
CA GLY A 195 19.95 2.68 29.82
C GLY A 195 18.61 3.31 30.17
N ARG A 196 18.10 4.09 29.22
CA ARG A 196 16.84 4.79 29.40
C ARG A 196 16.17 4.88 28.04
N SER A 197 14.83 4.81 28.04
CA SER A 197 14.01 5.02 26.86
C SER A 197 12.56 5.26 27.27
N GLU A 198 11.78 5.95 26.41
CA GLU A 198 10.38 6.28 26.71
C GLU A 198 9.60 4.97 26.91
N ALA A 199 9.89 3.97 26.06
CA ALA A 199 9.14 2.73 26.09
C ALA A 199 9.41 1.95 27.38
N LEU A 200 10.67 1.92 27.84
CA LEU A 200 11.08 1.04 28.92
C LEU A 200 11.38 1.79 30.23
N GLY A 201 11.34 3.12 30.24
CA GLY A 201 11.80 3.82 31.43
C GLY A 201 13.30 3.56 31.67
N ASN A 202 13.72 3.60 32.94
CA ASN A 202 15.11 3.37 33.27
C ASN A 202 15.30 1.89 33.53
N TYR A 203 16.46 1.37 33.12
CA TYR A 203 16.73 -0.04 33.36
C TYR A 203 18.23 -0.28 33.50
N LYS A 204 18.59 -1.42 34.06
CA LYS A 204 19.98 -1.84 34.07
C LYS A 204 20.03 -3.29 33.58
N LEU A 205 20.99 -3.56 32.70
CA LEU A 205 21.16 -4.89 32.16
C LEU A 205 22.53 -5.40 32.59
N VAL A 206 22.55 -6.47 33.38
CA VAL A 206 23.83 -6.87 33.94
C VAL A 206 24.25 -8.25 33.39
N VAL A 207 25.49 -8.35 32.90
CA VAL A 207 26.01 -9.64 32.50
C VAL A 207 27.07 -10.02 33.53
N THR A 208 26.80 -11.11 34.27
CA THR A 208 27.57 -11.45 35.44
C THR A 208 28.90 -12.09 35.06
N LYS A 209 29.81 -12.15 36.03
CA LYS A 209 31.20 -12.55 35.78
C LYS A 209 31.22 -14.00 35.28
N GLY A 210 30.37 -14.85 35.87
CA GLY A 210 30.26 -16.23 35.45
C GLY A 210 31.11 -17.16 36.30
N LYS A 211 30.77 -18.45 36.28
CA LYS A 211 31.64 -19.53 36.72
C LYS A 211 32.34 -20.12 35.48
N GLY A 212 33.64 -20.41 35.59
CA GLY A 212 34.38 -21.08 34.53
C GLY A 212 35.83 -20.60 34.43
N VAL A 213 36.75 -21.52 34.10
CA VAL A 213 38.14 -21.16 33.89
C VAL A 213 38.23 -20.13 32.77
N ILE A 214 38.90 -19.00 33.05
CA ILE A 214 39.13 -18.07 31.96
C ILE A 214 40.61 -18.08 31.58
N PRO A 215 40.98 -18.54 30.36
CA PRO A 215 42.38 -18.72 29.94
C PRO A 215 43.21 -17.44 29.96
N GLN A 216 44.54 -17.59 30.14
CA GLN A 216 45.43 -16.45 30.38
C GLN A 216 46.64 -16.54 29.46
N SER A 217 46.99 -15.42 28.85
CA SER A 217 48.06 -15.38 27.84
C SER A 217 49.35 -14.83 28.42
N ASP A 218 50.46 -15.51 28.14
CA ASP A 218 51.79 -15.09 28.61
C ASP A 218 52.49 -14.33 27.47
N HIS A 219 51.77 -14.05 26.39
CA HIS A 219 52.31 -13.34 25.22
C HIS A 219 52.51 -11.87 25.57
N ASP A 220 53.33 -11.20 24.78
CA ASP A 220 53.69 -9.75 24.82
C ASP A 220 52.45 -8.87 24.65
N LEU A 221 51.44 -9.34 23.93
CA LEU A 221 50.16 -8.63 23.71
C LEU A 221 49.47 -8.36 25.05
N SER A 222 49.56 -9.27 26.01
CA SER A 222 48.96 -9.07 27.35
C SER A 222 49.42 -7.75 27.99
N ARG A 223 50.59 -7.24 27.62
CA ARG A 223 50.99 -5.93 28.12
C ARG A 223 50.06 -4.84 27.58
N LEU A 224 49.51 -5.01 26.37
CA LEU A 224 48.65 -3.98 25.81
C LEU A 224 47.18 -4.38 25.78
N ARG A 225 46.88 -5.71 25.84
CA ARG A 225 45.50 -6.18 25.76
C ARG A 225 45.08 -6.90 27.04
N GLY A 226 45.99 -7.03 28.01
CA GLY A 226 45.64 -7.77 29.22
C GLY A 226 45.85 -9.26 29.00
N PRO A 227 45.96 -10.09 30.06
CA PRO A 227 46.24 -11.52 29.88
C PRO A 227 45.01 -12.33 29.47
N GLY A 228 43.85 -11.67 29.48
CA GLY A 228 42.58 -12.31 29.18
C GLY A 228 41.54 -12.03 30.25
N GLN A 229 40.42 -11.43 29.81
CA GLN A 229 39.37 -10.98 30.69
C GLN A 229 38.13 -10.68 29.83
N THR A 230 36.96 -10.63 30.50
CA THR A 230 35.74 -10.12 29.91
C THR A 230 36.03 -8.75 29.29
N VAL A 231 35.41 -8.47 28.12
CA VAL A 231 35.56 -7.18 27.46
C VAL A 231 34.20 -6.67 26.97
N VAL A 232 34.13 -5.34 26.78
CA VAL A 232 32.96 -4.68 26.23
C VAL A 232 33.40 -3.70 25.15
N GLN A 233 32.69 -3.72 24.01
CA GLN A 233 32.83 -2.66 23.02
C GLN A 233 31.49 -1.97 22.86
N SER A 234 31.50 -0.66 23.06
CA SER A 234 30.31 0.15 22.88
C SER A 234 30.49 0.87 21.56
N LEU A 235 29.48 0.81 20.69
CA LEU A 235 29.52 1.27 19.31
C LEU A 235 28.19 1.95 18.97
N THR A 236 28.19 2.85 17.96
CA THR A 236 26.94 3.33 17.39
CA THR A 236 26.95 3.34 17.39
C THR A 236 26.94 3.16 15.86
N TYR A 237 25.85 2.57 15.34
CA TYR A 237 25.59 2.47 13.92
C TYR A 237 24.22 3.08 13.66
N PRO A 238 23.88 3.49 12.41
CA PRO A 238 22.50 3.90 12.12
C PRO A 238 21.55 2.76 12.44
N ASP A 239 20.46 3.11 13.15
CA ASP A 239 19.49 2.23 13.78
C ASP A 239 19.10 1.01 12.93
N GLU A 240 18.96 1.17 11.61
CA GLU A 240 18.38 0.10 10.82
C GLU A 240 19.36 -1.02 10.54
N VAL A 241 20.62 -0.93 10.98
CA VAL A 241 21.54 -2.05 10.75
C VAL A 241 21.88 -2.80 12.04
N LEU A 242 21.28 -2.40 13.15
CA LEU A 242 21.70 -2.90 14.45
C LEU A 242 21.51 -4.41 14.56
N TRP A 243 20.55 -4.96 13.83
CA TRP A 243 20.15 -6.36 13.89
C TRP A 243 21.26 -7.23 13.29
N GLN A 244 22.16 -6.61 12.52
CA GLN A 244 23.18 -7.35 11.79
C GLN A 244 24.39 -7.63 12.67
N ALA A 245 24.17 -8.46 13.71
CA ALA A 245 25.12 -8.69 14.78
C ALA A 245 26.38 -9.40 14.27
N LYS A 246 26.22 -10.39 13.38
CA LYS A 246 27.38 -11.11 12.87
C LYS A 246 28.33 -10.15 12.13
N PRO A 247 27.89 -9.46 11.06
CA PRO A 247 28.78 -8.52 10.39
C PRO A 247 29.37 -7.46 11.33
N ILE A 248 28.55 -6.91 12.24
CA ILE A 248 29.06 -5.85 13.11
C ILE A 248 30.17 -6.41 13.98
N LEU A 249 29.98 -7.65 14.46
CA LEU A 249 30.99 -8.25 15.30
C LEU A 249 32.23 -8.46 14.47
N PHE A 250 32.04 -9.09 13.30
CA PHE A 250 33.20 -9.48 12.50
C PHE A 250 34.01 -8.23 12.15
N GLN A 251 33.33 -7.10 11.97
CA GLN A 251 34.02 -5.87 11.61
C GLN A 251 34.97 -5.47 12.74
N GLN A 252 34.55 -5.66 14.00
CA GLN A 252 35.39 -5.34 15.16
C GLN A 252 36.60 -6.29 15.30
N LEU A 253 36.36 -7.60 15.16
CA LEU A 253 37.41 -8.59 15.21
C LEU A 253 38.43 -8.23 14.13
N LYS A 254 37.93 -7.89 12.93
CA LYS A 254 38.82 -7.59 11.83
C LYS A 254 39.70 -6.40 12.20
N ALA A 255 39.16 -5.39 12.89
CA ALA A 255 39.92 -4.19 13.16
C ALA A 255 41.02 -4.49 14.18
N GLY A 256 40.68 -5.35 15.17
CA GLY A 256 41.61 -5.93 16.12
C GLY A 256 42.76 -6.64 15.40
N ILE A 257 42.47 -7.59 14.50
CA ILE A 257 43.51 -8.34 13.82
C ILE A 257 44.36 -7.39 12.97
N ASP A 258 43.71 -6.42 12.32
CA ASP A 258 44.39 -5.40 11.54
C ASP A 258 45.39 -4.68 12.44
N TRP A 259 44.95 -4.35 13.65
CA TRP A 259 45.79 -3.65 14.59
C TRP A 259 47.00 -4.51 14.97
N LEU A 260 46.82 -5.82 15.22
CA LEU A 260 47.95 -6.72 15.44
C LEU A 260 48.98 -6.57 14.32
N VAL A 261 48.53 -6.60 13.06
CA VAL A 261 49.45 -6.59 11.92
C VAL A 261 50.16 -5.24 11.79
N GLU A 262 49.47 -4.15 12.13
CA GLU A 262 50.08 -2.84 12.06
C GLU A 262 51.20 -2.73 13.09
N ASN A 263 51.05 -3.44 14.21
CA ASN A 263 51.91 -3.27 15.37
C ASN A 263 52.84 -4.46 15.57
N LYS A 264 53.25 -5.12 14.47
CA LYS A 264 54.39 -6.03 14.45
C LYS A 264 54.15 -7.33 15.23
N TYR A 265 52.91 -7.81 15.34
CA TYR A 265 52.62 -9.16 15.81
C TYR A 265 52.37 -10.11 14.65
N ASP A 266 53.28 -11.07 14.45
CA ASP A 266 53.33 -11.85 13.21
C ASP A 266 53.57 -13.34 13.46
N VAL A 267 53.85 -14.07 12.36
CA VAL A 267 53.86 -15.53 12.37
C VAL A 267 55.19 -16.00 12.95
N ALA A 268 56.10 -15.05 13.12
CA ALA A 268 57.37 -15.29 13.81
C ALA A 268 57.12 -15.77 15.25
N ASP A 269 56.01 -15.30 15.88
CA ASP A 269 55.72 -15.39 17.32
C ASP A 269 54.29 -14.92 17.63
N PRO A 270 53.21 -15.61 17.20
CA PRO A 270 51.86 -15.07 17.34
C PRO A 270 51.25 -15.37 18.70
N PRO A 271 50.34 -14.49 19.18
CA PRO A 271 49.53 -14.76 20.37
C PRO A 271 48.61 -15.95 20.09
N PRO A 272 48.07 -16.65 21.12
CA PRO A 272 47.07 -17.70 20.91
C PRO A 272 45.82 -17.22 20.14
N PRO A 273 45.19 -18.09 19.31
CA PRO A 273 44.02 -17.69 18.53
C PRO A 273 43.01 -16.92 19.38
N TRP A 274 42.66 -17.50 20.52
CA TRP A 274 41.63 -16.95 21.38
C TRP A 274 41.99 -15.53 21.81
N GLN A 275 43.28 -15.19 21.88
CA GLN A 275 43.70 -13.85 22.28
C GLN A 275 43.64 -12.92 21.06
N VAL A 276 43.95 -13.46 19.88
CA VAL A 276 43.80 -12.75 18.62
C VAL A 276 42.34 -12.34 18.37
N TYR A 277 41.36 -13.11 18.85
CA TYR A 277 39.95 -12.76 18.66
C TYR A 277 39.28 -12.18 19.92
N LEU A 278 40.07 -11.81 20.93
CA LEU A 278 39.53 -11.06 22.04
C LEU A 278 39.52 -9.59 21.65
N LEU A 279 38.39 -8.92 21.84
CA LEU A 279 38.34 -7.53 21.40
C LEU A 279 39.08 -6.65 22.39
N ALA A 280 39.66 -5.57 21.88
CA ALA A 280 40.20 -4.53 22.75
C ALA A 280 39.04 -3.94 23.55
N ASN A 281 39.18 -3.83 24.87
CA ASN A 281 38.12 -3.29 25.73
C ASN A 281 37.93 -1.80 25.47
N LYS A 282 36.71 -1.36 25.17
CA LYS A 282 36.39 0.04 24.95
C LYS A 282 34.92 0.26 25.30
N PRO A 283 34.54 0.20 26.59
CA PRO A 283 33.14 0.43 26.96
C PRO A 283 32.89 1.93 26.80
N GLY A 284 31.61 2.29 26.77
CA GLY A 284 31.21 3.67 26.64
C GLY A 284 29.70 3.73 26.44
N SER A 285 29.30 4.73 25.65
CA SER A 285 27.91 4.74 25.24
C SER A 285 27.82 4.54 23.73
N GLY A 286 26.69 3.95 23.31
CA GLY A 286 26.26 3.78 21.94
C GLY A 286 24.96 3.00 21.90
N ASN A 287 24.47 2.70 20.68
CA ASN A 287 23.28 1.91 20.47
C ASN A 287 23.59 0.43 20.22
N VAL A 288 24.90 0.04 20.28
CA VAL A 288 25.33 -1.37 20.29
C VAL A 288 26.37 -1.59 21.38
N HIS A 289 26.26 -2.72 22.08
CA HIS A 289 27.22 -3.07 23.11
C HIS A 289 27.63 -4.53 22.96
N ILE A 290 28.90 -4.77 22.67
CA ILE A 290 29.38 -6.12 22.46
C ILE A 290 30.04 -6.58 23.77
N VAL A 291 29.51 -7.63 24.39
CA VAL A 291 30.09 -8.16 25.60
C VAL A 291 30.64 -9.55 25.30
N GLN A 292 31.94 -9.72 25.53
CA GLN A 292 32.65 -10.91 25.10
C GLN A 292 33.38 -11.55 26.27
N LYS A 293 33.35 -12.89 26.30
CA LYS A 293 34.06 -13.70 27.26
C LYS A 293 34.67 -14.90 26.54
N VAL A 294 35.75 -15.46 27.10
CA VAL A 294 36.31 -16.68 26.57
C VAL A 294 36.40 -17.64 27.74
N PHE A 295 36.02 -18.90 27.53
CA PHE A 295 36.13 -19.86 28.61
C PHE A 295 36.97 -21.07 28.20
N GLU A 296 37.71 -21.61 29.17
CA GLU A 296 38.28 -22.95 29.05
C GLU A 296 37.44 -23.93 29.87
N GLY A 297 37.02 -25.00 29.20
CA GLY A 297 36.16 -25.97 29.87
C GLY A 297 34.71 -25.50 29.90
N ASP A 298 33.94 -26.01 30.86
CA ASP A 298 32.55 -25.69 31.06
C ASP A 298 32.43 -24.26 31.55
N PHE A 299 31.22 -23.68 31.46
CA PHE A 299 30.99 -22.31 31.88
C PHE A 299 29.52 -22.06 32.15
N GLU A 300 29.23 -20.98 32.91
CA GLU A 300 27.90 -20.38 32.96
C GLU A 300 28.06 -18.90 33.27
N PHE A 301 27.04 -18.11 32.94
CA PHE A 301 26.96 -16.70 33.32
C PHE A 301 25.51 -16.28 33.27
N ASP A 302 25.19 -15.10 33.82
CA ASP A 302 23.79 -14.72 33.85
C ASP A 302 23.61 -13.34 33.22
N ILE A 303 22.42 -13.14 32.65
CA ILE A 303 21.99 -11.83 32.25
C ILE A 303 20.85 -11.42 33.17
N LEU A 304 20.99 -10.28 33.83
CA LEU A 304 19.93 -9.77 34.67
C LEU A 304 19.50 -8.41 34.14
N PHE A 305 18.24 -8.38 33.70
CA PHE A 305 17.60 -7.16 33.27
C PHE A 305 16.69 -6.68 34.39
N SER A 306 16.99 -5.48 34.91
CA SER A 306 16.34 -4.91 36.08
C SER A 306 15.58 -3.67 35.67
N SER A 307 14.25 -3.75 35.65
CA SER A 307 13.38 -2.59 35.36
C SER A 307 13.45 -1.68 36.58
N GLU A 308 13.84 -0.41 36.38
CA GLU A 308 14.06 0.42 37.55
C GLU A 308 12.74 0.78 38.23
N SER A 309 11.72 0.96 37.39
CA SER A 309 10.34 1.33 37.77
C SER A 309 9.78 0.27 38.70
N ALA A 310 10.47 -0.86 38.80
CA ALA A 310 10.12 -2.03 39.64
C ALA A 310 10.68 -1.86 41.04
N GLY A 311 10.75 -2.92 41.83
CA GLY A 311 11.22 -2.68 43.19
C GLY A 311 12.73 -2.80 43.29
N LYS A 312 13.20 -3.83 43.96
CA LYS A 312 14.67 -3.97 44.02
C LYS A 312 15.12 -4.57 42.70
N GLU A 313 16.39 -4.38 42.35
CA GLU A 313 16.97 -4.97 41.16
C GLU A 313 17.02 -6.50 41.26
N VAL A 314 17.11 -7.16 40.09
CA VAL A 314 17.11 -8.62 39.97
C VAL A 314 18.50 -9.19 40.29
N THR A 315 18.52 -10.32 41.00
CA THR A 315 19.77 -10.96 41.39
C THR A 315 19.82 -12.37 40.82
N SER A 316 21.03 -12.96 40.80
CA SER A 316 21.17 -14.34 40.38
C SER A 316 20.31 -15.23 41.27
N LYS A 317 20.31 -14.96 42.59
CA LYS A 317 19.59 -15.84 43.50
C LYS A 317 18.11 -15.78 43.10
N ASP A 318 17.69 -14.61 42.60
CA ASP A 318 16.32 -14.38 42.16
C ASP A 318 16.00 -15.33 41.00
N LEU A 319 16.91 -15.33 40.01
CA LEU A 319 16.74 -16.04 38.75
C LEU A 319 16.53 -17.52 39.05
N GLU A 320 17.31 -18.07 39.98
CA GLU A 320 17.21 -19.47 40.37
C GLU A 320 15.81 -19.78 40.89
N ARG A 321 15.31 -18.94 41.81
CA ARG A 321 14.04 -19.21 42.47
C ARG A 321 12.96 -19.25 41.41
N GLU A 322 13.00 -18.27 40.50
CA GLU A 322 11.93 -18.06 39.55
C GLU A 322 11.97 -19.18 38.50
N VAL A 323 13.17 -19.61 38.11
CA VAL A 323 13.35 -20.73 37.20
C VAL A 323 12.67 -21.98 37.78
N LYS A 324 12.99 -22.28 39.06
CA LYS A 324 12.42 -23.41 39.82
C LYS A 324 10.90 -23.33 39.85
N GLN A 325 10.39 -22.12 40.15
CA GLN A 325 8.99 -21.82 40.35
C GLN A 325 8.21 -22.01 39.05
N ALA A 326 8.79 -21.48 37.95
CA ALA A 326 8.20 -21.60 36.64
C ALA A 326 7.99 -23.07 36.23
N THR A 327 9.01 -23.90 36.48
CA THR A 327 8.95 -25.32 36.20
C THR A 327 7.76 -25.96 36.91
N GLU A 328 7.61 -25.66 38.21
CA GLU A 328 6.54 -26.24 39.01
C GLU A 328 5.19 -25.90 38.37
N VAL A 329 5.00 -24.61 38.04
CA VAL A 329 3.76 -24.11 37.45
C VAL A 329 3.55 -24.78 36.10
N PHE A 330 4.61 -24.82 35.26
CA PHE A 330 4.51 -25.48 33.95
C PHE A 330 3.98 -26.90 34.17
N GLY A 331 4.64 -27.64 35.07
CA GLY A 331 4.31 -29.02 35.35
C GLY A 331 2.83 -29.23 35.66
N GLU A 332 2.31 -28.43 36.61
CA GLU A 332 0.95 -28.50 37.11
C GLU A 332 -0.04 -28.17 36.00
N ARG A 333 0.26 -27.15 35.17
CA ARG A 333 -0.65 -26.76 34.10
C ARG A 333 -0.68 -27.80 32.97
N PHE A 334 0.51 -28.33 32.64
CA PHE A 334 0.56 -29.36 31.61
C PHE A 334 -0.38 -30.52 31.93
N ALA A 335 -0.28 -31.06 33.15
CA ALA A 335 -1.05 -32.24 33.54
C ALA A 335 -2.54 -31.94 33.57
N ARG A 336 -2.91 -30.66 33.76
CA ARG A 336 -4.29 -30.20 33.78
C ARG A 336 -4.80 -30.01 32.35
N VAL A 337 -4.02 -29.32 31.52
CA VAL A 337 -4.45 -28.89 30.19
C VAL A 337 -4.23 -30.00 29.15
N PHE A 338 -3.13 -30.74 29.30
CA PHE A 338 -2.73 -31.80 28.37
C PHE A 338 -2.68 -33.13 29.12
N ASP A 339 -3.86 -33.55 29.57
CA ASP A 339 -4.08 -34.83 30.25
C ASP A 339 -4.16 -35.93 29.19
N LEU A 340 -3.03 -36.63 28.98
CA LEU A 340 -2.96 -37.59 27.88
C LEU A 340 -3.86 -38.78 28.18
N LYS A 341 -4.76 -39.12 27.25
CA LYS A 341 -5.61 -40.26 27.44
C LYS A 341 -4.96 -41.52 26.85
N ALA A 342 -5.50 -42.70 27.20
CA ALA A 342 -4.93 -43.95 26.74
C ALA A 342 -4.86 -43.99 25.20
N PRO A 343 -3.89 -44.74 24.61
CA PRO A 343 -2.83 -45.43 25.37
C PRO A 343 -1.55 -44.62 25.58
N PHE A 344 -1.72 -43.31 25.83
CA PHE A 344 -0.56 -42.43 25.86
C PHE A 344 -0.34 -41.82 27.25
N GLN A 345 -0.77 -42.55 28.29
CA GLN A 345 -0.82 -42.00 29.64
C GLN A 345 0.57 -42.06 30.24
N GLY A 346 1.44 -42.85 29.59
CA GLY A 346 2.78 -43.12 30.09
C GLY A 346 3.66 -41.88 30.07
N ASP A 347 4.74 -41.94 30.86
CA ASP A 347 5.67 -40.85 31.06
C ASP A 347 6.44 -40.54 29.78
N ASN A 348 6.68 -41.56 28.94
CA ASN A 348 7.42 -41.38 27.70
C ASN A 348 6.63 -40.43 26.79
N TYR A 349 5.33 -40.72 26.66
CA TYR A 349 4.43 -39.89 25.89
C TYR A 349 4.28 -38.49 26.49
N LYS A 350 4.46 -38.37 27.81
CA LYS A 350 4.34 -37.10 28.50
C LYS A 350 5.56 -36.27 28.15
N LYS A 351 6.77 -36.85 28.19
CA LYS A 351 7.94 -36.13 27.75
C LYS A 351 7.76 -35.68 26.30
N PHE A 352 7.12 -36.52 25.49
CA PHE A 352 6.95 -36.27 24.07
C PHE A 352 6.04 -35.06 23.88
N GLY A 353 4.86 -35.13 24.53
CA GLY A 353 3.93 -34.01 24.52
C GLY A 353 4.54 -32.69 24.98
N LYS A 354 5.32 -32.73 26.08
CA LYS A 354 5.94 -31.57 26.67
C LYS A 354 6.93 -30.96 25.68
N SER A 355 7.59 -31.82 24.90
CA SER A 355 8.54 -31.35 23.89
C SER A 355 7.81 -30.79 22.66
N MET A 356 6.78 -31.49 22.21
CA MET A 356 6.02 -30.98 21.09
C MET A 356 5.34 -29.67 21.51
N PHE A 357 4.87 -29.59 22.77
CA PHE A 357 4.13 -28.39 23.14
C PHE A 357 5.07 -27.21 23.31
N SER A 358 6.22 -27.47 23.95
CA SER A 358 7.07 -26.37 24.36
C SER A 358 7.73 -25.71 23.15
N ASN A 359 8.02 -26.53 22.12
CA ASN A 359 8.58 -26.05 20.86
C ASN A 359 7.55 -25.27 20.06
N LEU A 360 6.29 -25.72 20.08
CA LEU A 360 5.27 -24.96 19.38
C LEU A 360 5.14 -23.59 20.00
N ILE A 361 4.95 -23.53 21.32
CA ILE A 361 4.60 -22.27 21.96
C ILE A 361 5.85 -21.41 22.07
N GLY A 362 7.01 -22.08 22.16
CA GLY A 362 8.31 -21.41 22.23
C GLY A 362 8.66 -20.66 20.95
N GLY A 363 8.09 -21.05 19.81
CA GLY A 363 8.36 -20.36 18.58
C GLY A 363 7.79 -18.95 18.50
N ILE A 364 7.04 -18.54 19.55
CA ILE A 364 6.33 -17.27 19.46
C ILE A 364 7.34 -16.14 19.25
N GLY A 365 7.04 -15.27 18.30
CA GLY A 365 7.97 -14.19 18.03
C GLY A 365 7.23 -12.85 17.94
N TYR A 366 8.00 -11.76 18.03
CA TYR A 366 7.49 -10.45 17.72
C TYR A 366 8.34 -9.94 16.57
N PHE A 367 7.69 -9.52 15.48
CA PHE A 367 8.38 -9.07 14.28
C PHE A 367 7.91 -7.65 13.92
N TYR A 368 8.79 -6.85 13.30
CA TYR A 368 8.46 -5.44 13.07
C TYR A 368 9.14 -4.86 11.81
N GLY A 369 8.37 -4.16 10.95
CA GLY A 369 9.03 -3.49 9.83
C GLY A 369 8.19 -3.41 8.56
N HIS A 370 8.85 -3.15 7.43
CA HIS A 370 8.13 -3.02 6.17
C HIS A 370 7.93 -4.39 5.53
N SER A 371 6.88 -4.52 4.71
CA SER A 371 6.56 -5.67 3.89
C SER A 371 6.75 -5.27 2.44
N LEU A 372 6.95 -6.30 1.60
CA LEU A 372 7.04 -6.10 0.17
C LEU A 372 5.75 -6.55 -0.50
N VAL A 373 4.99 -5.57 -1.00
CA VAL A 373 3.68 -5.80 -1.56
C VAL A 373 3.59 -5.11 -2.92
N ASP A 374 3.01 -5.82 -3.88
CA ASP A 374 2.64 -5.28 -5.18
C ASP A 374 1.25 -4.68 -5.04
N ARG A 375 1.14 -3.34 -5.10
CA ARG A 375 -0.11 -2.61 -4.90
C ARG A 375 -0.67 -2.13 -6.24
N SER A 376 -0.05 -2.55 -7.35
CA SER A 376 -0.58 -2.26 -8.66
C SER A 376 -2.02 -2.73 -8.86
N TYR A 377 -2.42 -3.92 -8.38
CA TYR A 377 -3.74 -4.41 -8.74
C TYR A 377 -3.87 -4.51 -10.26
N ALA A 378 -2.80 -4.92 -10.94
CA ALA A 378 -2.87 -5.16 -12.37
C ALA A 378 -4.15 -5.92 -12.75
N PRO A 379 -4.77 -5.58 -13.90
CA PRO A 379 -5.91 -6.36 -14.39
C PRO A 379 -5.59 -7.84 -14.64
N GLU A 380 -4.31 -8.17 -14.85
CA GLU A 380 -3.95 -9.54 -15.14
C GLU A 380 -4.22 -10.44 -13.93
N TYR A 381 -4.26 -9.88 -12.72
CA TYR A 381 -4.43 -10.62 -11.48
C TYR A 381 -5.92 -10.93 -11.27
N ASP A 382 -6.75 -10.54 -12.23
CA ASP A 382 -8.16 -10.87 -12.16
C ASP A 382 -8.33 -12.33 -12.61
N GLU A 383 -7.35 -12.81 -13.41
CA GLU A 383 -7.23 -14.14 -13.98
C GLU A 383 -8.55 -14.58 -14.62
N GLU A 384 -8.92 -13.86 -15.70
CA GLU A 384 -10.26 -13.99 -16.27
C GLU A 384 -10.18 -14.74 -17.59
N ASN A 385 -8.96 -14.89 -18.09
CA ASN A 385 -8.69 -15.50 -19.38
C ASN A 385 -8.17 -16.93 -19.23
N GLU A 386 -8.31 -17.68 -20.31
CA GLU A 386 -7.49 -18.86 -20.52
C GLU A 386 -6.03 -18.43 -20.64
N GLY A 387 -5.12 -19.15 -19.98
CA GLY A 387 -3.71 -18.85 -20.07
C GLY A 387 -3.29 -17.76 -19.09
N PHE A 388 -4.15 -17.54 -18.07
CA PHE A 388 -4.05 -16.37 -17.21
C PHE A 388 -2.73 -16.34 -16.44
N TRP A 389 -2.00 -17.47 -16.41
CA TRP A 389 -0.81 -17.54 -15.59
C TRP A 389 0.34 -16.83 -16.28
N GLU A 390 0.30 -16.74 -17.63
CA GLU A 390 1.30 -15.96 -18.35
C GLU A 390 0.96 -14.47 -18.28
N ASP A 391 -0.33 -14.13 -18.31
CA ASP A 391 -0.73 -12.76 -18.07
C ASP A 391 -0.14 -12.29 -16.73
N ALA A 392 -0.40 -13.06 -15.67
CA ALA A 392 -0.08 -12.61 -14.33
C ALA A 392 1.43 -12.60 -14.11
N ALA A 393 2.16 -13.40 -14.89
CA ALA A 393 3.61 -13.41 -14.81
C ALA A 393 4.15 -12.12 -15.43
N GLU A 394 3.50 -11.68 -16.51
CA GLU A 394 3.85 -10.43 -17.17
C GLU A 394 3.68 -9.26 -16.21
N ALA A 395 2.61 -9.25 -15.41
CA ALA A 395 2.39 -8.14 -14.48
C ALA A 395 3.48 -8.15 -13.39
N ARG A 396 3.81 -9.35 -12.90
CA ARG A 396 4.86 -9.50 -11.90
C ARG A 396 6.18 -8.95 -12.46
N ALA A 397 6.42 -9.22 -13.74
CA ALA A 397 7.64 -8.78 -14.39
C ALA A 397 7.68 -7.26 -14.53
N ARG A 398 6.59 -6.56 -14.15
CA ARG A 398 6.61 -5.10 -14.16
C ARG A 398 7.26 -4.59 -12.87
N HIS A 399 7.34 -5.46 -11.85
CA HIS A 399 7.99 -5.22 -10.57
C HIS A 399 7.54 -3.89 -9.98
N GLN A 400 6.26 -3.76 -9.72
CA GLN A 400 5.73 -2.52 -9.20
C GLN A 400 5.79 -2.53 -7.68
N GLU A 401 6.14 -3.67 -7.08
CA GLU A 401 6.05 -3.79 -5.62
C GLU A 401 6.90 -2.71 -4.94
N ALA A 402 6.56 -2.33 -3.70
CA ALA A 402 7.34 -1.40 -2.87
C ALA A 402 7.19 -1.75 -1.39
N LEU A 403 8.12 -1.27 -0.54
CA LEU A 403 8.01 -1.57 0.89
C LEU A 403 6.85 -0.74 1.45
N GLU A 404 6.06 -1.32 2.36
CA GLU A 404 5.03 -0.53 3.02
C GLU A 404 5.01 -0.90 4.51
N GLY A 405 4.27 -0.14 5.32
CA GLY A 405 4.23 -0.37 6.76
C GLY A 405 4.78 0.84 7.52
N PRO A 406 5.45 0.72 8.69
CA PRO A 406 5.92 -0.57 9.20
C PRO A 406 4.69 -1.29 9.76
N TYR A 407 4.84 -2.58 10.00
CA TYR A 407 3.79 -3.40 10.58
C TYR A 407 4.42 -4.15 11.75
N GLU A 408 3.60 -4.70 12.63
CA GLU A 408 4.18 -5.57 13.62
C GLU A 408 3.31 -6.82 13.71
N LEU A 409 3.91 -7.95 14.11
CA LEU A 409 3.12 -9.15 14.29
C LEU A 409 3.70 -9.96 15.45
N PHE A 410 2.76 -10.49 16.24
CA PHE A 410 3.04 -11.34 17.38
C PHE A 410 2.37 -12.67 17.08
N THR A 411 3.20 -13.70 16.91
CA THR A 411 2.76 -14.92 16.26
C THR A 411 3.73 -16.06 16.53
N SER A 412 3.19 -17.28 16.49
CA SER A 412 4.00 -18.48 16.49
C SER A 412 4.40 -18.80 15.04
N ILE A 413 5.39 -19.66 14.82
CA ILE A 413 5.96 -19.85 13.49
C ILE A 413 6.02 -21.34 13.16
N PRO A 414 6.06 -21.71 11.87
CA PRO A 414 6.20 -23.12 11.51
C PRO A 414 7.58 -23.73 11.77
N SER A 415 8.65 -22.94 11.55
CA SER A 415 10.01 -23.48 11.44
C SER A 415 11.09 -22.45 11.88
N ARG A 416 11.72 -22.70 13.03
CA ARG A 416 12.78 -21.82 13.49
C ARG A 416 13.93 -21.77 12.50
N PRO A 417 14.52 -22.90 12.04
CA PRO A 417 15.63 -22.83 11.08
C PRO A 417 15.28 -22.37 9.67
N PHE A 418 14.07 -22.69 9.15
CA PHE A 418 13.84 -22.41 7.73
C PHE A 418 12.83 -21.28 7.41
N PHE A 419 11.75 -21.13 8.21
CA PHE A 419 10.82 -20.06 7.90
C PHE A 419 10.29 -19.44 9.20
N PRO A 420 11.16 -18.70 9.90
CA PRO A 420 10.78 -18.23 11.24
C PRO A 420 9.85 -17.03 11.11
N ARG A 421 8.68 -17.24 10.54
CA ARG A 421 7.77 -16.14 10.25
C ARG A 421 6.33 -16.62 10.22
N GLY A 422 5.39 -15.67 10.26
CA GLY A 422 3.99 -16.00 10.33
C GLY A 422 3.45 -16.45 8.98
N PHE A 423 2.76 -17.60 8.96
CA PHE A 423 2.00 -18.07 7.81
C PHE A 423 0.52 -18.13 8.24
N LEU A 424 -0.35 -17.47 7.45
CA LEU A 424 -1.76 -17.29 7.78
C LEU A 424 -2.43 -18.60 8.19
N TRP A 425 -2.60 -19.60 7.30
CA TRP A 425 -3.40 -20.77 7.67
C TRP A 425 -2.71 -21.70 8.66
N ASP A 426 -1.37 -21.59 8.74
CA ASP A 426 -0.56 -22.30 9.72
C ASP A 426 -1.00 -21.87 11.12
N GLU A 427 -1.17 -20.56 11.33
CA GLU A 427 -1.40 -20.10 12.68
C GLU A 427 -2.76 -20.62 13.18
N GLY A 428 -3.68 -20.85 12.22
CA GLY A 428 -4.93 -21.48 12.57
C GLY A 428 -4.66 -22.76 13.37
N PHE A 429 -3.67 -23.52 12.91
CA PHE A 429 -3.39 -24.79 13.55
C PHE A 429 -2.55 -24.59 14.81
N HIS A 430 -1.53 -23.70 14.76
CA HIS A 430 -0.66 -23.51 15.91
C HIS A 430 -1.49 -23.14 17.12
N LEU A 431 -2.58 -22.37 16.93
CA LEU A 431 -3.21 -21.80 18.11
C LEU A 431 -4.19 -22.77 18.77
N LEU A 432 -4.48 -23.90 18.13
CA LEU A 432 -5.46 -24.77 18.76
C LEU A 432 -4.87 -25.32 20.05
N PRO A 433 -3.62 -25.81 20.10
CA PRO A 433 -3.06 -26.27 21.38
C PRO A 433 -2.75 -25.10 22.30
N ILE A 434 -2.29 -23.98 21.72
CA ILE A 434 -1.95 -22.79 22.47
C ILE A 434 -3.21 -22.27 23.17
N ALA A 435 -4.35 -22.29 22.49
CA ALA A 435 -5.60 -21.79 23.04
C ALA A 435 -5.99 -22.59 24.27
N ASP A 436 -5.83 -23.91 24.20
CA ASP A 436 -6.02 -24.72 25.40
C ASP A 436 -5.19 -24.15 26.55
N TRP A 437 -3.90 -23.91 26.30
CA TRP A 437 -2.92 -23.53 27.32
C TRP A 437 -3.25 -22.17 27.91
N ASP A 438 -3.65 -21.22 27.06
CA ASP A 438 -3.72 -19.82 27.43
C ASP A 438 -4.59 -19.12 26.39
N ILE A 439 -5.92 -19.19 26.55
CA ILE A 439 -6.82 -18.63 25.55
C ILE A 439 -6.57 -17.13 25.35
N ASP A 440 -6.29 -16.42 26.44
CA ASP A 440 -5.99 -14.99 26.41
C ASP A 440 -4.76 -14.76 25.54
N LEU A 441 -3.85 -15.74 25.55
CA LEU A 441 -2.67 -15.60 24.72
C LEU A 441 -3.08 -15.72 23.25
N ALA A 442 -3.86 -16.76 22.92
CA ALA A 442 -4.20 -17.06 21.54
C ALA A 442 -4.94 -15.87 20.92
N LEU A 443 -5.80 -15.23 21.73
CA LEU A 443 -6.60 -14.09 21.33
C LEU A 443 -5.67 -12.90 21.05
N GLU A 444 -4.60 -12.81 21.82
CA GLU A 444 -3.59 -11.80 21.53
C GLU A 444 -3.09 -12.01 20.11
N ILE A 445 -2.82 -13.27 19.76
CA ILE A 445 -2.19 -13.52 18.48
C ILE A 445 -3.21 -13.26 17.37
N ILE A 446 -4.45 -13.70 17.58
CA ILE A 446 -5.48 -13.45 16.59
C ILE A 446 -5.59 -11.95 16.32
N LYS A 447 -5.72 -11.18 17.41
CA LYS A 447 -5.79 -9.73 17.34
C LYS A 447 -4.64 -9.23 16.48
N SER A 448 -3.43 -9.72 16.78
CA SER A 448 -2.22 -9.27 16.14
C SER A 448 -2.33 -9.53 14.63
N TRP A 449 -2.87 -10.70 14.28
CA TRP A 449 -3.03 -11.03 12.88
C TRP A 449 -4.09 -10.13 12.24
N TYR A 450 -5.23 -9.94 12.94
CA TYR A 450 -6.33 -9.23 12.32
C TYR A 450 -5.98 -7.75 12.15
N ASN A 451 -5.11 -7.23 13.02
CA ASN A 451 -4.66 -5.85 12.91
C ASN A 451 -3.94 -5.60 11.59
N LEU A 452 -3.56 -6.66 10.86
CA LEU A 452 -2.82 -6.39 9.65
C LEU A 452 -3.77 -6.17 8.48
N MET A 453 -5.05 -6.46 8.67
CA MET A 453 -5.94 -6.54 7.53
C MET A 453 -6.06 -5.14 6.95
N ASP A 454 -5.89 -5.01 5.63
CA ASP A 454 -6.00 -3.74 4.91
C ASP A 454 -7.47 -3.37 4.67
N GLU A 455 -7.73 -2.22 4.03
CA GLU A 455 -9.09 -1.70 3.90
C GLU A 455 -9.98 -2.64 3.06
N ASP A 456 -9.36 -3.42 2.15
CA ASP A 456 -10.13 -4.30 1.27
C ASP A 456 -10.60 -5.59 1.95
N GLY A 457 -9.93 -6.00 3.05
CA GLY A 457 -10.20 -7.27 3.71
C GLY A 457 -9.04 -8.28 3.66
N TRP A 458 -7.92 -7.91 3.02
CA TRP A 458 -6.79 -8.81 2.80
C TRP A 458 -5.75 -8.74 3.94
N ILE A 459 -5.27 -9.93 4.34
CA ILE A 459 -4.08 -10.11 5.14
C ILE A 459 -3.13 -10.94 4.27
N ALA A 460 -1.86 -10.51 4.11
CA ALA A 460 -0.86 -11.27 3.34
C ALA A 460 -0.62 -12.62 4.04
N ARG A 461 -0.47 -13.69 3.24
CA ARG A 461 -0.52 -15.03 3.83
C ARG A 461 0.85 -15.39 4.44
N GLU A 462 1.86 -14.56 4.17
CA GLU A 462 3.23 -14.75 4.67
C GLU A 462 3.74 -13.38 5.14
N GLN A 463 4.14 -13.29 6.41
CA GLN A 463 4.53 -12.01 6.97
C GLN A 463 6.05 -11.88 7.10
N ILE A 464 6.68 -11.29 6.08
CA ILE A 464 8.09 -10.95 6.14
C ILE A 464 8.25 -9.47 6.53
N LEU A 465 8.46 -9.20 7.84
CA LEU A 465 8.46 -7.85 8.38
C LEU A 465 9.88 -7.39 8.74
N GLY A 466 10.39 -6.40 8.01
CA GLY A 466 11.67 -5.80 8.33
C GLY A 466 12.83 -6.51 7.64
N ALA A 467 13.95 -5.77 7.52
CA ALA A 467 15.22 -6.22 6.98
C ALA A 467 15.66 -7.54 7.59
N GLU A 468 15.52 -7.71 8.91
CA GLU A 468 15.99 -8.95 9.48
C GLU A 468 15.20 -10.10 8.86
N ALA A 469 13.85 -10.01 8.88
CA ALA A 469 13.04 -11.09 8.32
C ALA A 469 13.40 -11.36 6.85
N ARG A 470 13.65 -10.29 6.08
CA ARG A 470 13.97 -10.38 4.67
C ARG A 470 15.31 -11.08 4.39
N SER A 471 16.21 -11.06 5.37
CA SER A 471 17.53 -11.67 5.20
C SER A 471 17.44 -13.19 5.03
N LYS A 472 16.33 -13.80 5.45
CA LYS A 472 16.11 -15.24 5.40
C LYS A 472 15.30 -15.67 4.17
N VAL A 473 15.25 -14.86 3.09
CA VAL A 473 14.25 -15.05 2.04
C VAL A 473 14.79 -14.44 0.75
N PRO A 474 14.91 -15.21 -0.35
CA PRO A 474 15.31 -14.64 -1.64
C PRO A 474 14.30 -13.58 -2.10
N LYS A 475 14.80 -12.46 -2.68
CA LYS A 475 13.98 -11.28 -3.01
C LYS A 475 12.80 -11.69 -3.87
N GLU A 476 13.03 -12.67 -4.76
CA GLU A 476 12.04 -13.20 -5.70
C GLU A 476 10.85 -13.78 -4.94
N PHE A 477 10.93 -13.96 -3.63
CA PHE A 477 9.85 -14.67 -2.97
C PHE A 477 9.33 -13.85 -1.80
N GLN A 478 9.62 -12.54 -1.77
CA GLN A 478 9.21 -11.69 -0.66
C GLN A 478 7.83 -11.06 -0.91
N THR A 479 7.55 -10.79 -2.18
CA THR A 479 6.43 -9.99 -2.63
C THR A 479 5.12 -10.71 -2.30
N GLN A 480 4.24 -10.02 -1.57
CA GLN A 480 2.88 -10.48 -1.33
C GLN A 480 1.97 -9.79 -2.33
N TYR A 481 0.79 -10.40 -2.53
CA TYR A 481 -0.14 -10.09 -3.60
C TYR A 481 -1.53 -9.99 -2.99
N PRO A 482 -2.18 -8.81 -3.09
CA PRO A 482 -3.48 -8.59 -2.45
C PRO A 482 -4.60 -9.51 -2.97
N HIS A 483 -4.35 -10.25 -4.07
CA HIS A 483 -5.31 -11.24 -4.56
C HIS A 483 -5.08 -12.67 -4.05
N TYR A 484 -4.12 -12.89 -3.14
CA TYR A 484 -3.77 -14.22 -2.67
C TYR A 484 -4.40 -14.51 -1.31
N ALA A 485 -5.30 -15.50 -1.27
CA ALA A 485 -5.91 -15.87 -0.01
C ALA A 485 -5.09 -16.98 0.63
N ASN A 486 -5.69 -17.65 1.62
CA ASN A 486 -5.08 -18.70 2.42
C ASN A 486 -6.18 -19.25 3.34
N PRO A 487 -6.30 -20.57 3.55
CA PRO A 487 -7.42 -21.11 4.30
C PRO A 487 -7.64 -20.24 5.55
N PRO A 488 -8.88 -19.80 5.82
CA PRO A 488 -9.18 -19.01 7.02
C PRO A 488 -9.18 -19.83 8.31
N THR A 489 -8.04 -20.50 8.63
CA THR A 489 -8.07 -21.47 9.71
C THR A 489 -8.13 -20.82 11.09
N LEU A 490 -7.84 -19.52 11.14
CA LEU A 490 -7.96 -18.83 12.40
C LEU A 490 -9.39 -18.89 12.94
N PHE A 491 -10.39 -19.01 12.04
CA PHE A 491 -11.78 -19.10 12.46
C PHE A 491 -12.03 -20.33 13.33
N LEU A 492 -11.29 -21.42 13.08
CA LEU A 492 -11.38 -22.62 13.89
C LEU A 492 -11.11 -22.28 15.36
N VAL A 493 -10.12 -21.40 15.62
CA VAL A 493 -9.74 -21.14 17.01
C VAL A 493 -10.87 -20.36 17.68
N LEU A 494 -11.41 -19.39 16.93
CA LEU A 494 -12.56 -18.61 17.37
C LEU A 494 -13.73 -19.55 17.68
N ASP A 495 -13.97 -20.54 16.82
CA ASP A 495 -15.02 -21.56 17.03
C ASP A 495 -14.87 -22.24 18.40
N ASN A 496 -13.62 -22.48 18.82
CA ASN A 496 -13.29 -23.18 20.04
C ASN A 496 -13.50 -22.27 21.25
N PHE A 497 -13.17 -20.98 21.03
CA PHE A 497 -13.33 -19.95 22.04
C PHE A 497 -14.83 -19.72 22.30
N VAL A 498 -15.62 -19.76 21.23
CA VAL A 498 -17.05 -19.54 21.28
C VAL A 498 -17.72 -20.70 22.03
N GLU A 499 -17.25 -21.95 21.87
CA GLU A 499 -17.86 -23.02 22.65
C GLU A 499 -17.46 -22.86 24.13
N ARG A 500 -16.27 -22.35 24.40
CA ARG A 500 -15.82 -22.22 25.78
C ARG A 500 -16.61 -21.11 26.47
N LEU A 501 -16.89 -20.03 25.72
CA LEU A 501 -17.57 -18.86 26.24
C LEU A 501 -19.03 -19.15 26.60
N ARG A 502 -19.67 -20.08 25.87
CA ARG A 502 -21.02 -20.55 26.15
C ARG A 502 -21.03 -21.42 27.42
N LYS A 503 -20.31 -22.55 27.40
CA LYS A 503 -20.17 -23.44 28.56
C LYS A 503 -19.18 -22.88 29.60
N LEU A 517 -1.59 -14.45 39.20
CA LEU A 517 -2.30 -13.58 38.22
C LEU A 517 -2.02 -14.09 36.81
N ASP A 518 -0.94 -14.87 36.67
CA ASP A 518 -0.62 -15.57 35.44
C ASP A 518 -1.62 -16.72 35.28
N GLU A 519 -2.18 -17.15 36.42
CA GLU A 519 -3.29 -18.09 36.52
C GLU A 519 -4.57 -17.44 35.99
N THR A 520 -4.89 -16.25 36.53
CA THR A 520 -6.10 -15.50 36.21
C THR A 520 -6.08 -15.05 34.76
N LEU A 521 -4.93 -14.49 34.33
CA LEU A 521 -4.79 -13.80 33.05
C LEU A 521 -4.97 -14.77 31.89
N SER A 522 -4.45 -15.98 32.05
CA SER A 522 -4.54 -16.98 30.99
C SER A 522 -5.99 -17.20 30.54
N THR A 523 -6.97 -17.18 31.48
CA THR A 523 -8.35 -17.49 31.12
C THR A 523 -9.34 -16.33 31.27
N ALA A 524 -8.84 -15.12 31.60
CA ALA A 524 -9.69 -13.97 31.90
C ALA A 524 -10.75 -13.70 30.82
N SER A 525 -10.49 -14.07 29.57
CA SER A 525 -11.40 -13.77 28.46
C SER A 525 -12.55 -14.77 28.35
N VAL A 526 -12.50 -15.89 29.11
CA VAL A 526 -13.64 -16.79 29.18
C VAL A 526 -14.34 -16.70 30.54
N ASP A 527 -13.58 -16.35 31.59
CA ASP A 527 -14.12 -16.30 32.93
C ASP A 527 -14.99 -15.07 33.14
N ASN A 528 -14.75 -14.01 32.34
CA ASN A 528 -15.47 -12.75 32.39
C ASN A 528 -16.19 -12.56 31.05
N PRO A 529 -17.45 -13.03 30.91
CA PRO A 529 -18.11 -13.10 29.59
C PRO A 529 -18.26 -11.73 28.93
N GLU A 530 -18.31 -10.67 29.76
CA GLU A 530 -18.31 -9.28 29.33
C GLU A 530 -17.06 -9.02 28.50
N VAL A 531 -15.91 -9.45 29.02
CA VAL A 531 -14.62 -9.26 28.40
C VAL A 531 -14.57 -10.02 27.07
N GLY A 532 -15.06 -11.27 27.09
CA GLY A 532 -15.07 -12.15 25.93
C GLY A 532 -15.86 -11.56 24.77
N LEU A 533 -17.04 -11.02 25.08
CA LEU A 533 -17.95 -10.52 24.06
C LEU A 533 -17.37 -9.23 23.47
N GLU A 534 -16.74 -8.44 24.34
CA GLU A 534 -16.18 -7.15 23.94
C GLU A 534 -15.08 -7.41 22.93
N TYR A 535 -14.32 -8.50 23.14
CA TYR A 535 -13.32 -8.92 22.17
C TYR A 535 -14.02 -9.22 20.84
N LEU A 536 -14.98 -10.17 20.83
CA LEU A 536 -15.70 -10.53 19.61
C LEU A 536 -16.38 -9.32 18.96
N ARG A 537 -16.96 -8.41 19.76
CA ARG A 537 -17.64 -7.25 19.22
C ARG A 537 -16.68 -6.43 18.35
N ARG A 538 -15.44 -6.27 18.85
CA ARG A 538 -14.43 -5.47 18.20
C ARG A 538 -13.87 -6.19 16.98
N LEU A 539 -13.71 -7.52 17.08
CA LEU A 539 -13.15 -8.37 16.03
C LEU A 539 -14.16 -8.59 14.90
N TYR A 540 -15.45 -8.76 15.29
CA TYR A 540 -16.51 -9.16 14.38
C TYR A 540 -16.44 -8.42 13.03
N PRO A 541 -16.39 -7.07 13.02
CA PRO A 541 -16.40 -6.33 11.75
C PRO A 541 -15.31 -6.83 10.80
N LEU A 542 -14.18 -7.28 11.37
CA LEU A 542 -13.00 -7.66 10.60
C LEU A 542 -13.21 -9.05 10.02
N LEU A 543 -13.76 -9.95 10.85
CA LEU A 543 -14.16 -11.26 10.38
C LEU A 543 -15.06 -11.09 9.15
N ARG A 544 -16.10 -10.25 9.30
CA ARG A 544 -17.07 -10.05 8.25
C ARG A 544 -16.38 -9.43 7.02
N ARG A 545 -15.47 -8.50 7.31
CA ARG A 545 -14.77 -7.90 6.19
C ARG A 545 -14.00 -8.97 5.42
N GLN A 546 -13.33 -9.88 6.15
CA GLN A 546 -12.58 -10.92 5.48
C GLN A 546 -13.51 -11.83 4.69
N PHE A 547 -14.66 -12.17 5.28
CA PHE A 547 -15.63 -13.01 4.59
C PHE A 547 -16.00 -12.41 3.24
N ASP A 548 -16.27 -11.09 3.23
CA ASP A 548 -16.70 -10.38 2.03
C ASP A 548 -15.56 -10.38 1.02
N TRP A 549 -14.33 -10.24 1.54
CA TRP A 549 -13.14 -10.20 0.72
C TRP A 549 -12.97 -11.51 -0.06
N PHE A 550 -13.24 -12.66 0.59
CA PHE A 550 -13.21 -13.94 -0.09
C PHE A 550 -14.22 -13.98 -1.24
N ARG A 551 -15.48 -13.58 -0.94
CA ARG A 551 -16.54 -13.61 -1.93
C ARG A 551 -16.28 -12.57 -3.02
N LYS A 552 -15.63 -11.44 -2.69
CA LYS A 552 -15.30 -10.45 -3.71
C LYS A 552 -14.16 -10.93 -4.61
N THR A 553 -13.08 -11.48 -4.03
CA THR A 553 -11.85 -11.73 -4.79
C THR A 553 -11.72 -13.18 -5.22
N GLN A 554 -12.33 -14.14 -4.49
CA GLN A 554 -12.08 -15.55 -4.78
C GLN A 554 -13.32 -16.23 -5.39
N ALA A 555 -14.10 -15.46 -6.16
CA ALA A 555 -15.36 -15.90 -6.73
C ALA A 555 -15.14 -16.80 -7.96
N GLY A 556 -15.95 -17.87 -8.05
CA GLY A 556 -16.01 -18.71 -9.24
C GLY A 556 -17.12 -18.28 -10.19
N ASP A 557 -17.02 -18.73 -11.44
CA ASP A 557 -17.95 -18.36 -12.49
C ASP A 557 -18.99 -19.47 -12.70
N ILE A 558 -20.20 -19.28 -12.15
CA ILE A 558 -21.34 -20.13 -12.47
C ILE A 558 -22.05 -19.62 -13.73
N LYS A 559 -22.46 -18.34 -13.71
CA LYS A 559 -23.51 -17.80 -14.59
C LYS A 559 -23.06 -17.81 -16.05
N SER A 560 -21.80 -18.10 -16.35
CA SER A 560 -21.32 -17.77 -17.68
C SER A 560 -20.98 -19.02 -18.51
N TYR A 561 -21.37 -20.19 -17.96
CA TYR A 561 -21.20 -21.48 -18.60
C TYR A 561 -22.50 -22.27 -18.43
N ASP A 562 -22.62 -23.46 -19.01
CA ASP A 562 -23.79 -24.32 -18.81
C ASP A 562 -23.79 -24.97 -17.42
N ARG A 563 -24.06 -24.19 -16.36
CA ARG A 563 -23.90 -24.67 -14.99
C ARG A 563 -25.23 -24.46 -14.27
N GLU A 564 -25.88 -25.58 -13.97
CA GLU A 564 -27.11 -25.61 -13.19
C GLU A 564 -26.75 -25.94 -11.73
N ALA A 565 -27.35 -25.21 -10.79
CA ALA A 565 -27.14 -25.44 -9.38
C ALA A 565 -28.11 -24.58 -8.58
N TYR A 566 -28.32 -24.97 -7.33
CA TYR A 566 -29.33 -24.38 -6.47
C TYR A 566 -29.12 -22.87 -6.28
N SER A 567 -27.86 -22.42 -6.22
CA SER A 567 -27.50 -21.03 -5.98
C SER A 567 -26.68 -20.51 -7.15
N THR A 568 -26.92 -19.26 -7.54
CA THR A 568 -26.17 -18.66 -8.65
C THR A 568 -24.92 -17.95 -8.10
N LYS A 569 -24.86 -17.78 -6.78
CA LYS A 569 -23.80 -17.00 -6.17
C LYS A 569 -22.62 -17.91 -5.75
N GLU A 570 -22.91 -19.02 -5.05
CA GLU A 570 -21.89 -19.83 -4.37
C GLU A 570 -21.02 -20.66 -5.33
N ALA A 571 -19.78 -20.22 -5.54
CA ALA A 571 -18.75 -20.88 -6.31
C ALA A 571 -17.43 -20.17 -6.04
N TYR A 572 -16.36 -20.92 -5.78
CA TYR A 572 -15.11 -20.24 -5.49
C TYR A 572 -13.95 -20.85 -6.25
N ARG A 573 -12.97 -20.01 -6.59
CA ARG A 573 -11.77 -20.42 -7.27
C ARG A 573 -10.61 -19.61 -6.70
N TRP A 574 -9.63 -20.31 -6.10
CA TRP A 574 -8.37 -19.75 -5.58
C TRP A 574 -7.65 -18.99 -6.69
N ARG A 575 -7.47 -17.68 -6.46
CA ARG A 575 -6.54 -16.94 -7.31
C ARG A 575 -5.16 -17.40 -6.91
N GLY A 576 -4.27 -17.41 -7.91
CA GLY A 576 -2.82 -17.58 -7.74
C GLY A 576 -2.28 -18.86 -8.36
N ARG A 577 -3.09 -19.58 -9.15
CA ARG A 577 -2.59 -20.92 -9.47
C ARG A 577 -1.70 -20.89 -10.71
N THR A 578 -0.65 -21.72 -10.69
CA THR A 578 0.22 -21.87 -11.85
C THR A 578 -0.03 -23.26 -12.43
N VAL A 579 0.69 -23.62 -13.51
CA VAL A 579 0.41 -24.86 -14.21
C VAL A 579 0.42 -26.04 -13.23
N SER A 580 1.36 -26.06 -12.27
CA SER A 580 1.58 -27.27 -11.50
C SER A 580 1.24 -27.05 -10.03
N HIS A 581 0.91 -25.80 -9.67
CA HIS A 581 0.81 -25.43 -8.27
C HIS A 581 -0.48 -24.65 -8.02
N CYS A 582 -0.85 -24.61 -6.74
CA CYS A 582 -1.82 -23.68 -6.22
C CYS A 582 -1.47 -23.35 -4.75
N LEU A 583 -0.48 -22.45 -4.59
CA LEU A 583 0.11 -22.19 -3.28
C LEU A 583 -0.92 -21.62 -2.30
N THR A 584 -1.95 -20.92 -2.80
CA THR A 584 -2.77 -20.17 -1.88
C THR A 584 -3.64 -21.13 -1.07
N SER A 585 -3.95 -22.29 -1.68
CA SER A 585 -4.83 -23.26 -1.04
C SER A 585 -4.15 -23.87 0.20
N GLY A 586 -2.81 -23.83 0.21
CA GLY A 586 -2.09 -24.42 1.31
C GLY A 586 -1.44 -25.73 0.87
N LEU A 587 -2.04 -26.33 -0.15
CA LEU A 587 -1.64 -27.66 -0.57
C LEU A 587 -0.89 -27.58 -1.89
N ASP A 588 0.39 -27.21 -1.80
CA ASP A 588 1.16 -26.67 -2.90
C ASP A 588 0.84 -27.36 -4.22
N ASP A 589 1.09 -28.67 -4.34
CA ASP A 589 1.19 -29.34 -5.62
C ASP A 589 0.12 -30.43 -5.72
N TYR A 590 -0.88 -30.37 -4.86
CA TYR A 590 -1.98 -31.31 -4.99
C TYR A 590 -2.58 -31.07 -6.36
N PRO A 591 -2.87 -32.17 -7.09
CA PRO A 591 -3.29 -32.09 -8.49
C PRO A 591 -4.62 -31.33 -8.61
N ARG A 592 -4.69 -30.41 -9.58
CA ARG A 592 -5.87 -29.61 -9.83
C ARG A 592 -6.26 -29.73 -11.30
N PRO A 593 -7.49 -29.34 -11.75
CA PRO A 593 -7.86 -29.48 -13.15
C PRO A 593 -6.68 -28.98 -13.99
N GLN A 594 -6.35 -29.70 -15.08
CA GLN A 594 -5.33 -29.31 -16.04
C GLN A 594 -5.99 -29.13 -17.39
N PRO A 595 -5.78 -28.01 -18.12
CA PRO A 595 -4.98 -26.88 -17.61
C PRO A 595 -5.78 -25.99 -16.64
N PRO A 596 -5.12 -25.11 -15.85
CA PRO A 596 -5.84 -24.24 -14.93
C PRO A 596 -6.68 -23.36 -15.82
N HIS A 597 -7.74 -22.78 -15.27
CA HIS A 597 -8.76 -22.25 -16.15
C HIS A 597 -9.75 -21.42 -15.35
N PRO A 598 -10.19 -20.25 -15.84
CA PRO A 598 -10.96 -19.31 -15.01
C PRO A 598 -12.34 -19.85 -14.64
N GLY A 599 -12.70 -20.97 -15.29
CA GLY A 599 -13.95 -21.66 -14.99
C GLY A 599 -13.84 -22.71 -13.90
N GLU A 600 -12.59 -22.96 -13.44
CA GLU A 600 -12.29 -23.80 -12.30
C GLU A 600 -13.17 -23.43 -11.11
N LEU A 601 -13.48 -24.46 -10.31
CA LEU A 601 -14.08 -24.34 -9.00
C LEU A 601 -13.37 -25.30 -8.05
N HIS A 602 -13.02 -24.86 -6.83
CA HIS A 602 -12.22 -25.68 -5.92
C HIS A 602 -13.02 -26.02 -4.67
N VAL A 603 -13.32 -27.31 -4.47
CA VAL A 603 -14.23 -27.68 -3.39
C VAL A 603 -13.66 -27.34 -2.00
N ASP A 604 -12.33 -27.36 -1.83
CA ASP A 604 -11.72 -26.95 -0.55
C ASP A 604 -12.01 -25.48 -0.22
N LEU A 605 -11.83 -24.57 -1.18
CA LEU A 605 -12.14 -23.16 -0.99
C LEU A 605 -13.60 -22.93 -0.54
N MET A 606 -14.58 -23.60 -1.20
CA MET A 606 -15.98 -23.45 -0.85
C MET A 606 -16.24 -23.85 0.60
N SER A 607 -15.59 -24.96 1.00
CA SER A 607 -15.73 -25.49 2.33
C SER A 607 -15.12 -24.53 3.34
N TRP A 608 -14.06 -23.82 2.94
CA TRP A 608 -13.50 -22.85 3.86
C TRP A 608 -14.48 -21.70 4.10
N VAL A 609 -15.19 -21.31 3.03
CA VAL A 609 -16.23 -20.29 3.15
C VAL A 609 -17.31 -20.78 4.11
N GLY A 610 -17.75 -22.03 3.93
CA GLY A 610 -18.66 -22.69 4.87
C GLY A 610 -18.18 -22.59 6.31
N VAL A 611 -16.85 -22.76 6.51
CA VAL A 611 -16.30 -22.68 7.85
C VAL A 611 -16.58 -21.28 8.40
N MET A 612 -16.44 -20.28 7.52
CA MET A 612 -16.53 -18.89 7.96
C MET A 612 -17.98 -18.50 8.22
N VAL A 613 -18.90 -18.86 7.32
CA VAL A 613 -20.30 -18.51 7.57
C VAL A 613 -20.75 -19.09 8.90
N LYS A 614 -20.38 -20.33 9.16
CA LYS A 614 -20.85 -20.98 10.36
C LYS A 614 -20.41 -20.20 11.59
N SER A 615 -19.24 -19.52 11.50
CA SER A 615 -18.63 -18.87 12.65
C SER A 615 -19.30 -17.51 12.81
N LEU A 616 -19.54 -16.88 11.66
CA LEU A 616 -20.25 -15.62 11.60
C LEU A 616 -21.64 -15.76 12.21
N ILE A 617 -22.36 -16.85 11.89
CA ILE A 617 -23.59 -17.21 12.59
C ILE A 617 -23.36 -17.26 14.11
N SER A 618 -22.42 -18.09 14.62
CA SER A 618 -22.25 -18.15 16.07
C SER A 618 -21.92 -16.78 16.65
N ILE A 619 -21.07 -15.99 15.98
CA ILE A 619 -20.54 -14.79 16.60
C ILE A 619 -21.59 -13.68 16.47
N GLY A 620 -22.16 -13.58 15.27
CA GLY A 620 -23.33 -12.74 15.01
C GLY A 620 -24.44 -12.97 16.04
N SER A 621 -24.89 -14.23 16.18
CA SER A 621 -25.88 -14.56 17.20
C SER A 621 -25.49 -13.95 18.54
N LEU A 622 -24.23 -14.11 18.95
CA LEU A 622 -23.80 -13.67 20.27
C LEU A 622 -23.83 -12.15 20.43
N LEU A 623 -23.72 -11.41 19.32
CA LEU A 623 -23.73 -9.96 19.36
C LEU A 623 -25.10 -9.43 18.95
N GLY A 624 -25.99 -10.34 18.51
CA GLY A 624 -27.32 -10.04 18.02
C GLY A 624 -27.31 -9.28 16.70
N ALA A 625 -26.49 -9.68 15.72
CA ALA A 625 -26.49 -8.98 14.43
C ALA A 625 -27.51 -9.63 13.49
N THR A 626 -28.78 -9.44 13.82
CA THR A 626 -29.91 -10.17 13.29
C THR A 626 -30.00 -10.07 11.77
N GLU A 627 -29.93 -8.82 11.27
CA GLU A 627 -29.82 -8.51 9.86
C GLU A 627 -28.82 -9.48 9.22
N ASP A 628 -27.62 -9.53 9.82
CA ASP A 628 -26.46 -10.28 9.34
C ASP A 628 -26.69 -11.79 9.41
N VAL A 629 -27.09 -12.27 10.58
CA VAL A 629 -27.23 -13.70 10.81
C VAL A 629 -28.14 -14.32 9.74
N GLU A 630 -29.09 -13.54 9.21
CA GLU A 630 -30.04 -14.09 8.26
C GLU A 630 -29.39 -14.21 6.88
N PHE A 631 -28.55 -13.23 6.52
CA PHE A 631 -27.76 -13.30 5.30
C PHE A 631 -26.90 -14.57 5.34
N TYR A 632 -26.20 -14.75 6.45
CA TYR A 632 -25.39 -15.93 6.65
C TYR A 632 -26.23 -17.20 6.45
N THR A 633 -27.45 -17.23 6.99
CA THR A 633 -28.18 -18.50 7.02
C THR A 633 -28.55 -18.91 5.58
N LYS A 634 -28.85 -17.92 4.73
CA LYS A 634 -29.16 -18.17 3.33
C LYS A 634 -27.90 -18.60 2.56
N VAL A 635 -26.74 -18.09 3.00
CA VAL A 635 -25.49 -18.43 2.34
C VAL A 635 -25.07 -19.86 2.71
N LEU A 636 -25.11 -20.18 4.01
CA LEU A 636 -24.78 -21.52 4.49
C LEU A 636 -25.68 -22.54 3.78
N ASP A 637 -26.97 -22.20 3.66
CA ASP A 637 -27.90 -23.01 2.91
C ASP A 637 -27.38 -23.24 1.48
N ALA A 638 -27.04 -22.16 0.78
CA ALA A 638 -26.71 -22.35 -0.63
C ALA A 638 -25.43 -23.20 -0.79
N ILE A 639 -24.49 -23.07 0.17
CA ILE A 639 -23.20 -23.75 0.05
C ILE A 639 -23.47 -25.24 0.19
N GLU A 640 -24.21 -25.61 1.25
CA GLU A 640 -24.67 -26.98 1.43
C GLU A 640 -25.17 -27.54 0.10
N HIS A 641 -26.12 -26.85 -0.54
CA HIS A 641 -26.69 -27.41 -1.76
C HIS A 641 -25.63 -27.41 -2.84
N ASN A 642 -24.88 -26.29 -2.88
CA ASN A 642 -24.00 -26.04 -4.01
C ASN A 642 -22.79 -26.97 -3.98
N LEU A 643 -22.29 -27.32 -2.78
CA LEU A 643 -21.24 -28.32 -2.64
C LEU A 643 -21.61 -29.60 -3.40
N ASP A 644 -22.84 -30.08 -3.14
CA ASP A 644 -23.37 -31.25 -3.82
C ASP A 644 -23.51 -30.99 -5.31
N ASP A 645 -24.21 -29.89 -5.69
CA ASP A 645 -24.60 -29.67 -7.07
C ASP A 645 -23.39 -29.46 -7.96
N LEU A 646 -22.32 -28.83 -7.47
CA LEU A 646 -21.14 -28.50 -8.28
C LEU A 646 -19.95 -29.44 -8.07
N HIS A 647 -19.88 -30.14 -6.91
CA HIS A 647 -18.64 -30.80 -6.56
C HIS A 647 -18.82 -32.30 -6.30
N TRP A 648 -20.04 -32.78 -6.00
CA TRP A 648 -20.26 -34.20 -5.72
C TRP A 648 -20.16 -35.06 -6.98
N SER A 649 -19.37 -36.15 -6.87
CA SER A 649 -19.31 -37.18 -7.91
C SER A 649 -19.96 -38.45 -7.37
N GLU A 650 -21.11 -38.83 -7.95
CA GLU A 650 -21.72 -40.12 -7.64
C GLU A 650 -20.90 -41.23 -8.27
N LYS A 651 -20.27 -41.00 -9.41
CA LYS A 651 -19.39 -42.05 -9.98
C LYS A 651 -18.26 -42.35 -9.02
N GLU A 652 -17.41 -41.36 -8.72
CA GLU A 652 -16.26 -41.54 -7.81
C GLU A 652 -16.68 -41.70 -6.34
N GLY A 653 -17.74 -41.07 -5.90
CA GLY A 653 -18.15 -41.23 -4.49
C GLY A 653 -17.45 -40.26 -3.57
N CYS A 654 -17.04 -39.12 -4.10
CA CYS A 654 -16.36 -38.09 -3.28
C CYS A 654 -16.57 -36.72 -3.89
N TYR A 655 -16.09 -35.70 -3.22
CA TYR A 655 -16.16 -34.31 -3.72
C TYR A 655 -14.93 -34.05 -4.57
N CYS A 656 -15.11 -33.40 -5.72
CA CYS A 656 -14.08 -33.07 -6.66
C CYS A 656 -14.09 -31.59 -6.98
N ASP A 657 -12.92 -31.03 -7.26
CA ASP A 657 -12.83 -29.79 -8.02
C ASP A 657 -13.52 -29.94 -9.38
N ALA A 658 -13.81 -28.80 -10.00
CA ALA A 658 -14.39 -28.80 -11.33
C ALA A 658 -13.62 -27.84 -12.23
N THR A 659 -13.78 -27.99 -13.55
CA THR A 659 -13.30 -27.01 -14.51
C THR A 659 -14.45 -26.79 -15.47
N ILE A 660 -14.17 -26.22 -16.65
CA ILE A 660 -15.12 -26.34 -17.79
C ILE A 660 -14.29 -26.99 -18.89
N ASP A 661 -14.92 -27.82 -19.72
CA ASP A 661 -14.32 -28.65 -20.80
C ASP A 661 -13.90 -27.84 -22.02
N GLU A 662 -13.37 -28.56 -23.01
CA GLU A 662 -12.98 -28.04 -24.34
C GLU A 662 -14.25 -27.55 -25.07
N PHE A 663 -15.36 -28.23 -24.83
CA PHE A 663 -16.70 -27.95 -25.40
C PHE A 663 -17.48 -26.99 -24.49
N GLU A 664 -16.82 -26.39 -23.51
CA GLU A 664 -17.32 -25.36 -22.57
C GLU A 664 -18.38 -25.86 -21.60
N GLU A 665 -18.32 -27.14 -21.26
CA GLU A 665 -19.26 -27.72 -20.27
C GLU A 665 -18.48 -28.09 -19.02
N HIS A 666 -19.09 -27.92 -17.85
CA HIS A 666 -18.55 -28.24 -16.53
C HIS A 666 -18.13 -29.71 -16.39
N LYS A 667 -16.84 -29.99 -16.16
CA LYS A 667 -16.38 -31.35 -15.88
C LYS A 667 -16.01 -31.43 -14.40
N LEU A 668 -16.19 -32.61 -13.79
CA LEU A 668 -15.56 -32.90 -12.52
C LEU A 668 -14.17 -33.45 -12.82
N VAL A 669 -13.18 -33.07 -12.00
CA VAL A 669 -11.83 -33.64 -12.10
C VAL A 669 -11.48 -34.18 -10.72
N CYS A 670 -11.46 -35.52 -10.60
CA CYS A 670 -11.40 -36.14 -9.28
C CYS A 670 -10.02 -36.67 -8.98
N HIS A 671 -9.52 -36.30 -7.81
CA HIS A 671 -8.21 -36.77 -7.41
C HIS A 671 -8.39 -37.11 -5.95
N LYS A 672 -8.48 -38.42 -5.68
CA LYS A 672 -8.89 -38.91 -4.37
C LYS A 672 -7.74 -38.64 -3.41
N GLY A 673 -8.03 -37.78 -2.44
CA GLY A 673 -7.03 -37.31 -1.52
C GLY A 673 -7.67 -36.32 -0.57
N TYR A 674 -6.86 -35.51 0.11
CA TYR A 674 -7.34 -34.62 1.14
C TYR A 674 -8.47 -33.75 0.59
N ILE A 675 -8.24 -33.19 -0.61
CA ILE A 675 -9.16 -32.30 -1.29
C ILE A 675 -10.54 -32.96 -1.34
N SER A 676 -10.59 -34.28 -1.59
CA SER A 676 -11.85 -34.98 -1.85
C SER A 676 -12.72 -35.10 -0.60
N LEU A 677 -12.10 -34.93 0.59
CA LEU A 677 -12.78 -35.09 1.86
C LEU A 677 -13.14 -33.75 2.49
N PHE A 678 -12.91 -32.64 1.74
CA PHE A 678 -12.90 -31.34 2.39
C PHE A 678 -14.20 -31.03 3.13
N PRO A 679 -15.40 -31.21 2.52
CA PRO A 679 -16.65 -30.83 3.19
C PRO A 679 -16.74 -31.50 4.56
N PHE A 680 -16.21 -32.74 4.63
CA PHE A 680 -16.20 -33.54 5.85
C PHE A 680 -15.14 -33.03 6.84
N LEU A 681 -13.96 -32.66 6.33
CA LEU A 681 -12.89 -32.21 7.20
C LEU A 681 -13.32 -30.94 7.93
N THR A 682 -14.19 -30.15 7.29
CA THR A 682 -14.53 -28.81 7.75
C THR A 682 -15.89 -28.81 8.47
N GLY A 683 -16.44 -30.02 8.69
CA GLY A 683 -17.62 -30.25 9.50
C GLY A 683 -18.94 -29.73 8.90
N LEU A 684 -19.07 -29.79 7.57
CA LEU A 684 -20.23 -29.21 6.89
C LEU A 684 -21.31 -30.26 6.65
N LEU A 685 -20.97 -31.54 6.88
CA LEU A 685 -21.84 -32.65 6.53
C LEU A 685 -22.67 -33.09 7.74
N LYS A 686 -23.94 -33.43 7.46
CA LYS A 686 -24.83 -33.91 8.51
C LYS A 686 -24.36 -35.33 8.91
N PRO A 687 -24.43 -35.73 10.20
CA PRO A 687 -23.91 -37.04 10.62
C PRO A 687 -24.56 -38.29 10.03
N ASP A 688 -25.65 -38.11 9.28
CA ASP A 688 -26.40 -39.21 8.69
C ASP A 688 -26.37 -39.05 7.18
N SER A 689 -25.52 -38.14 6.70
CA SER A 689 -25.35 -37.98 5.26
C SER A 689 -24.90 -39.30 4.63
N PRO A 690 -25.62 -39.83 3.63
CA PRO A 690 -25.09 -40.91 2.79
C PRO A 690 -23.72 -40.63 2.20
N LYS A 691 -23.47 -39.34 1.86
CA LYS A 691 -22.19 -38.97 1.28
C LYS A 691 -21.07 -39.14 2.31
N LEU A 692 -21.27 -38.61 3.53
CA LEU A 692 -20.36 -38.79 4.65
C LEU A 692 -19.85 -40.23 4.76
N GLY A 693 -20.79 -41.20 4.74
CA GLY A 693 -20.50 -42.61 4.88
C GLY A 693 -19.69 -43.13 3.70
N LYS A 694 -19.98 -42.62 2.50
CA LYS A 694 -19.20 -42.98 1.32
C LYS A 694 -17.75 -42.48 1.48
N LEU A 695 -17.60 -41.33 2.17
CA LEU A 695 -16.32 -40.72 2.44
C LEU A 695 -15.59 -41.50 3.53
N LEU A 696 -16.38 -42.13 4.41
CA LEU A 696 -15.78 -42.90 5.48
C LEU A 696 -15.18 -44.16 4.87
N ALA A 697 -15.84 -44.65 3.82
CA ALA A 697 -15.31 -45.77 3.06
C ALA A 697 -13.96 -45.40 2.44
N LEU A 698 -13.86 -44.17 1.88
CA LEU A 698 -12.64 -43.71 1.23
C LEU A 698 -11.52 -43.58 2.28
N ILE A 699 -11.84 -42.91 3.40
CA ILE A 699 -10.89 -42.62 4.44
C ILE A 699 -10.28 -43.94 4.96
N GLY A 700 -11.10 -44.99 5.05
CA GLY A 700 -10.67 -46.22 5.71
C GLY A 700 -9.90 -47.17 4.79
N ASP A 701 -9.99 -46.93 3.47
CA ASP A 701 -9.58 -47.86 2.44
C ASP A 701 -8.08 -47.83 2.26
N GLU A 702 -7.41 -48.95 2.55
CA GLU A 702 -5.96 -48.98 2.56
C GLU A 702 -5.38 -48.73 1.16
N SER A 703 -6.12 -49.13 0.14
CA SER A 703 -5.61 -49.12 -1.22
C SER A 703 -5.76 -47.72 -1.81
N GLU A 704 -6.40 -46.83 -1.05
CA GLU A 704 -6.53 -45.40 -1.37
C GLU A 704 -5.69 -44.52 -0.43
N LEU A 705 -6.29 -44.08 0.70
CA LEU A 705 -5.72 -43.07 1.59
C LEU A 705 -5.20 -43.63 2.90
N TRP A 706 -5.58 -44.86 3.28
CA TRP A 706 -5.31 -45.28 4.66
C TRP A 706 -3.99 -46.03 4.75
N SER A 707 -3.01 -45.40 5.42
CA SER A 707 -1.70 -45.99 5.50
C SER A 707 -1.52 -46.32 6.96
N PRO A 708 -0.57 -47.19 7.32
CA PRO A 708 -0.41 -47.57 8.72
C PRO A 708 -0.02 -46.30 9.46
N TYR A 709 0.35 -45.25 8.71
CA TYR A 709 1.08 -44.17 9.34
C TYR A 709 0.24 -42.90 9.39
N GLY A 710 -0.98 -42.97 8.82
CA GLY A 710 -1.87 -41.82 8.73
C GLY A 710 -2.56 -41.78 7.37
N LEU A 711 -3.43 -40.76 7.14
CA LEU A 711 -4.04 -40.62 5.82
C LEU A 711 -3.04 -40.02 4.85
N ARG A 712 -2.94 -40.64 3.67
CA ARG A 712 -2.13 -40.13 2.59
C ARG A 712 -2.82 -38.90 1.98
N SER A 713 -2.01 -37.88 1.67
CA SER A 713 -2.46 -36.65 1.06
C SER A 713 -3.23 -36.97 -0.21
N LEU A 714 -2.72 -37.92 -0.99
CA LEU A 714 -3.28 -38.25 -2.30
C LEU A 714 -3.35 -39.77 -2.37
N SER A 715 -4.34 -40.31 -3.10
CA SER A 715 -4.54 -41.76 -3.15
C SER A 715 -3.44 -42.45 -3.96
N LYS A 716 -3.15 -43.69 -3.56
CA LYS A 716 -2.14 -44.51 -4.20
C LYS A 716 -2.65 -44.89 -5.58
N LYS A 717 -3.97 -44.78 -5.78
CA LYS A 717 -4.62 -45.10 -7.03
C LYS A 717 -4.60 -43.90 -7.99
N ASP A 718 -4.38 -42.68 -7.49
CA ASP A 718 -4.32 -41.54 -8.39
C ASP A 718 -3.05 -41.57 -9.22
N GLU A 719 -3.19 -41.23 -10.51
CA GLU A 719 -2.07 -41.13 -11.44
C GLU A 719 -0.99 -40.19 -10.94
N PHE A 720 -1.34 -39.19 -10.11
CA PHE A 720 -0.34 -38.21 -9.73
C PHE A 720 0.35 -38.61 -8.43
N TYR A 721 -0.06 -39.74 -7.83
CA TYR A 721 0.67 -40.32 -6.70
C TYR A 721 2.19 -40.37 -6.91
N GLY A 722 2.91 -39.86 -5.88
CA GLY A 722 4.36 -39.82 -5.82
C GLY A 722 4.99 -39.31 -7.11
N THR A 723 4.45 -38.25 -7.70
CA THR A 723 5.07 -37.64 -8.87
C THR A 723 5.65 -36.27 -8.53
N ALA A 724 6.57 -35.78 -9.39
CA ALA A 724 7.10 -34.42 -9.32
C ALA A 724 7.78 -34.23 -7.97
N GLU A 725 7.45 -33.12 -7.30
CA GLU A 725 8.10 -32.85 -6.02
C GLU A 725 7.43 -33.65 -4.91
N ASN A 726 6.30 -34.26 -5.21
CA ASN A 726 5.66 -35.17 -4.27
C ASN A 726 5.48 -34.51 -2.90
N TYR A 727 4.89 -33.30 -2.91
CA TYR A 727 4.77 -32.54 -1.69
C TYR A 727 3.46 -32.91 -1.01
N TRP A 728 2.37 -32.71 -1.76
CA TRP A 728 1.07 -33.07 -1.22
C TRP A 728 0.50 -34.17 -2.10
N ARG A 729 1.37 -35.08 -2.55
CA ARG A 729 0.95 -36.05 -3.53
C ARG A 729 1.18 -37.49 -3.08
N SER A 730 1.23 -37.67 -1.73
CA SER A 730 1.30 -38.97 -1.05
C SER A 730 1.57 -38.79 0.44
N PRO A 731 2.53 -37.92 0.86
CA PRO A 731 2.88 -37.82 2.28
C PRO A 731 1.73 -37.56 3.27
N VAL A 732 2.02 -37.88 4.55
CA VAL A 732 1.03 -37.77 5.61
C VAL A 732 1.31 -36.44 6.30
N TRP A 733 0.30 -35.55 6.31
CA TRP A 733 0.42 -34.25 6.94
C TRP A 733 -0.42 -34.21 8.21
N ILE A 734 0.19 -33.73 9.30
CA ILE A 734 -0.49 -33.82 10.58
C ILE A 734 -1.67 -32.86 10.63
N ASN A 735 -1.58 -31.69 9.99
CA ASN A 735 -2.68 -30.73 10.12
C ASN A 735 -3.99 -31.26 9.54
N ILE A 736 -3.95 -31.81 8.32
CA ILE A 736 -5.17 -32.35 7.74
C ILE A 736 -5.61 -33.63 8.44
N ASN A 737 -4.64 -34.45 8.90
CA ASN A 737 -4.97 -35.63 9.69
C ASN A 737 -5.71 -35.23 10.97
N TYR A 738 -5.29 -34.08 11.54
CA TYR A 738 -5.88 -33.57 12.77
C TYR A 738 -7.35 -33.23 12.51
N LEU A 739 -7.62 -32.56 11.38
CA LEU A 739 -9.00 -32.31 11.02
C LEU A 739 -9.74 -33.64 10.87
N ALA A 740 -9.12 -34.65 10.23
CA ALA A 740 -9.86 -35.90 10.03
C ALA A 740 -10.20 -36.51 11.39
N ILE A 741 -9.24 -36.45 12.31
CA ILE A 741 -9.38 -37.11 13.61
C ILE A 741 -10.47 -36.43 14.41
N VAL A 742 -10.53 -35.08 14.37
CA VAL A 742 -11.50 -34.30 15.11
C VAL A 742 -12.90 -34.61 14.57
N GLN A 743 -13.05 -34.63 13.24
CA GLN A 743 -14.34 -34.89 12.63
C GLN A 743 -14.79 -36.33 12.86
N LEU A 744 -13.87 -37.30 12.87
CA LEU A 744 -14.28 -38.67 13.14
C LEU A 744 -14.89 -38.74 14.53
N TYR A 745 -14.22 -38.09 15.50
CA TYR A 745 -14.59 -38.14 16.90
C TYR A 745 -15.98 -37.56 17.11
N ASN A 746 -16.31 -36.55 16.29
CA ASN A 746 -17.61 -35.91 16.37
C ASN A 746 -18.70 -36.94 16.03
N ILE A 747 -18.52 -37.64 14.91
CA ILE A 747 -19.44 -38.66 14.42
C ILE A 747 -19.47 -39.84 15.39
N ALA A 748 -18.33 -40.13 16.03
CA ALA A 748 -18.22 -41.29 16.92
C ALA A 748 -19.01 -41.10 18.23
N THR A 749 -19.35 -39.85 18.58
CA THR A 749 -19.90 -39.60 19.90
C THR A 749 -21.32 -39.05 19.75
N GLN A 750 -22.00 -39.43 18.68
CA GLN A 750 -23.38 -39.01 18.47
C GLN A 750 -24.20 -40.23 18.04
N ASP A 751 -25.51 -40.18 18.34
CA ASP A 751 -26.48 -41.10 17.77
C ASP A 751 -26.41 -40.92 16.24
N GLY A 752 -26.36 -42.05 15.49
CA GLY A 752 -26.45 -42.06 14.01
C GLY A 752 -25.84 -43.30 13.33
N PRO A 753 -26.04 -43.47 11.98
CA PRO A 753 -25.65 -44.68 11.27
C PRO A 753 -24.16 -45.01 11.30
N TYR A 754 -23.31 -44.00 11.50
CA TYR A 754 -21.88 -44.20 11.27
C TYR A 754 -21.11 -44.17 12.58
N LYS A 755 -21.81 -43.98 13.69
CA LYS A 755 -21.19 -43.91 15.01
C LYS A 755 -20.08 -44.95 15.24
N GLU A 756 -20.34 -46.24 14.99
CA GLU A 756 -19.38 -47.28 15.32
C GLU A 756 -18.26 -47.29 14.31
N THR A 757 -18.57 -47.04 13.02
CA THR A 757 -17.54 -46.98 12.00
C THR A 757 -16.58 -45.82 12.27
N ALA A 758 -17.13 -44.65 12.58
CA ALA A 758 -16.34 -43.48 12.90
C ALA A 758 -15.47 -43.75 14.13
N ARG A 759 -16.05 -44.37 15.15
CA ARG A 759 -15.36 -44.68 16.38
C ARG A 759 -14.15 -45.57 16.12
N ASP A 760 -14.27 -46.51 15.16
CA ASP A 760 -13.20 -47.45 14.92
C ASP A 760 -12.02 -46.69 14.30
N LEU A 761 -12.33 -45.86 13.28
CA LEU A 761 -11.33 -45.09 12.53
C LEU A 761 -10.70 -43.99 13.39
N TYR A 762 -11.53 -43.26 14.17
CA TYR A 762 -10.99 -42.39 15.19
C TYR A 762 -9.89 -43.13 15.98
N THR A 763 -10.26 -44.29 16.56
CA THR A 763 -9.41 -45.03 17.49
C THR A 763 -8.05 -45.28 16.83
N ARG A 764 -8.09 -45.78 15.60
CA ARG A 764 -6.93 -46.28 14.89
C ARG A 764 -6.14 -45.10 14.33
N LEU A 765 -6.85 -44.13 13.74
CA LEU A 765 -6.18 -42.98 13.14
C LEU A 765 -5.41 -42.19 14.19
N ARG A 766 -6.06 -41.92 15.34
CA ARG A 766 -5.39 -41.30 16.50
C ARG A 766 -4.10 -42.03 16.84
N LYS A 767 -4.23 -43.36 16.97
CA LYS A 767 -3.10 -44.23 17.27
C LYS A 767 -1.98 -44.06 16.24
N ASN A 768 -2.29 -44.24 14.96
CA ASN A 768 -1.31 -44.19 13.87
C ASN A 768 -0.60 -42.83 13.82
N ILE A 769 -1.36 -41.73 13.82
CA ILE A 769 -0.80 -40.38 13.83
C ILE A 769 0.12 -40.14 15.03
N VAL A 770 -0.37 -40.36 16.26
CA VAL A 770 0.48 -40.14 17.42
C VAL A 770 1.73 -41.02 17.38
N GLU A 771 1.59 -42.31 17.04
CA GLU A 771 2.74 -43.20 17.12
C GLU A 771 3.82 -42.79 16.11
N THR A 772 3.39 -42.42 14.88
CA THR A 772 4.32 -42.07 13.84
C THR A 772 5.16 -40.86 14.29
N VAL A 773 4.47 -39.81 14.78
CA VAL A 773 5.18 -38.62 15.20
C VAL A 773 6.11 -38.96 16.36
N TYR A 774 5.61 -39.77 17.30
CA TYR A 774 6.39 -40.12 18.48
C TYR A 774 7.60 -40.99 18.15
N ARG A 775 7.46 -42.06 17.36
CA ARG A 775 8.61 -42.91 17.00
C ARG A 775 9.75 -42.09 16.36
N ASN A 776 9.35 -41.13 15.50
CA ASN A 776 10.26 -40.27 14.78
C ASN A 776 10.95 -39.34 15.77
N TRP A 777 10.17 -38.80 16.73
CA TRP A 777 10.71 -37.95 17.78
C TRP A 777 11.74 -38.72 18.59
N GLU A 778 11.36 -39.95 18.98
CA GLU A 778 12.23 -40.83 19.73
C GLU A 778 13.53 -41.09 18.97
N GLU A 779 13.43 -41.43 17.68
CA GLU A 779 14.61 -41.80 16.92
C GLU A 779 15.47 -40.56 16.60
N THR A 780 14.86 -39.41 16.31
CA THR A 780 15.57 -38.33 15.65
C THR A 780 15.62 -37.05 16.52
N GLY A 781 14.79 -36.97 17.56
CA GLY A 781 14.68 -35.76 18.35
C GLY A 781 13.79 -34.66 17.72
N PHE A 782 13.26 -34.89 16.51
CA PHE A 782 12.57 -33.83 15.79
C PHE A 782 11.10 -34.12 15.52
N ALA A 783 10.31 -33.03 15.45
CA ALA A 783 9.06 -33.00 14.70
C ALA A 783 9.38 -32.73 13.23
N TRP A 784 8.68 -33.48 12.35
CA TRP A 784 8.87 -33.36 10.90
C TRP A 784 7.65 -32.74 10.20
N GLU A 785 7.89 -32.23 8.99
CA GLU A 785 6.97 -31.40 8.23
C GLU A 785 5.82 -32.28 7.77
N GLN A 786 6.17 -33.48 7.37
CA GLN A 786 5.28 -34.50 6.86
C GLN A 786 5.93 -35.86 7.11
N TYR A 787 5.20 -36.93 6.86
CA TYR A 787 5.66 -38.27 7.19
C TYR A 787 5.37 -39.21 6.01
N ASN A 788 6.33 -40.11 5.79
CA ASN A 788 6.33 -41.02 4.65
C ASN A 788 5.30 -42.13 4.84
N PRO A 789 4.36 -42.32 3.91
CA PRO A 789 3.28 -43.29 4.13
C PRO A 789 3.70 -44.74 3.97
N GLU A 790 4.85 -45.00 3.35
CA GLU A 790 5.37 -46.34 3.10
C GLU A 790 6.34 -46.73 4.22
N THR A 791 7.20 -45.82 4.67
CA THR A 791 8.21 -46.17 5.64
C THR A 791 7.86 -45.62 7.01
N GLY A 792 7.02 -44.58 7.07
CA GLY A 792 6.70 -43.97 8.34
C GLY A 792 7.75 -42.93 8.74
N LYS A 793 8.77 -42.75 7.88
CA LYS A 793 9.88 -41.87 8.24
C LYS A 793 9.44 -40.41 8.06
N GLY A 794 9.92 -39.57 8.97
CA GLY A 794 9.71 -38.15 8.83
C GLY A 794 10.61 -37.58 7.73
N GLN A 795 10.04 -36.66 6.94
CA GLN A 795 10.77 -36.17 5.78
C GLN A 795 10.47 -34.69 5.57
N ARG A 796 11.10 -34.14 4.53
CA ARG A 796 11.21 -32.70 4.38
C ARG A 796 11.87 -32.14 5.62
N THR A 797 11.25 -31.14 6.18
CA THR A 797 11.94 -30.22 7.07
C THR A 797 11.83 -30.67 8.53
N GLN A 798 12.92 -30.53 9.30
CA GLN A 798 12.89 -30.77 10.74
C GLN A 798 12.46 -29.52 11.51
N HIS A 799 12.24 -29.71 12.82
CA HIS A 799 11.90 -28.61 13.71
C HIS A 799 10.61 -27.97 13.23
N PHE A 800 9.70 -28.79 12.72
CA PHE A 800 8.44 -28.26 12.22
C PHE A 800 7.40 -28.19 13.34
N THR A 801 7.44 -27.11 14.15
CA THR A 801 6.50 -26.94 15.25
C THR A 801 5.95 -25.51 15.31
N GLY A 802 5.06 -25.16 14.37
CA GLY A 802 4.59 -26.00 13.29
C GLY A 802 3.43 -26.89 13.72
N TRP A 803 2.55 -27.24 12.77
CA TRP A 803 1.28 -27.89 13.07
C TRP A 803 1.44 -29.36 13.44
N THR A 804 2.62 -29.93 13.18
CA THR A 804 2.92 -31.26 13.66
C THR A 804 2.58 -31.42 15.15
N SER A 805 2.85 -30.34 15.93
CA SER A 805 2.61 -30.26 17.37
C SER A 805 1.15 -30.48 17.77
N LEU A 806 0.24 -30.45 16.80
CA LEU A 806 -1.19 -30.70 17.10
C LEU A 806 -1.34 -32.07 17.76
N VAL A 807 -0.26 -32.82 17.82
CA VAL A 807 -0.15 -34.21 18.33
C VAL A 807 -0.45 -34.24 19.84
N VAL A 808 -0.09 -33.18 20.54
CA VAL A 808 -0.34 -33.01 22.00
C VAL A 808 -1.84 -32.92 22.24
N LYS A 809 -2.57 -32.31 21.33
CA LYS A 809 -4.04 -32.17 21.42
C LYS A 809 -4.71 -33.48 20.99
N ILE A 810 -4.14 -34.21 20.04
CA ILE A 810 -4.67 -35.50 19.60
C ILE A 810 -4.61 -36.53 20.73
N MET A 811 -3.50 -36.51 21.49
CA MET A 811 -3.29 -37.42 22.59
C MET A 811 -4.23 -37.12 23.74
N SER A 812 -4.49 -35.83 24.01
CA SER A 812 -5.15 -35.46 25.25
C SER A 812 -6.66 -35.51 25.14
N GLY A 813 -7.18 -35.29 23.91
CA GLY A 813 -8.56 -35.59 23.54
C GLY A 813 -9.64 -34.85 24.35
N HIS A 814 -10.75 -35.55 24.64
CA HIS A 814 -12.00 -34.96 25.11
C HIS A 814 -12.31 -33.67 24.34
N HIS A 815 -12.28 -33.75 22.99
CA HIS A 815 -12.51 -32.61 22.10
C HIS A 815 -13.84 -31.91 22.41
N SER B 36 -2.78 21.20 -45.05
CA SER B 36 -2.27 22.49 -45.51
C SER B 36 -0.89 22.79 -44.92
N ILE B 37 0.06 23.12 -45.80
CA ILE B 37 1.37 23.60 -45.43
C ILE B 37 1.33 24.56 -44.24
N LEU B 38 0.42 25.55 -44.28
CA LEU B 38 0.26 26.47 -43.17
C LEU B 38 -0.13 25.77 -41.87
N HIS B 39 -1.16 24.92 -41.91
CA HIS B 39 -1.60 24.22 -40.70
C HIS B 39 -0.49 23.41 -40.05
N SER B 40 0.22 22.56 -40.82
CA SER B 40 1.35 21.80 -40.31
C SER B 40 2.38 22.72 -39.67
N GLU B 41 2.63 23.85 -40.33
CA GLU B 41 3.78 24.66 -39.91
C GLU B 41 3.46 25.28 -38.55
N ILE B 42 2.25 25.82 -38.43
CA ILE B 42 1.77 26.32 -37.16
C ILE B 42 1.86 25.21 -36.10
N GLY B 43 1.48 23.99 -36.50
CA GLY B 43 1.64 22.82 -35.66
C GLY B 43 3.08 22.66 -35.20
N ARG B 44 4.03 22.59 -36.17
CA ARG B 44 5.43 22.44 -35.82
C ARG B 44 5.84 23.49 -34.79
N LEU B 45 5.42 24.76 -35.00
CA LEU B 45 5.90 25.86 -34.17
C LEU B 45 5.32 25.82 -32.76
N ASN B 46 4.06 25.42 -32.65
CA ASN B 46 3.48 25.21 -31.34
C ASN B 46 4.18 24.07 -30.60
N ASN B 47 4.46 23.03 -31.37
CA ASN B 47 5.09 21.83 -30.87
C ASN B 47 6.44 22.26 -30.24
N GLN B 48 7.31 22.85 -31.05
CA GLN B 48 8.63 23.30 -30.56
C GLN B 48 8.49 24.26 -29.39
N SER B 49 7.51 25.15 -29.42
CA SER B 49 7.27 26.14 -28.35
C SER B 49 6.86 25.53 -27.02
N LEU B 50 6.03 24.50 -27.04
CA LEU B 50 5.51 23.99 -25.76
C LEU B 50 6.13 22.66 -25.37
N LEU B 51 7.16 22.21 -26.08
CA LEU B 51 7.75 20.92 -25.78
C LEU B 51 8.20 20.80 -24.34
N TRP B 52 8.99 21.76 -23.85
CA TRP B 52 9.48 21.65 -22.49
C TRP B 52 8.60 22.41 -21.50
N GLY B 53 8.51 21.86 -20.29
CA GLY B 53 8.00 22.66 -19.19
C GLY B 53 8.08 21.84 -17.91
N PRO B 54 7.65 22.41 -16.77
CA PRO B 54 7.64 21.68 -15.50
C PRO B 54 6.37 20.84 -15.49
N TYR B 55 6.23 19.96 -16.48
CA TYR B 55 4.96 19.34 -16.81
C TYR B 55 4.61 18.17 -15.87
N ARG B 56 4.97 18.30 -14.59
CA ARG B 56 4.80 17.21 -13.66
C ARG B 56 4.13 17.82 -12.44
N PRO B 57 2.83 18.17 -12.53
CA PRO B 57 2.16 18.85 -11.41
C PRO B 57 1.91 18.00 -10.16
N ASN B 58 2.20 16.71 -10.25
CA ASN B 58 1.96 15.73 -9.17
C ASN B 58 3.08 15.79 -8.15
N ILE B 59 4.17 16.45 -8.51
CA ILE B 59 5.36 16.61 -7.63
C ILE B 59 5.60 18.10 -7.45
N TYR B 60 6.26 18.48 -6.37
CA TYR B 60 6.52 19.90 -6.11
C TYR B 60 7.34 20.50 -7.25
N PHE B 61 8.40 19.86 -7.71
CA PHE B 61 9.13 20.47 -8.85
C PHE B 61 9.90 19.43 -9.66
N GLY B 62 9.67 19.42 -10.96
CA GLY B 62 10.42 18.57 -11.87
C GLY B 62 10.04 18.91 -13.32
N THR B 63 10.77 18.35 -14.30
CA THR B 63 10.45 18.70 -15.68
C THR B 63 10.27 17.46 -16.53
N ARG B 64 9.67 17.62 -17.72
CA ARG B 64 9.66 16.61 -18.78
C ARG B 64 9.16 17.25 -20.09
N PRO B 65 9.63 16.77 -21.27
CA PRO B 65 9.08 17.24 -22.53
C PRO B 65 7.76 16.49 -22.77
N ARG B 66 6.97 16.99 -23.73
CA ARG B 66 5.73 16.36 -24.14
C ARG B 66 6.10 15.20 -25.06
N ILE B 67 6.91 14.29 -24.54
CA ILE B 67 7.29 13.07 -25.24
C ILE B 67 7.10 11.92 -24.24
N GLY B 68 6.46 10.83 -24.72
CA GLY B 68 6.20 9.65 -23.90
C GLY B 68 7.43 9.12 -23.14
N LYS B 69 8.44 8.62 -23.87
CA LYS B 69 9.59 8.04 -23.21
C LYS B 69 10.76 8.98 -23.40
N SER B 70 11.20 9.66 -22.34
CA SER B 70 12.27 10.62 -22.54
C SER B 70 12.82 11.05 -21.20
N LEU B 71 13.44 12.23 -21.17
CA LEU B 71 14.16 12.70 -20.00
C LEU B 71 13.18 13.40 -19.06
N MET B 72 13.14 12.98 -17.79
CA MET B 72 12.35 13.63 -16.75
C MET B 72 13.26 14.01 -15.60
N THR B 73 12.95 15.10 -14.89
CA THR B 73 13.71 15.41 -13.69
C THR B 73 12.75 15.56 -12.51
N GLY B 74 13.31 15.64 -11.29
CA GLY B 74 12.50 15.94 -10.12
C GLY B 74 13.33 16.31 -8.88
N LEU B 75 12.78 17.18 -8.04
CA LEU B 75 13.47 17.74 -6.90
C LEU B 75 12.94 17.12 -5.61
N MET B 76 13.84 16.65 -4.75
CA MET B 76 13.41 16.30 -3.40
C MET B 76 14.25 17.08 -2.40
N TRP B 77 13.75 17.21 -1.16
CA TRP B 77 14.48 17.87 -0.09
C TRP B 77 13.87 17.46 1.24
N GLY B 78 14.69 17.49 2.27
CA GLY B 78 14.24 17.25 3.62
C GLY B 78 15.39 17.61 4.55
N LYS B 79 15.04 18.05 5.77
CA LYS B 79 16.03 18.28 6.82
C LYS B 79 16.48 16.92 7.35
N ILE B 80 17.71 16.90 7.89
CA ILE B 80 18.17 15.71 8.58
C ILE B 80 18.72 16.08 9.95
N GLU B 81 18.26 15.33 10.95
CA GLU B 81 18.60 15.55 12.35
C GLU B 81 19.00 14.24 13.03
N SER B 82 18.36 13.12 12.65
CA SER B 82 18.65 11.83 13.27
C SER B 82 18.88 10.77 12.21
N TYR B 83 19.19 9.55 12.68
CA TYR B 83 19.49 8.47 11.75
C TYR B 83 18.21 7.92 11.13
N THR B 84 17.03 8.37 11.59
CA THR B 84 15.78 7.75 11.16
C THR B 84 14.77 8.75 10.59
N ASP B 85 15.02 10.06 10.76
CA ASP B 85 14.03 11.11 10.59
C ASP B 85 13.85 11.52 9.12
N PHE B 86 14.92 11.42 8.32
CA PHE B 86 14.87 11.87 6.93
C PHE B 86 13.70 11.25 6.20
N GLN B 87 13.46 9.94 6.39
CA GLN B 87 12.45 9.20 5.63
C GLN B 87 11.07 9.84 5.80
N HIS B 88 10.91 10.63 6.88
CA HIS B 88 9.64 11.26 7.23
C HIS B 88 9.59 12.72 6.80
N THR B 89 10.76 13.34 6.62
CA THR B 89 10.87 14.77 6.34
C THR B 89 10.87 15.03 4.82
N VAL B 90 11.30 14.03 4.05
CA VAL B 90 11.62 14.27 2.65
C VAL B 90 10.35 14.55 1.84
N ARG B 91 10.44 15.55 0.95
CA ARG B 91 9.36 15.96 0.06
C ARG B 91 9.63 15.50 -1.37
N TYR B 92 8.56 15.11 -2.08
CA TYR B 92 8.66 14.82 -3.51
C TYR B 92 7.31 15.05 -4.17
N THR B 93 6.31 14.21 -3.82
CA THR B 93 5.01 14.33 -4.44
C THR B 93 4.21 15.29 -3.57
N CYS B 94 3.35 16.09 -4.20
CA CYS B 94 2.53 17.11 -3.56
C CYS B 94 1.53 16.47 -2.62
N GLU B 95 1.51 16.94 -1.35
CA GLU B 95 0.48 16.66 -0.35
C GLU B 95 -0.09 18.00 0.16
N GLN B 96 -0.95 17.92 1.17
CA GLN B 96 -1.49 19.12 1.86
C GLN B 96 -1.88 18.69 3.26
N ASN B 97 -1.02 19.02 4.22
CA ASN B 97 -1.16 18.70 5.65
C ASN B 97 -0.65 19.87 6.47
N GLU B 98 -0.66 19.75 7.80
CA GLU B 98 -0.22 20.80 8.76
C GLU B 98 1.26 21.15 8.56
N GLY B 99 2.08 20.20 8.12
CA GLY B 99 3.52 20.36 7.85
C GLY B 99 3.80 21.32 6.74
N MET B 100 2.89 21.48 5.79
CA MET B 100 3.09 22.44 4.67
C MET B 100 2.15 23.63 4.83
N LYS B 101 2.68 24.85 4.87
CA LYS B 101 1.83 26.06 4.99
C LYS B 101 1.04 26.25 3.71
N GLY B 102 1.75 26.18 2.58
CA GLY B 102 1.21 26.29 1.24
C GLY B 102 2.30 26.27 0.17
N TYR B 103 1.89 26.19 -1.11
CA TYR B 103 2.80 26.32 -2.23
C TYR B 103 1.99 26.57 -3.50
N GLY B 104 2.67 27.15 -4.48
CA GLY B 104 2.06 27.36 -5.79
C GLY B 104 2.86 28.30 -6.68
N TRP B 105 2.29 28.61 -7.84
CA TRP B 105 2.97 29.40 -8.84
C TRP B 105 2.57 30.87 -8.67
N ASP B 106 3.55 31.76 -8.43
CA ASP B 106 3.30 33.17 -8.23
C ASP B 106 2.98 33.78 -9.59
N GLU B 107 3.64 33.20 -10.60
CA GLU B 107 3.52 33.60 -11.99
C GLU B 107 3.90 32.43 -12.90
N TYR B 108 3.24 32.28 -14.05
CA TYR B 108 3.62 31.19 -14.92
C TYR B 108 3.00 31.30 -16.31
N ASP B 109 3.79 30.94 -17.31
CA ASP B 109 3.41 30.83 -18.70
C ASP B 109 4.11 29.62 -19.30
N PRO B 110 3.37 28.63 -19.85
CA PRO B 110 3.98 27.43 -20.42
C PRO B 110 5.04 27.67 -21.49
N ARG B 111 4.88 28.73 -22.28
CA ARG B 111 5.85 29.04 -23.32
C ARG B 111 7.10 29.74 -22.75
N ARG B 112 6.98 30.32 -21.55
CA ARG B 112 8.00 31.24 -21.08
C ARG B 112 8.63 30.68 -19.83
N GLY B 113 7.81 30.18 -18.91
CA GLY B 113 8.28 29.72 -17.61
C GLY B 113 7.59 30.47 -16.47
N GLY B 114 8.20 30.45 -15.29
CA GLY B 114 7.53 31.02 -14.13
C GLY B 114 8.33 30.78 -12.86
N ILE B 115 7.67 31.03 -11.73
CA ILE B 115 8.26 31.01 -10.41
C ILE B 115 7.23 30.40 -9.46
N GLN B 116 7.68 29.41 -8.67
CA GLN B 116 6.88 28.69 -7.72
C GLN B 116 7.43 28.97 -6.33
N SER B 117 6.54 28.96 -5.35
CA SER B 117 6.91 29.25 -3.98
C SER B 117 6.42 28.12 -3.08
N ILE B 118 7.31 27.56 -2.24
CA ILE B 118 6.92 26.50 -1.33
C ILE B 118 7.22 26.94 0.10
N HIS B 119 6.20 26.86 0.95
CA HIS B 119 6.33 27.22 2.36
C HIS B 119 6.15 25.95 3.18
N ASP B 120 7.28 25.29 3.42
CA ASP B 120 7.35 24.02 4.09
C ASP B 120 7.58 24.24 5.59
N ILE B 121 6.60 23.87 6.42
CA ILE B 121 6.73 24.20 7.84
C ILE B 121 7.62 23.15 8.51
N GLN B 122 7.43 21.88 8.11
CA GLN B 122 8.09 20.77 8.77
C GLN B 122 9.61 20.86 8.54
N ASN B 123 10.03 21.42 7.40
CA ASN B 123 11.44 21.46 7.07
C ASN B 123 11.99 22.86 7.31
N GLY B 124 11.14 23.77 7.81
CA GLY B 124 11.55 25.10 8.21
C GLY B 124 12.18 25.88 7.06
N LEU B 125 11.57 25.77 5.86
CA LEU B 125 12.20 26.27 4.64
C LEU B 125 11.19 27.00 3.78
N ASP B 126 11.60 28.14 3.20
CA ASP B 126 10.86 28.79 2.12
C ASP B 126 11.67 28.63 0.85
N ILE B 127 11.05 27.96 -0.13
CA ILE B 127 11.75 27.57 -1.33
C ILE B 127 11.20 28.35 -2.54
N THR B 128 12.07 28.55 -3.51
CA THR B 128 11.70 29.20 -4.73
C THR B 128 12.17 28.31 -5.85
N THR B 129 11.27 27.93 -6.74
CA THR B 129 11.73 27.20 -7.91
C THR B 129 11.41 28.08 -9.10
N SER B 130 12.43 28.55 -9.80
CA SER B 130 12.15 29.39 -10.94
C SER B 130 12.63 28.69 -12.21
N PHE B 131 11.78 28.72 -13.23
CA PHE B 131 12.02 27.96 -14.44
C PHE B 131 11.89 28.91 -15.64
N VAL B 132 12.87 28.88 -16.55
CA VAL B 132 12.74 29.64 -17.78
C VAL B 132 13.05 28.74 -18.97
N LYS B 133 12.36 29.03 -20.10
CA LYS B 133 12.68 28.43 -21.39
C LYS B 133 13.53 29.37 -22.25
N ILE B 134 14.44 28.81 -23.04
CA ILE B 134 15.27 29.60 -23.92
C ILE B 134 15.16 28.96 -25.29
N PRO B 135 14.50 29.64 -26.26
CA PRO B 135 14.26 29.06 -27.57
C PRO B 135 15.56 29.12 -28.37
N GLY B 136 15.66 28.24 -29.36
CA GLY B 136 16.83 27.95 -30.16
C GLY B 136 16.93 26.45 -30.43
N GLY B 137 17.19 26.08 -31.69
CA GLY B 137 17.44 24.68 -32.00
C GLY B 137 16.24 24.03 -32.67
N ALA B 138 16.37 22.70 -32.91
CA ALA B 138 15.36 21.86 -33.56
C ALA B 138 14.69 20.91 -32.58
N HIS B 139 14.89 21.05 -31.26
CA HIS B 139 14.41 20.03 -30.34
C HIS B 139 13.76 20.68 -29.12
N GLY B 140 13.07 21.81 -29.38
CA GLY B 140 12.23 22.49 -28.42
C GLY B 140 12.99 23.39 -27.45
N GLY B 141 14.23 23.74 -27.79
CA GLY B 141 14.94 24.76 -27.04
C GLY B 141 15.70 24.23 -25.82
N SER B 142 16.13 25.18 -24.98
CA SER B 142 16.85 24.88 -23.75
C SER B 142 15.98 25.37 -22.61
N TRP B 143 16.44 25.19 -21.37
CA TRP B 143 15.74 25.65 -20.19
C TRP B 143 16.69 25.68 -18.99
N ALA B 144 16.29 26.37 -17.91
CA ALA B 144 17.08 26.45 -16.69
C ALA B 144 16.14 26.65 -15.53
N ALA B 145 16.58 26.25 -14.33
CA ALA B 145 15.82 26.51 -13.12
C ALA B 145 16.80 26.93 -12.03
N ARG B 146 16.33 27.81 -11.15
CA ARG B 146 17.07 28.11 -9.95
C ARG B 146 16.26 27.60 -8.77
N ILE B 147 16.92 26.87 -7.87
CA ILE B 147 16.36 26.33 -6.66
C ILE B 147 16.93 27.12 -5.48
N LYS B 148 16.08 27.81 -4.72
CA LYS B 148 16.54 28.67 -3.65
C LYS B 148 15.76 28.38 -2.36
N GLY B 149 16.49 27.87 -1.35
CA GLY B 149 15.90 27.59 -0.06
C GLY B 149 16.46 28.52 1.03
N THR B 150 15.56 29.03 1.87
CA THR B 150 15.85 30.01 2.89
C THR B 150 15.10 29.58 4.14
N LEU B 151 15.83 29.31 5.24
CA LEU B 151 15.24 28.84 6.49
C LEU B 151 14.42 29.97 7.08
N ASN B 152 13.21 29.67 7.57
CA ASN B 152 12.38 30.63 8.29
C ASN B 152 13.04 30.94 9.64
N ASP B 153 12.43 31.85 10.41
CA ASP B 153 12.99 32.28 11.69
C ASP B 153 13.01 31.14 12.73
N ASP B 154 12.07 30.19 12.61
CA ASP B 154 11.81 29.14 13.59
C ASP B 154 12.73 27.94 13.42
N ALA B 155 13.51 27.89 12.35
CA ALA B 155 14.38 26.75 12.05
C ALA B 155 15.73 26.97 12.72
N PRO B 156 16.43 25.90 13.15
CA PRO B 156 17.77 26.07 13.73
C PRO B 156 18.70 26.63 12.65
N LYS B 157 19.41 27.72 12.95
CA LYS B 157 20.17 28.46 11.96
C LYS B 157 21.11 27.51 11.22
N ASP B 158 21.43 26.37 11.85
CA ASP B 158 22.46 25.47 11.34
C ASP B 158 21.86 24.15 10.85
N GLN B 159 20.54 24.16 10.57
CA GLN B 159 19.87 22.96 10.09
C GLN B 159 20.52 22.45 8.80
N LYS B 160 20.70 21.13 8.73
CA LYS B 160 21.25 20.50 7.54
C LYS B 160 20.09 20.01 6.69
N THR B 161 20.08 20.44 5.43
CA THR B 161 19.04 20.04 4.49
C THR B 161 19.67 19.18 3.41
N ILE B 162 19.08 18.01 3.16
CA ILE B 162 19.51 17.21 2.01
C ILE B 162 18.67 17.66 0.82
N VAL B 163 19.31 17.83 -0.34
CA VAL B 163 18.65 18.19 -1.57
C VAL B 163 19.04 17.18 -2.65
N VAL B 164 18.04 16.59 -3.31
CA VAL B 164 18.30 15.62 -4.36
C VAL B 164 17.72 16.14 -5.68
N PHE B 165 18.52 16.09 -6.73
CA PHE B 165 18.01 16.29 -8.07
C PHE B 165 18.09 14.93 -8.77
N TYR B 166 16.92 14.44 -9.21
CA TYR B 166 16.76 13.10 -9.76
C TYR B 166 16.50 13.17 -11.26
N VAL B 167 17.36 12.54 -12.05
CA VAL B 167 17.17 12.60 -13.49
C VAL B 167 16.96 11.18 -14.01
N SER B 168 15.98 10.99 -14.90
CA SER B 168 15.75 9.68 -15.49
C SER B 168 15.64 9.82 -17.00
N GLN B 169 15.91 8.74 -17.76
CA GLN B 169 15.72 8.77 -19.21
C GLN B 169 15.24 7.40 -19.74
N GLU B 170 14.08 7.44 -20.40
CA GLU B 170 13.48 6.25 -20.97
C GLU B 170 13.58 6.33 -22.49
N GLY B 171 13.48 5.19 -23.16
CA GLY B 171 13.40 5.22 -24.60
C GLY B 171 14.55 4.48 -25.24
N GLU B 172 14.28 3.92 -26.43
CA GLU B 172 15.30 3.20 -27.18
C GLU B 172 16.31 4.21 -27.72
N ASN B 173 17.55 3.71 -27.90
CA ASN B 173 18.66 4.46 -28.46
C ASN B 173 18.74 5.83 -27.80
N SER B 174 19.09 5.81 -26.51
CA SER B 174 19.29 7.02 -25.75
C SER B 174 20.40 6.80 -24.73
N GLU B 175 21.24 7.82 -24.53
CA GLU B 175 22.38 7.73 -23.65
C GLU B 175 22.29 8.85 -22.62
N LEU B 176 22.93 8.63 -21.50
CA LEU B 176 23.03 9.71 -20.54
C LEU B 176 24.15 9.33 -19.59
N GLU B 177 25.01 10.30 -19.26
CA GLU B 177 26.27 9.98 -18.61
C GLU B 177 26.66 11.14 -17.70
N ALA B 178 26.99 10.87 -16.45
CA ALA B 178 27.57 11.91 -15.62
C ALA B 178 29.06 11.99 -15.91
N VAL B 179 29.57 13.22 -15.99
CA VAL B 179 30.99 13.42 -16.22
C VAL B 179 31.72 13.27 -14.88
N PRO B 180 32.72 12.35 -14.77
CA PRO B 180 33.46 12.13 -13.52
C PRO B 180 34.01 13.46 -13.02
N SER B 181 33.99 13.66 -11.70
CA SER B 181 34.68 14.80 -11.13
C SER B 181 36.20 14.62 -11.23
N GLU B 182 36.93 15.69 -10.89
CA GLU B 182 38.39 15.66 -10.87
C GLU B 182 38.89 15.41 -9.45
N ASN B 183 37.98 15.02 -8.53
CA ASN B 183 38.27 14.86 -7.10
C ASN B 183 37.89 13.47 -6.61
N GLU B 184 38.12 13.20 -5.32
CA GLU B 184 38.19 11.82 -4.86
C GLU B 184 36.78 11.27 -4.61
N PHE B 185 36.04 12.00 -3.76
CA PHE B 185 34.84 11.47 -3.15
C PHE B 185 33.61 12.19 -3.69
N GLY B 186 33.79 13.05 -4.69
CA GLY B 186 32.67 13.80 -5.22
C GLY B 186 33.11 15.08 -5.91
N TYR B 187 32.20 16.04 -6.01
CA TYR B 187 32.36 17.23 -6.83
C TYR B 187 32.52 18.46 -5.93
N GLU B 188 33.52 19.28 -6.31
CA GLU B 188 33.73 20.58 -5.71
C GLU B 188 32.98 21.61 -6.54
N GLY B 189 32.65 21.23 -7.79
CA GLY B 189 32.15 22.12 -8.82
C GLY B 189 30.76 21.73 -9.30
N ASP B 190 30.56 21.82 -10.61
CA ASP B 190 29.29 21.48 -11.24
C ASP B 190 29.32 19.99 -11.62
N VAL B 191 28.13 19.38 -11.65
CA VAL B 191 27.91 18.06 -12.19
C VAL B 191 27.46 18.28 -13.62
N ILE B 192 28.10 17.59 -14.57
CA ILE B 192 27.67 17.66 -15.94
C ILE B 192 27.18 16.27 -16.38
N LEU B 193 25.94 16.24 -16.86
CA LEU B 193 25.40 15.10 -17.58
C LEU B 193 25.43 15.45 -19.07
N LYS B 194 25.94 14.53 -19.89
CA LYS B 194 25.75 14.60 -21.33
C LYS B 194 24.87 13.43 -21.77
N GLY B 195 23.89 13.74 -22.62
CA GLY B 195 22.92 12.76 -23.12
C GLY B 195 22.56 13.02 -24.58
N ARG B 196 21.99 11.98 -25.20
CA ARG B 196 21.62 11.93 -26.60
C ARG B 196 20.35 11.07 -26.68
N SER B 197 19.35 11.53 -27.45
CA SER B 197 18.20 10.72 -27.82
C SER B 197 17.67 11.20 -29.16
N GLU B 198 16.82 10.39 -29.83
CA GLU B 198 16.25 10.76 -31.12
C GLU B 198 15.38 12.01 -30.94
N ALA B 199 14.55 11.96 -29.89
CA ALA B 199 13.69 13.05 -29.47
C ALA B 199 14.48 14.34 -29.25
N LEU B 200 15.56 14.27 -28.45
CA LEU B 200 16.15 15.49 -27.90
C LEU B 200 17.45 15.91 -28.58
N GLY B 201 17.99 15.07 -29.50
CA GLY B 201 19.32 15.22 -30.02
C GLY B 201 20.35 15.17 -28.89
N ASN B 202 21.44 15.96 -28.98
CA ASN B 202 22.46 16.02 -27.95
C ASN B 202 22.17 17.14 -26.98
N TYR B 203 22.49 16.91 -25.71
CA TYR B 203 22.17 17.94 -24.74
C TYR B 203 23.08 17.81 -23.53
N LYS B 204 23.09 18.87 -22.74
CA LYS B 204 23.99 18.93 -21.60
C LYS B 204 23.08 19.38 -20.47
N LEU B 205 23.05 18.60 -19.38
CA LEU B 205 22.28 18.94 -18.20
C LEU B 205 23.27 19.16 -17.07
N VAL B 206 23.25 20.37 -16.51
CA VAL B 206 24.26 20.75 -15.56
C VAL B 206 23.58 21.05 -14.23
N VAL B 207 24.17 20.57 -13.14
CA VAL B 207 23.68 21.02 -11.84
C VAL B 207 24.80 21.83 -11.17
N THR B 208 24.54 23.10 -10.89
CA THR B 208 25.62 24.02 -10.55
C THR B 208 26.06 23.86 -9.10
N LYS B 209 27.32 24.26 -8.82
CA LYS B 209 27.93 24.17 -7.50
C LYS B 209 26.99 24.71 -6.42
N GLY B 210 26.50 25.93 -6.63
CA GLY B 210 25.46 26.52 -5.80
C GLY B 210 26.09 27.47 -4.79
N LYS B 211 25.28 28.18 -4.04
CA LYS B 211 25.80 29.03 -2.97
C LYS B 211 25.25 28.43 -1.66
N GLY B 212 26.05 28.48 -0.59
CA GLY B 212 25.65 28.05 0.75
C GLY B 212 26.68 27.11 1.39
N VAL B 213 26.67 27.05 2.73
CA VAL B 213 27.65 26.30 3.50
C VAL B 213 27.42 24.80 3.31
N ILE B 214 28.50 24.06 2.97
CA ILE B 214 28.50 22.60 2.89
C ILE B 214 29.13 22.02 4.16
N PRO B 215 28.39 21.35 5.09
CA PRO B 215 28.93 20.94 6.38
C PRO B 215 30.04 19.90 6.19
N GLN B 216 31.04 19.95 7.07
CA GLN B 216 32.24 19.14 6.89
C GLN B 216 32.34 18.18 8.07
N SER B 217 32.85 16.97 7.82
CA SER B 217 32.93 15.98 8.88
C SER B 217 34.39 15.55 9.08
N ASP B 218 34.78 15.48 10.36
CA ASP B 218 36.12 15.02 10.69
C ASP B 218 36.03 13.64 11.33
N HIS B 219 34.86 13.01 11.27
CA HIS B 219 34.68 11.61 11.66
C HIS B 219 35.51 10.70 10.79
N ASP B 220 35.85 9.53 11.34
CA ASP B 220 36.70 8.57 10.65
C ASP B 220 36.06 8.10 9.34
N LEU B 221 34.71 8.12 9.28
CA LEU B 221 33.99 7.75 8.08
C LEU B 221 34.52 8.51 6.85
N SER B 222 35.12 9.69 7.12
CA SER B 222 35.52 10.65 6.10
C SER B 222 36.53 10.01 5.14
N ARG B 223 37.29 9.02 5.64
CA ARG B 223 38.40 8.44 4.88
C ARG B 223 37.85 7.63 3.72
N LEU B 224 36.60 7.20 3.87
CA LEU B 224 35.97 6.34 2.88
C LEU B 224 34.97 7.16 2.07
N ARG B 225 34.40 8.21 2.68
CA ARG B 225 33.23 8.89 2.12
C ARG B 225 33.43 10.41 1.98
N GLY B 226 34.68 10.90 2.07
CA GLY B 226 34.95 12.33 1.95
C GLY B 226 34.50 13.12 3.18
N PRO B 227 34.95 14.39 3.37
CA PRO B 227 34.50 15.20 4.51
C PRO B 227 33.07 15.70 4.32
N GLY B 228 32.51 15.50 3.12
CA GLY B 228 31.19 16.02 2.80
C GLY B 228 31.21 16.88 1.54
N GLN B 229 30.41 16.49 0.53
CA GLN B 229 30.45 17.10 -0.80
C GLN B 229 29.35 16.53 -1.69
N THR B 230 29.15 17.21 -2.82
CA THR B 230 28.19 16.84 -3.84
C THR B 230 28.57 15.50 -4.45
N VAL B 231 27.59 14.62 -4.62
CA VAL B 231 27.86 13.31 -5.20
C VAL B 231 26.80 13.02 -6.26
N VAL B 232 27.13 12.04 -7.11
CA VAL B 232 26.26 11.57 -8.16
C VAL B 232 26.33 10.04 -8.18
N GLN B 233 25.17 9.37 -8.15
CA GLN B 233 25.15 7.95 -8.49
C GLN B 233 24.53 7.80 -9.87
N SER B 234 25.24 7.15 -10.78
CA SER B 234 24.65 6.78 -12.05
C SER B 234 24.22 5.32 -12.02
N LEU B 235 22.92 5.08 -12.27
CA LEU B 235 22.31 3.79 -12.03
C LEU B 235 21.50 3.39 -13.25
N THR B 236 21.12 2.11 -13.28
CA THR B 236 20.34 1.56 -14.38
C THR B 236 19.20 0.80 -13.75
N TYR B 237 17.99 1.04 -14.25
CA TYR B 237 16.79 0.48 -13.67
C TYR B 237 15.93 -0.01 -14.82
N PRO B 238 14.91 -0.85 -14.56
CA PRO B 238 13.98 -1.21 -15.64
C PRO B 238 13.07 0.02 -15.83
N ASP B 239 12.63 0.22 -17.07
CA ASP B 239 11.83 1.36 -17.45
C ASP B 239 10.62 1.58 -16.52
N GLU B 240 9.99 0.47 -16.11
CA GLU B 240 8.70 0.50 -15.48
C GLU B 240 8.84 1.11 -14.08
N VAL B 241 10.08 1.21 -13.59
CA VAL B 241 10.17 1.67 -12.21
C VAL B 241 10.82 3.04 -12.10
N LEU B 242 11.27 3.62 -13.25
CA LEU B 242 11.94 4.93 -13.29
C LEU B 242 11.17 6.01 -12.51
N TRP B 243 9.82 5.93 -12.48
CA TRP B 243 9.00 6.97 -11.85
C TRP B 243 9.06 6.89 -10.33
N GLN B 244 9.38 5.71 -9.78
CA GLN B 244 9.41 5.49 -8.34
C GLN B 244 10.70 6.11 -7.78
N ALA B 245 10.83 7.44 -7.89
CA ALA B 245 12.06 8.11 -7.50
C ALA B 245 12.36 7.95 -6.00
N LYS B 246 11.36 8.16 -5.14
CA LYS B 246 11.58 8.08 -3.72
C LYS B 246 12.00 6.66 -3.34
N PRO B 247 11.26 5.59 -3.73
CA PRO B 247 11.72 4.23 -3.43
C PRO B 247 13.14 3.96 -3.92
N ILE B 248 13.55 4.60 -5.02
CA ILE B 248 14.88 4.39 -5.56
C ILE B 248 15.90 5.10 -4.69
N LEU B 249 15.61 6.35 -4.30
CA LEU B 249 16.53 7.06 -3.42
C LEU B 249 16.68 6.29 -2.12
N PHE B 250 15.57 5.75 -1.61
CA PHE B 250 15.61 5.15 -0.31
C PHE B 250 16.34 3.81 -0.36
N GLN B 251 16.23 3.16 -1.52
CA GLN B 251 16.95 1.93 -1.80
C GLN B 251 18.44 2.22 -1.76
N GLN B 252 18.84 3.32 -2.42
CA GLN B 252 20.23 3.73 -2.51
C GLN B 252 20.76 4.13 -1.13
N LEU B 253 19.92 4.83 -0.36
CA LEU B 253 20.37 5.27 0.94
C LEU B 253 20.57 4.07 1.86
N LYS B 254 19.74 3.02 1.70
CA LYS B 254 19.85 1.82 2.53
C LYS B 254 21.05 1.01 2.08
N ALA B 255 21.30 0.94 0.77
CA ALA B 255 22.48 0.22 0.35
C ALA B 255 23.68 0.79 1.08
N GLY B 256 23.71 2.14 1.20
CA GLY B 256 24.85 2.90 1.65
C GLY B 256 24.96 2.89 3.16
N ILE B 257 23.90 2.44 3.82
CA ILE B 257 24.00 2.27 5.25
C ILE B 257 24.49 0.85 5.53
N ASP B 258 23.99 -0.15 4.82
CA ASP B 258 24.43 -1.52 5.02
C ASP B 258 25.93 -1.67 4.72
N TRP B 259 26.44 -0.75 3.91
CA TRP B 259 27.82 -0.83 3.46
C TRP B 259 28.73 -0.50 4.65
N LEU B 260 28.15 0.17 5.65
CA LEU B 260 28.87 0.58 6.83
C LEU B 260 29.36 -0.65 7.59
N VAL B 261 28.54 -1.70 7.64
CA VAL B 261 28.85 -2.83 8.51
C VAL B 261 29.81 -3.80 7.82
N GLU B 262 30.17 -3.50 6.57
CA GLU B 262 31.12 -4.32 5.82
C GLU B 262 32.42 -3.56 5.55
N ASN B 263 32.67 -2.43 6.23
CA ASN B 263 33.80 -1.56 5.86
C ASN B 263 34.53 -0.99 7.06
N LYS B 264 35.84 -0.76 6.87
CA LYS B 264 36.79 -0.53 7.95
C LYS B 264 36.82 0.95 8.34
N TYR B 265 36.11 1.31 9.42
CA TYR B 265 36.16 2.64 10.03
C TYR B 265 35.73 2.54 11.50
N ASP B 266 36.01 3.61 12.27
CA ASP B 266 35.85 3.62 13.71
C ASP B 266 34.41 4.01 14.04
N VAL B 267 33.72 3.16 14.81
CA VAL B 267 32.28 3.24 14.97
C VAL B 267 31.94 3.51 16.43
N ALA B 268 32.92 4.07 17.15
CA ALA B 268 32.81 4.36 18.59
C ALA B 268 32.05 5.66 18.81
N ASP B 269 32.36 6.67 17.99
CA ASP B 269 31.67 7.94 18.00
C ASP B 269 30.58 7.92 16.94
N PRO B 270 29.35 8.39 17.26
CA PRO B 270 28.27 8.48 16.26
C PRO B 270 28.71 9.45 15.18
N PRO B 271 28.64 9.06 13.87
CA PRO B 271 28.91 9.99 12.78
C PRO B 271 27.73 10.95 12.64
N PRO B 272 27.85 12.06 11.89
CA PRO B 272 26.72 12.98 11.70
C PRO B 272 25.64 12.34 10.81
N PRO B 273 24.34 12.43 11.18
CA PRO B 273 23.29 11.83 10.38
C PRO B 273 23.39 12.16 8.89
N TRP B 274 23.66 13.44 8.61
CA TRP B 274 23.78 13.89 7.25
C TRP B 274 24.81 13.09 6.44
N GLN B 275 25.95 12.71 7.04
CA GLN B 275 27.03 12.08 6.29
C GLN B 275 26.73 10.61 6.04
N VAL B 276 25.96 10.03 6.95
CA VAL B 276 25.57 8.63 6.89
C VAL B 276 24.51 8.47 5.80
N TYR B 277 23.77 9.56 5.50
CA TYR B 277 22.78 9.59 4.42
C TYR B 277 23.29 10.27 3.15
N LEU B 278 24.58 10.60 3.11
CA LEU B 278 25.23 11.10 1.91
C LEU B 278 25.70 9.92 1.06
N LEU B 279 25.20 9.82 -0.17
CA LEU B 279 25.47 8.68 -1.03
C LEU B 279 26.95 8.62 -1.42
N ALA B 280 27.43 7.41 -1.72
CA ALA B 280 28.77 7.19 -2.23
C ALA B 280 28.78 7.66 -3.68
N ASN B 281 29.78 8.48 -4.06
CA ASN B 281 29.89 9.01 -5.41
C ASN B 281 30.15 7.88 -6.41
N LYS B 282 29.21 7.63 -7.34
CA LYS B 282 29.37 6.58 -8.33
C LYS B 282 28.96 7.07 -9.72
N PRO B 283 29.51 8.22 -10.22
CA PRO B 283 29.10 8.76 -11.51
C PRO B 283 29.50 7.80 -12.63
N GLY B 284 28.78 7.89 -13.74
CA GLY B 284 29.02 7.08 -14.91
C GLY B 284 27.79 7.14 -15.79
N SER B 285 27.69 6.16 -16.66
CA SER B 285 26.58 6.16 -17.57
C SER B 285 25.41 5.41 -16.93
N GLY B 286 24.17 5.75 -17.32
CA GLY B 286 22.93 5.09 -16.90
C GLY B 286 21.66 5.85 -17.26
N ASN B 287 20.50 5.36 -16.78
CA ASN B 287 19.19 5.90 -17.10
C ASN B 287 18.56 6.50 -15.84
N VAL B 288 19.29 6.43 -14.73
CA VAL B 288 18.91 7.16 -13.53
C VAL B 288 20.17 7.86 -13.03
N HIS B 289 20.01 9.09 -12.54
CA HIS B 289 21.10 9.88 -12.01
C HIS B 289 20.63 10.63 -10.77
N ILE B 290 21.21 10.29 -9.62
CA ILE B 290 20.86 11.00 -8.41
C ILE B 290 22.00 11.97 -8.11
N VAL B 291 21.71 13.26 -8.21
CA VAL B 291 22.63 14.29 -7.76
C VAL B 291 22.21 14.72 -6.37
N GLN B 292 23.13 14.61 -5.39
CA GLN B 292 22.83 14.93 -4.01
C GLN B 292 23.82 15.96 -3.47
N LYS B 293 23.32 16.81 -2.55
CA LYS B 293 23.97 17.93 -1.90
C LYS B 293 23.44 18.07 -0.48
N VAL B 294 24.34 18.38 0.45
CA VAL B 294 23.89 18.73 1.78
C VAL B 294 24.27 20.18 2.00
N PHE B 295 23.34 20.93 2.59
CA PHE B 295 23.59 22.31 2.91
C PHE B 295 23.42 22.52 4.40
N GLU B 296 24.25 23.43 4.93
CA GLU B 296 24.03 24.00 6.24
C GLU B 296 23.56 25.44 6.07
N GLY B 297 22.42 25.77 6.71
CA GLY B 297 21.78 27.06 6.50
C GLY B 297 21.10 27.17 5.12
N ASP B 298 21.15 28.38 4.53
CA ASP B 298 20.47 28.70 3.29
C ASP B 298 21.30 28.24 2.10
N PHE B 299 20.63 28.09 0.95
CA PHE B 299 21.28 27.50 -0.20
C PHE B 299 20.58 27.97 -1.46
N GLU B 300 21.31 27.88 -2.57
CA GLU B 300 20.68 27.94 -3.86
C GLU B 300 21.59 27.21 -4.82
N PHE B 301 21.01 26.71 -5.92
CA PHE B 301 21.80 26.13 -7.00
C PHE B 301 20.97 26.15 -8.29
N ASP B 302 21.64 25.91 -9.43
CA ASP B 302 21.02 26.05 -10.72
C ASP B 302 21.03 24.72 -11.47
N ILE B 303 19.99 24.50 -12.26
CA ILE B 303 19.98 23.42 -13.22
C ILE B 303 19.96 24.05 -14.60
N LEU B 304 20.81 23.53 -15.49
CA LEU B 304 21.05 24.20 -16.75
C LEU B 304 20.92 23.18 -17.87
N PHE B 305 19.90 23.33 -18.70
CA PHE B 305 19.71 22.36 -19.78
C PHE B 305 19.97 23.05 -21.12
N SER B 306 21.00 22.60 -21.84
CA SER B 306 21.32 23.18 -23.13
C SER B 306 21.14 22.13 -24.24
N SER B 307 20.18 22.44 -25.12
CA SER B 307 19.98 21.77 -26.38
C SER B 307 21.21 22.08 -27.21
N GLU B 308 21.84 21.05 -27.76
CA GLU B 308 23.05 21.28 -28.52
C GLU B 308 22.70 22.11 -29.75
N SER B 309 21.56 21.79 -30.39
CA SER B 309 21.16 22.47 -31.61
C SER B 309 20.81 23.96 -31.37
N ALA B 310 20.56 24.38 -30.11
CA ALA B 310 20.35 25.80 -29.83
C ALA B 310 21.61 26.64 -30.09
N GLY B 311 22.73 25.94 -30.38
CA GLY B 311 23.99 26.51 -30.84
C GLY B 311 24.78 27.21 -29.74
N LYS B 312 24.15 27.38 -28.55
CA LYS B 312 24.66 28.19 -27.46
C LYS B 312 24.42 27.46 -26.14
N GLU B 313 25.37 27.55 -25.21
CA GLU B 313 25.19 26.86 -23.94
C GLU B 313 24.55 27.82 -22.93
N VAL B 314 23.65 27.30 -22.10
CA VAL B 314 22.87 28.14 -21.20
C VAL B 314 23.68 28.40 -19.93
N THR B 315 23.73 29.65 -19.47
CA THR B 315 24.56 29.97 -18.33
C THR B 315 23.69 30.42 -17.16
N SER B 316 24.27 30.63 -15.97
CA SER B 316 23.43 31.20 -14.94
C SER B 316 23.06 32.66 -15.22
N LYS B 317 23.89 33.41 -15.97
CA LYS B 317 23.58 34.81 -16.28
C LYS B 317 22.42 34.81 -17.27
N ASP B 318 22.49 33.91 -18.25
CA ASP B 318 21.37 33.63 -19.12
C ASP B 318 20.06 33.47 -18.34
N LEU B 319 20.06 32.56 -17.34
CA LEU B 319 18.90 32.24 -16.51
C LEU B 319 18.38 33.50 -15.82
N GLU B 320 19.27 34.26 -15.14
CA GLU B 320 18.88 35.41 -14.33
C GLU B 320 18.26 36.46 -15.23
N ARG B 321 18.85 36.65 -16.42
CA ARG B 321 18.37 37.62 -17.39
C ARG B 321 16.95 37.25 -17.81
N GLU B 322 16.72 35.98 -18.20
CA GLU B 322 15.44 35.54 -18.76
C GLU B 322 14.36 35.45 -17.69
N VAL B 323 14.74 35.17 -16.44
CA VAL B 323 13.73 35.22 -15.39
C VAL B 323 13.14 36.63 -15.34
N LYS B 324 14.02 37.66 -15.32
CA LYS B 324 13.64 39.07 -15.18
C LYS B 324 12.75 39.47 -16.37
N GLN B 325 13.12 39.03 -17.57
CA GLN B 325 12.38 39.34 -18.79
C GLN B 325 11.01 38.64 -18.78
N ALA B 326 10.98 37.35 -18.40
CA ALA B 326 9.71 36.63 -18.27
C ALA B 326 8.75 37.32 -17.31
N THR B 327 9.22 37.77 -16.13
CA THR B 327 8.37 38.50 -15.20
C THR B 327 7.80 39.77 -15.83
N GLU B 328 8.64 40.55 -16.54
CA GLU B 328 8.13 41.74 -17.20
C GLU B 328 6.99 41.37 -18.14
N VAL B 329 7.18 40.36 -19.01
CA VAL B 329 6.18 40.03 -20.03
C VAL B 329 4.87 39.57 -19.38
N PHE B 330 4.98 38.78 -18.32
CA PHE B 330 3.81 38.20 -17.65
C PHE B 330 2.93 39.31 -17.09
N GLY B 331 3.57 40.32 -16.48
CA GLY B 331 2.86 41.43 -15.86
C GLY B 331 2.14 42.27 -16.91
N GLU B 332 2.83 42.60 -18.01
CA GLU B 332 2.24 43.37 -19.09
C GLU B 332 1.03 42.60 -19.60
N ARG B 333 1.26 41.33 -19.98
CA ARG B 333 0.20 40.50 -20.56
C ARG B 333 -1.00 40.31 -19.61
N PHE B 334 -0.76 40.19 -18.30
CA PHE B 334 -1.86 40.06 -17.37
C PHE B 334 -2.72 41.32 -17.38
N ALA B 335 -2.09 42.49 -17.48
CA ALA B 335 -2.82 43.76 -17.48
C ALA B 335 -3.74 43.84 -18.68
N ARG B 336 -3.28 43.40 -19.85
CA ARG B 336 -4.05 43.44 -21.09
C ARG B 336 -5.17 42.40 -20.97
N VAL B 337 -4.87 41.19 -20.49
CA VAL B 337 -5.78 40.09 -20.76
C VAL B 337 -6.77 39.98 -19.61
N PHE B 338 -6.30 40.21 -18.40
CA PHE B 338 -7.23 40.20 -17.26
C PHE B 338 -7.29 41.63 -16.75
N ASP B 339 -8.07 42.47 -17.43
CA ASP B 339 -8.25 43.88 -17.02
C ASP B 339 -9.30 43.87 -15.93
N LEU B 340 -8.87 43.89 -14.68
CA LEU B 340 -9.85 43.77 -13.59
C LEU B 340 -10.80 44.96 -13.61
N LYS B 341 -12.08 44.69 -13.44
CA LYS B 341 -13.06 45.79 -13.47
C LYS B 341 -13.48 46.11 -12.04
N ALA B 342 -14.16 47.23 -11.88
CA ALA B 342 -14.60 47.69 -10.57
C ALA B 342 -15.56 46.69 -9.94
N PRO B 343 -15.52 46.53 -8.60
CA PRO B 343 -14.63 47.29 -7.74
C PRO B 343 -13.33 46.58 -7.38
N PHE B 344 -12.73 45.88 -8.35
CA PHE B 344 -11.61 45.02 -8.00
C PHE B 344 -10.36 45.44 -8.76
N GLN B 345 -10.14 46.75 -8.92
CA GLN B 345 -8.92 47.25 -9.54
C GLN B 345 -7.80 47.36 -8.51
N GLY B 346 -8.11 47.11 -7.23
CA GLY B 346 -7.13 47.11 -6.17
C GLY B 346 -5.89 46.26 -6.48
N ASP B 347 -4.76 46.64 -5.88
CA ASP B 347 -3.53 45.89 -5.97
C ASP B 347 -3.76 44.51 -5.37
N ASN B 348 -4.62 44.45 -4.35
CA ASN B 348 -4.83 43.26 -3.55
C ASN B 348 -5.57 42.21 -4.39
N TYR B 349 -6.37 42.67 -5.35
CA TYR B 349 -7.14 41.79 -6.22
C TYR B 349 -6.31 41.37 -7.44
N LYS B 350 -5.44 42.26 -7.91
CA LYS B 350 -4.49 41.95 -8.94
C LYS B 350 -3.56 40.82 -8.46
N LYS B 351 -3.03 40.94 -7.22
CA LYS B 351 -2.14 39.94 -6.62
C LYS B 351 -2.89 38.62 -6.55
N PHE B 352 -4.15 38.70 -6.10
CA PHE B 352 -5.07 37.58 -6.01
C PHE B 352 -5.35 36.97 -7.39
N GLY B 353 -5.77 37.78 -8.36
CA GLY B 353 -6.00 37.24 -9.69
C GLY B 353 -4.77 36.56 -10.26
N LYS B 354 -3.58 37.16 -10.06
CA LYS B 354 -2.38 36.64 -10.66
C LYS B 354 -2.07 35.28 -10.06
N SER B 355 -2.50 35.13 -8.81
CA SER B 355 -2.28 33.88 -8.11
C SER B 355 -3.23 32.82 -8.64
N MET B 356 -4.54 33.14 -8.68
CA MET B 356 -5.52 32.15 -9.08
C MET B 356 -5.24 31.67 -10.49
N PHE B 357 -4.86 32.60 -11.37
CA PHE B 357 -4.59 32.26 -12.74
C PHE B 357 -3.30 31.44 -12.88
N SER B 358 -2.20 31.91 -12.27
CA SER B 358 -0.90 31.24 -12.38
C SER B 358 -1.01 29.79 -11.95
N ASN B 359 -1.66 29.55 -10.81
CA ASN B 359 -1.89 28.22 -10.29
C ASN B 359 -2.62 27.35 -11.29
N LEU B 360 -3.65 27.91 -11.94
CA LEU B 360 -4.47 27.18 -12.88
C LEU B 360 -3.60 26.74 -14.05
N ILE B 361 -2.90 27.69 -14.67
CA ILE B 361 -2.18 27.39 -15.90
C ILE B 361 -0.89 26.66 -15.54
N GLY B 362 -0.45 26.86 -14.30
CA GLY B 362 0.74 26.20 -13.82
C GLY B 362 0.50 24.72 -13.57
N GLY B 363 -0.78 24.34 -13.51
CA GLY B 363 -1.13 22.95 -13.29
C GLY B 363 -0.91 22.11 -14.56
N ILE B 364 -0.69 22.74 -15.72
CA ILE B 364 -0.68 21.91 -16.93
C ILE B 364 0.31 20.74 -16.77
N GLY B 365 -0.15 19.52 -17.03
CA GLY B 365 0.80 18.41 -17.02
C GLY B 365 0.83 17.72 -18.39
N TYR B 366 1.94 17.01 -18.66
CA TYR B 366 1.95 16.05 -19.73
C TYR B 366 1.91 14.62 -19.18
N PHE B 367 0.93 13.82 -19.65
CA PHE B 367 0.73 12.48 -19.13
C PHE B 367 0.80 11.41 -20.23
N TYR B 368 1.40 10.26 -19.90
CA TYR B 368 1.65 9.20 -20.87
C TYR B 368 1.54 7.82 -20.25
N GLY B 369 0.93 6.89 -21.01
CA GLY B 369 0.90 5.47 -20.67
C GLY B 369 -0.43 4.83 -21.02
N HIS B 370 -0.66 3.63 -20.50
CA HIS B 370 -1.88 2.90 -20.72
C HIS B 370 -3.00 3.35 -19.77
N SER B 371 -4.22 3.13 -20.24
CA SER B 371 -5.47 3.43 -19.54
C SER B 371 -6.13 2.10 -19.15
N LEU B 372 -6.95 2.09 -18.09
CA LEU B 372 -7.74 0.90 -17.81
C LEU B 372 -9.21 1.05 -18.24
N VAL B 373 -9.62 0.26 -19.24
CA VAL B 373 -10.95 0.33 -19.82
C VAL B 373 -11.60 -1.05 -19.83
N ASP B 374 -12.91 -1.09 -19.49
CA ASP B 374 -13.76 -2.24 -19.66
C ASP B 374 -14.35 -2.23 -21.08
N ARG B 375 -13.93 -3.18 -21.92
CA ARG B 375 -14.29 -3.13 -23.33
C ARG B 375 -15.30 -4.23 -23.66
N SER B 376 -16.05 -4.68 -22.63
CA SER B 376 -16.87 -5.86 -22.80
C SER B 376 -18.16 -5.53 -23.55
N TYR B 377 -18.58 -4.26 -23.46
CA TYR B 377 -19.89 -3.80 -23.83
C TYR B 377 -20.98 -4.76 -23.31
N ALA B 378 -20.80 -5.21 -22.05
CA ALA B 378 -21.80 -6.01 -21.37
C ALA B 378 -23.22 -5.48 -21.62
N PRO B 379 -24.19 -6.36 -21.98
CA PRO B 379 -25.62 -5.97 -22.03
C PRO B 379 -26.16 -5.28 -20.78
N GLU B 380 -25.58 -5.58 -19.61
CA GLU B 380 -26.07 -5.00 -18.36
C GLU B 380 -25.87 -3.49 -18.42
N TYR B 381 -24.84 -3.07 -19.16
CA TYR B 381 -24.44 -1.67 -19.29
C TYR B 381 -25.50 -0.82 -20.02
N ASP B 382 -26.37 -1.47 -20.84
CA ASP B 382 -27.50 -0.86 -21.52
C ASP B 382 -28.48 -0.25 -20.52
N GLU B 383 -28.52 -0.77 -19.30
CA GLU B 383 -29.34 -0.23 -18.23
C GLU B 383 -30.83 -0.26 -18.57
N GLU B 384 -31.33 -1.35 -19.13
CA GLU B 384 -32.75 -1.37 -19.59
C GLU B 384 -33.68 -1.83 -18.47
N ASN B 385 -33.16 -2.63 -17.56
CA ASN B 385 -34.01 -3.18 -16.48
C ASN B 385 -34.02 -2.27 -15.26
N GLU B 386 -35.03 -2.47 -14.40
CA GLU B 386 -35.10 -1.79 -13.09
C GLU B 386 -33.99 -2.44 -12.25
N GLY B 387 -33.36 -1.70 -11.36
CA GLY B 387 -32.22 -2.35 -10.67
C GLY B 387 -31.05 -2.50 -11.60
N PHE B 388 -30.89 -1.59 -12.56
CA PHE B 388 -29.80 -1.68 -13.56
C PHE B 388 -28.47 -1.54 -12.85
N TRP B 389 -28.49 -0.96 -11.66
CA TRP B 389 -27.22 -0.79 -10.95
C TRP B 389 -26.68 -2.11 -10.41
N GLU B 390 -27.58 -2.98 -9.93
CA GLU B 390 -27.25 -4.36 -9.60
C GLU B 390 -26.73 -5.09 -10.84
N ASP B 391 -27.41 -4.94 -11.97
CA ASP B 391 -26.96 -5.56 -13.20
C ASP B 391 -25.51 -5.13 -13.49
N ALA B 392 -25.20 -3.86 -13.14
CA ALA B 392 -23.92 -3.23 -13.44
C ALA B 392 -22.84 -3.86 -12.56
N ALA B 393 -23.15 -4.01 -11.26
CA ALA B 393 -22.22 -4.58 -10.29
C ALA B 393 -21.79 -5.99 -10.71
N GLU B 394 -22.70 -6.76 -11.31
CA GLU B 394 -22.41 -8.10 -11.78
C GLU B 394 -21.49 -8.06 -13.00
N ALA B 395 -21.85 -7.22 -13.98
CA ALA B 395 -21.05 -7.06 -15.18
C ALA B 395 -19.60 -6.73 -14.82
N ARG B 396 -19.42 -5.90 -13.76
CA ARG B 396 -18.10 -5.43 -13.33
C ARG B 396 -17.32 -6.60 -12.73
N ALA B 397 -18.05 -7.41 -11.94
CA ALA B 397 -17.52 -8.55 -11.21
C ALA B 397 -16.96 -9.60 -12.16
N ARG B 398 -17.26 -9.51 -13.47
CA ARG B 398 -16.68 -10.43 -14.43
C ARG B 398 -15.27 -9.99 -14.86
N HIS B 399 -14.83 -8.79 -14.40
CA HIS B 399 -13.49 -8.20 -14.55
C HIS B 399 -12.94 -8.34 -15.96
N GLN B 400 -13.59 -7.74 -16.95
CA GLN B 400 -13.10 -7.76 -18.31
C GLN B 400 -12.16 -6.60 -18.56
N GLU B 401 -12.00 -5.66 -17.61
CA GLU B 401 -11.15 -4.51 -17.91
C GLU B 401 -9.72 -4.95 -18.21
N ALA B 402 -9.09 -4.26 -19.17
CA ALA B 402 -7.69 -4.44 -19.53
C ALA B 402 -7.07 -3.07 -19.80
N LEU B 403 -5.75 -3.00 -19.60
CA LEU B 403 -4.99 -1.81 -19.95
C LEU B 403 -4.96 -1.67 -21.47
N GLU B 404 -5.22 -0.47 -21.98
CA GLU B 404 -5.03 -0.21 -23.41
C GLU B 404 -4.28 1.10 -23.58
N GLY B 405 -3.76 1.27 -24.80
CA GLY B 405 -2.94 2.42 -25.13
C GLY B 405 -1.62 1.98 -25.74
N PRO B 406 -0.49 2.71 -25.56
CA PRO B 406 -0.43 3.88 -24.66
C PRO B 406 -1.17 5.10 -25.22
N TYR B 407 -1.43 6.08 -24.36
CA TYR B 407 -2.07 7.32 -24.77
C TYR B 407 -1.31 8.49 -24.17
N GLU B 408 -1.50 9.69 -24.74
CA GLU B 408 -0.91 10.89 -24.17
C GLU B 408 -1.99 11.95 -23.93
N LEU B 409 -1.79 12.76 -22.89
CA LEU B 409 -2.70 13.86 -22.63
C LEU B 409 -1.89 15.07 -22.15
N PHE B 410 -2.06 16.18 -22.87
CA PHE B 410 -1.54 17.47 -22.42
C PHE B 410 -2.73 18.31 -21.93
N THR B 411 -2.85 18.55 -20.61
CA THR B 411 -4.07 19.15 -20.04
C THR B 411 -3.78 19.88 -18.72
N SER B 412 -4.61 20.84 -18.34
CA SER B 412 -4.49 21.31 -16.97
C SER B 412 -5.29 20.37 -16.08
N ILE B 413 -5.38 20.65 -14.76
CA ILE B 413 -5.79 19.65 -13.79
C ILE B 413 -6.47 20.35 -12.63
N PRO B 414 -7.37 19.66 -11.91
CA PRO B 414 -8.09 20.30 -10.82
C PRO B 414 -7.23 20.49 -9.58
N SER B 415 -6.30 19.57 -9.32
CA SER B 415 -5.70 19.57 -7.99
C SER B 415 -4.37 18.84 -7.93
N ARG B 416 -3.27 19.59 -7.72
CA ARG B 416 -1.94 19.03 -7.71
C ARG B 416 -1.78 17.97 -6.61
N PRO B 417 -2.18 18.22 -5.34
CA PRO B 417 -2.07 17.21 -4.28
C PRO B 417 -3.07 16.06 -4.31
N PHE B 418 -4.32 16.32 -4.71
CA PHE B 418 -5.36 15.30 -4.55
C PHE B 418 -5.71 14.62 -5.87
N PHE B 419 -5.88 15.37 -6.96
CA PHE B 419 -6.22 14.66 -8.19
C PHE B 419 -5.47 15.26 -9.38
N PRO B 420 -4.16 14.99 -9.51
CA PRO B 420 -3.38 15.60 -10.59
C PRO B 420 -3.56 14.84 -11.90
N ARG B 421 -4.76 14.92 -12.49
CA ARG B 421 -5.04 14.26 -13.75
C ARG B 421 -6.20 14.93 -14.47
N GLY B 422 -6.41 14.58 -15.76
CA GLY B 422 -7.44 15.21 -16.57
C GLY B 422 -8.86 14.78 -16.15
N PHE B 423 -9.75 15.75 -15.94
CA PHE B 423 -11.17 15.48 -15.79
C PHE B 423 -11.94 16.16 -16.92
N LEU B 424 -12.82 15.39 -17.60
CA LEU B 424 -13.41 15.79 -18.86
C LEU B 424 -14.19 17.12 -18.78
N TRP B 425 -15.13 17.31 -17.82
CA TRP B 425 -15.89 18.55 -17.82
C TRP B 425 -15.14 19.70 -17.11
N ASP B 426 -14.21 19.35 -16.20
CA ASP B 426 -13.38 20.32 -15.51
C ASP B 426 -12.56 21.09 -16.54
N GLU B 427 -12.11 20.39 -17.58
CA GLU B 427 -11.18 21.00 -18.51
C GLU B 427 -11.87 22.12 -19.31
N GLY B 428 -13.16 21.93 -19.66
CA GLY B 428 -13.95 22.97 -20.28
C GLY B 428 -13.93 24.28 -19.46
N PHE B 429 -13.97 24.19 -18.12
CA PHE B 429 -13.90 25.39 -17.30
C PHE B 429 -12.48 25.93 -17.17
N HIS B 430 -11.49 25.05 -16.97
CA HIS B 430 -10.07 25.39 -16.92
C HIS B 430 -9.66 26.25 -18.12
N LEU B 431 -10.14 25.87 -19.31
CA LEU B 431 -9.64 26.44 -20.54
C LEU B 431 -10.30 27.79 -20.83
N LEU B 432 -11.33 28.18 -20.07
CA LEU B 432 -11.96 29.45 -20.40
C LEU B 432 -10.97 30.59 -20.11
N PRO B 433 -10.38 30.69 -18.87
CA PRO B 433 -9.28 31.63 -18.60
C PRO B 433 -8.03 31.37 -19.44
N ILE B 434 -7.69 30.08 -19.63
CA ILE B 434 -6.48 29.79 -20.39
C ILE B 434 -6.61 30.28 -21.83
N ALA B 435 -7.81 30.14 -22.43
CA ALA B 435 -8.07 30.57 -23.79
C ALA B 435 -7.79 32.07 -23.93
N ASP B 436 -8.25 32.87 -22.95
CA ASP B 436 -8.05 34.32 -22.91
C ASP B 436 -6.56 34.64 -23.00
N TRP B 437 -5.79 34.01 -22.11
CA TRP B 437 -4.35 34.09 -22.12
C TRP B 437 -3.70 33.70 -23.44
N ASP B 438 -4.09 32.57 -24.02
CA ASP B 438 -3.29 31.94 -25.07
C ASP B 438 -4.19 30.95 -25.82
N ILE B 439 -4.88 31.45 -26.84
CA ILE B 439 -5.90 30.65 -27.52
C ILE B 439 -5.26 29.40 -28.15
N ASP B 440 -4.03 29.54 -28.65
CA ASP B 440 -3.33 28.44 -29.30
C ASP B 440 -3.00 27.33 -28.29
N LEU B 441 -2.67 27.71 -27.04
CA LEU B 441 -2.43 26.74 -25.97
C LEU B 441 -3.71 25.97 -25.64
N ALA B 442 -4.82 26.71 -25.58
CA ALA B 442 -6.12 26.11 -25.35
C ALA B 442 -6.44 25.15 -26.49
N LEU B 443 -6.11 25.55 -27.72
CA LEU B 443 -6.42 24.69 -28.87
C LEU B 443 -5.63 23.37 -28.85
N GLU B 444 -4.35 23.42 -28.43
CA GLU B 444 -3.58 22.19 -28.26
C GLU B 444 -4.21 21.27 -27.22
N ILE B 445 -4.59 21.81 -26.04
CA ILE B 445 -5.20 21.00 -25.00
C ILE B 445 -6.51 20.40 -25.53
N ILE B 446 -7.29 21.16 -26.32
CA ILE B 446 -8.49 20.58 -26.88
C ILE B 446 -8.11 19.46 -27.86
N LYS B 447 -7.06 19.67 -28.65
CA LYS B 447 -6.69 18.68 -29.64
C LYS B 447 -6.22 17.42 -28.90
N SER B 448 -5.52 17.60 -27.76
CA SER B 448 -5.00 16.49 -26.97
C SER B 448 -6.14 15.56 -26.53
N TRP B 449 -7.19 16.14 -25.92
CA TRP B 449 -8.37 15.43 -25.45
C TRP B 449 -9.13 14.70 -26.58
N TYR B 450 -9.44 15.41 -27.67
CA TYR B 450 -10.17 14.82 -28.78
C TYR B 450 -9.32 13.73 -29.46
N ASN B 451 -8.02 13.79 -29.19
CA ASN B 451 -7.16 12.74 -29.67
C ASN B 451 -7.40 11.44 -28.89
N LEU B 452 -8.03 11.51 -27.71
CA LEU B 452 -8.32 10.31 -26.96
C LEU B 452 -9.59 9.62 -27.47
N MET B 453 -10.48 10.39 -28.08
CA MET B 453 -11.76 9.83 -28.50
C MET B 453 -11.56 8.54 -29.28
N ASP B 454 -12.29 7.48 -28.90
CA ASP B 454 -12.33 6.22 -29.63
C ASP B 454 -13.23 6.38 -30.86
N GLU B 455 -13.42 5.28 -31.59
CA GLU B 455 -14.19 5.28 -32.81
C GLU B 455 -15.69 5.45 -32.56
N ASP B 456 -16.21 5.32 -31.34
CA ASP B 456 -17.63 5.56 -31.23
C ASP B 456 -17.92 6.99 -30.78
N GLY B 457 -16.89 7.73 -30.35
CA GLY B 457 -17.06 9.09 -29.86
C GLY B 457 -17.00 9.21 -28.34
N TRP B 458 -16.41 8.20 -27.68
CA TRP B 458 -16.24 8.24 -26.24
C TRP B 458 -14.82 8.72 -25.86
N ILE B 459 -14.77 9.59 -24.84
CA ILE B 459 -13.57 9.99 -24.14
C ILE B 459 -13.82 9.67 -22.67
N ALA B 460 -12.97 8.84 -22.04
CA ALA B 460 -13.14 8.56 -20.63
C ALA B 460 -13.14 9.88 -19.86
N ARG B 461 -13.97 9.99 -18.84
CA ARG B 461 -14.19 11.22 -18.13
C ARG B 461 -13.03 11.49 -17.19
N GLU B 462 -12.28 10.43 -16.83
CA GLU B 462 -11.11 10.60 -15.98
C GLU B 462 -9.93 9.87 -16.60
N GLN B 463 -8.87 10.61 -16.97
CA GLN B 463 -7.75 10.03 -17.68
C GLN B 463 -6.62 9.73 -16.70
N ILE B 464 -6.42 8.43 -16.43
CA ILE B 464 -5.31 7.95 -15.61
C ILE B 464 -4.27 7.27 -16.51
N LEU B 465 -3.28 8.04 -16.99
CA LEU B 465 -2.32 7.50 -17.96
C LEU B 465 -0.99 7.15 -17.28
N GLY B 466 -0.67 5.84 -17.28
CA GLY B 466 0.60 5.41 -16.73
C GLY B 466 0.52 4.93 -15.28
N ALA B 467 1.51 4.09 -14.94
CA ALA B 467 1.73 3.55 -13.62
C ALA B 467 1.86 4.70 -12.62
N GLU B 468 2.56 5.77 -13.01
CA GLU B 468 2.75 6.90 -12.12
C GLU B 468 1.40 7.56 -11.82
N ALA B 469 0.55 7.69 -12.85
CA ALA B 469 -0.75 8.32 -12.71
C ALA B 469 -1.61 7.42 -11.83
N ARG B 470 -1.45 6.11 -12.07
CA ARG B 470 -2.29 5.06 -11.50
C ARG B 470 -2.00 4.92 -10.01
N SER B 471 -0.77 5.23 -9.59
CA SER B 471 -0.37 5.00 -8.21
C SER B 471 -1.11 5.93 -7.26
N LYS B 472 -1.83 6.92 -7.79
CA LYS B 472 -2.46 7.91 -6.92
C LYS B 472 -3.95 7.59 -6.78
N VAL B 473 -4.42 6.51 -7.40
CA VAL B 473 -5.85 6.25 -7.61
C VAL B 473 -6.16 4.84 -7.10
N PRO B 474 -7.03 4.72 -6.08
CA PRO B 474 -7.43 3.41 -5.56
C PRO B 474 -8.05 2.61 -6.71
N LYS B 475 -7.83 1.30 -6.71
CA LYS B 475 -8.16 0.49 -7.87
C LYS B 475 -9.66 0.50 -8.18
N GLU B 476 -10.55 0.71 -7.21
CA GLU B 476 -11.97 0.75 -7.57
C GLU B 476 -12.31 1.95 -8.44
N PHE B 477 -11.45 2.97 -8.50
CA PHE B 477 -11.78 4.11 -9.34
C PHE B 477 -11.02 4.14 -10.67
N GLN B 478 -10.22 3.12 -11.01
CA GLN B 478 -9.35 3.22 -12.17
C GLN B 478 -10.10 2.90 -13.46
N THR B 479 -10.96 1.88 -13.43
CA THR B 479 -11.54 1.37 -14.67
C THR B 479 -12.48 2.41 -15.26
N GLN B 480 -12.37 2.64 -16.56
CA GLN B 480 -13.22 3.63 -17.25
C GLN B 480 -14.24 2.86 -18.08
N TYR B 481 -15.50 3.31 -18.06
CA TYR B 481 -16.57 2.59 -18.77
C TYR B 481 -17.00 3.37 -20.00
N PRO B 482 -17.03 2.72 -21.18
CA PRO B 482 -17.41 3.36 -22.42
C PRO B 482 -18.85 3.88 -22.59
N HIS B 483 -19.75 3.58 -21.66
CA HIS B 483 -21.12 4.11 -21.71
C HIS B 483 -21.23 5.26 -20.72
N TYR B 484 -20.13 5.68 -20.11
CA TYR B 484 -20.16 6.74 -19.09
C TYR B 484 -19.81 8.09 -19.69
N ALA B 485 -20.68 9.08 -19.54
CA ALA B 485 -20.38 10.39 -20.11
C ALA B 485 -19.92 11.37 -19.02
N ASN B 486 -19.85 12.65 -19.40
CA ASN B 486 -19.46 13.78 -18.59
C ASN B 486 -19.89 15.02 -19.37
N PRO B 487 -20.29 16.14 -18.71
CA PRO B 487 -20.73 17.30 -19.45
C PRO B 487 -19.74 17.75 -20.51
N PRO B 488 -20.21 18.08 -21.74
CA PRO B 488 -19.34 18.49 -22.84
C PRO B 488 -18.89 19.96 -22.80
N THR B 489 -18.28 20.36 -21.67
CA THR B 489 -17.95 21.75 -21.46
C THR B 489 -16.86 22.23 -22.43
N LEU B 490 -16.11 21.32 -23.07
CA LEU B 490 -15.08 21.79 -23.99
C LEU B 490 -15.73 22.56 -25.14
N PHE B 491 -16.98 22.24 -25.47
CA PHE B 491 -17.73 23.04 -26.44
C PHE B 491 -17.80 24.53 -26.05
N LEU B 492 -17.90 24.85 -24.74
CA LEU B 492 -17.97 26.26 -24.38
C LEU B 492 -16.70 26.99 -24.83
N VAL B 493 -15.53 26.33 -24.67
CA VAL B 493 -14.29 26.97 -25.11
C VAL B 493 -14.38 27.19 -26.61
N LEU B 494 -14.87 26.17 -27.32
CA LEU B 494 -14.90 26.27 -28.77
C LEU B 494 -15.80 27.45 -29.14
N ASP B 495 -16.89 27.66 -28.39
CA ASP B 495 -17.79 28.78 -28.63
C ASP B 495 -17.04 30.11 -28.57
N ASN B 496 -16.25 30.32 -27.51
CA ASN B 496 -15.53 31.59 -27.40
C ASN B 496 -14.51 31.74 -28.51
N PHE B 497 -13.91 30.62 -28.92
CA PHE B 497 -12.97 30.68 -30.01
C PHE B 497 -13.65 31.11 -31.32
N VAL B 498 -14.87 30.60 -31.60
CA VAL B 498 -15.62 30.92 -32.81
C VAL B 498 -15.91 32.43 -32.80
N GLU B 499 -16.44 32.89 -31.66
CA GLU B 499 -16.69 34.29 -31.37
C GLU B 499 -15.49 35.09 -31.85
N ARG B 500 -14.32 34.76 -31.29
CA ARG B 500 -13.07 35.37 -31.67
C ARG B 500 -12.83 35.33 -33.18
N LEU B 501 -13.05 34.20 -33.86
CA LEU B 501 -12.82 34.22 -35.30
C LEU B 501 -13.76 35.17 -36.04
N ARG B 502 -15.03 35.28 -35.61
CA ARG B 502 -15.96 36.27 -36.17
C ARG B 502 -15.31 37.67 -36.15
N LYS B 503 -14.97 38.18 -34.94
CA LYS B 503 -14.50 39.55 -34.69
C LYS B 503 -13.34 40.01 -35.62
N THR B 520 3.80 36.38 -32.60
CA THR B 520 3.52 35.77 -31.25
C THR B 520 2.59 34.57 -31.39
N LEU B 521 3.10 33.38 -31.05
CA LEU B 521 2.42 32.12 -31.35
C LEU B 521 1.08 31.94 -30.62
N SER B 522 0.90 32.61 -29.47
CA SER B 522 -0.31 32.57 -28.66
C SER B 522 -1.57 32.77 -29.48
N THR B 523 -1.50 33.59 -30.54
CA THR B 523 -2.72 33.98 -31.24
C THR B 523 -2.66 33.67 -32.74
N ALA B 524 -1.68 32.87 -33.17
CA ALA B 524 -1.47 32.55 -34.58
C ALA B 524 -2.79 32.15 -35.20
N SER B 525 -3.63 31.49 -34.42
CA SER B 525 -4.82 30.82 -34.94
C SER B 525 -5.99 31.79 -35.14
N VAL B 526 -5.96 32.98 -34.50
CA VAL B 526 -7.00 33.97 -34.74
C VAL B 526 -6.44 35.04 -35.67
N ASP B 527 -5.14 35.34 -35.51
CA ASP B 527 -4.48 36.39 -36.25
C ASP B 527 -4.63 36.11 -37.73
N ASN B 528 -4.38 34.87 -38.14
CA ASN B 528 -4.71 34.50 -39.49
C ASN B 528 -5.85 33.49 -39.38
N PRO B 529 -7.13 33.92 -39.52
CA PRO B 529 -8.27 33.01 -39.32
C PRO B 529 -8.40 31.81 -40.28
N GLU B 530 -7.65 31.78 -41.37
CA GLU B 530 -7.55 30.55 -42.15
C GLU B 530 -7.09 29.40 -41.26
N VAL B 531 -6.16 29.71 -40.34
CA VAL B 531 -5.52 28.77 -39.45
C VAL B 531 -6.59 28.25 -38.50
N GLY B 532 -7.28 29.18 -37.83
CA GLY B 532 -8.39 28.88 -36.94
C GLY B 532 -9.43 28.01 -37.63
N LEU B 533 -9.79 28.39 -38.86
CA LEU B 533 -10.85 27.72 -39.61
C LEU B 533 -10.45 26.30 -40.00
N GLU B 534 -9.17 26.09 -40.30
CA GLU B 534 -8.74 24.75 -40.66
C GLU B 534 -8.76 23.86 -39.41
N TYR B 535 -8.32 24.42 -38.28
CA TYR B 535 -8.36 23.70 -37.04
C TYR B 535 -9.79 23.18 -36.78
N LEU B 536 -10.80 24.06 -36.93
CA LEU B 536 -12.19 23.66 -36.77
C LEU B 536 -12.56 22.62 -37.82
N ARG B 537 -12.09 22.83 -39.06
CA ARG B 537 -12.43 21.92 -40.13
C ARG B 537 -11.95 20.52 -39.77
N ARG B 538 -10.86 20.43 -39.00
CA ARG B 538 -10.30 19.13 -38.72
C ARG B 538 -10.92 18.55 -37.46
N LEU B 539 -11.41 19.40 -36.55
CA LEU B 539 -11.96 18.94 -35.28
C LEU B 539 -13.44 18.58 -35.44
N TYR B 540 -14.18 19.34 -36.27
CA TYR B 540 -15.62 19.19 -36.43
C TYR B 540 -16.10 17.74 -36.55
N PRO B 541 -15.51 16.85 -37.41
CA PRO B 541 -15.95 15.46 -37.47
C PRO B 541 -15.95 14.74 -36.12
N LEU B 542 -14.94 14.99 -35.27
CA LEU B 542 -14.92 14.40 -33.94
C LEU B 542 -16.03 14.96 -33.04
N LEU B 543 -16.31 16.28 -33.17
CA LEU B 543 -17.38 16.96 -32.44
C LEU B 543 -18.72 16.37 -32.85
N ARG B 544 -18.92 16.14 -34.15
CA ARG B 544 -20.11 15.51 -34.70
C ARG B 544 -20.22 14.10 -34.10
N ARG B 545 -19.10 13.38 -34.12
CA ARG B 545 -19.07 12.05 -33.56
C ARG B 545 -19.56 12.05 -32.11
N GLN B 546 -19.00 12.95 -31.28
CA GLN B 546 -19.32 12.88 -29.86
C GLN B 546 -20.80 13.19 -29.65
N PHE B 547 -21.32 14.09 -30.49
CA PHE B 547 -22.72 14.47 -30.49
C PHE B 547 -23.58 13.23 -30.77
N ASP B 548 -23.26 12.54 -31.88
CA ASP B 548 -23.89 11.30 -32.25
C ASP B 548 -23.88 10.30 -31.09
N TRP B 549 -22.70 10.15 -30.47
CA TRP B 549 -22.45 9.21 -29.39
C TRP B 549 -23.33 9.56 -28.19
N PHE B 550 -23.56 10.86 -27.97
CA PHE B 550 -24.37 11.26 -26.84
C PHE B 550 -25.80 10.82 -27.07
N ARG B 551 -26.30 11.10 -28.28
CA ARG B 551 -27.70 10.85 -28.60
C ARG B 551 -27.95 9.34 -28.67
N LYS B 552 -26.90 8.58 -29.00
CA LYS B 552 -26.99 7.14 -29.18
C LYS B 552 -26.96 6.43 -27.83
N THR B 553 -26.01 6.80 -26.95
CA THR B 553 -25.67 6.06 -25.74
C THR B 553 -26.32 6.65 -24.48
N GLN B 554 -26.88 7.87 -24.53
CA GLN B 554 -27.48 8.47 -23.32
C GLN B 554 -28.96 8.79 -23.58
N ALA B 555 -29.52 8.11 -24.59
CA ALA B 555 -30.92 8.25 -24.93
C ALA B 555 -31.78 7.95 -23.71
N GLY B 556 -32.80 8.79 -23.47
CA GLY B 556 -33.91 8.49 -22.58
C GLY B 556 -35.06 7.83 -23.34
N ASP B 557 -36.19 7.65 -22.65
CA ASP B 557 -37.25 6.81 -23.18
C ASP B 557 -38.58 7.56 -23.12
N ILE B 558 -39.10 7.88 -24.31
CA ILE B 558 -40.41 8.49 -24.43
C ILE B 558 -41.40 7.41 -24.91
N LYS B 559 -41.00 6.66 -25.95
CA LYS B 559 -41.80 5.73 -26.75
C LYS B 559 -42.45 4.65 -25.88
N SER B 560 -41.72 4.13 -24.90
CA SER B 560 -42.18 2.92 -24.25
C SER B 560 -43.00 3.21 -22.99
N TYR B 561 -43.35 4.46 -22.75
CA TYR B 561 -44.18 4.77 -21.59
C TYR B 561 -45.36 5.67 -21.97
N ASP B 562 -46.14 6.05 -20.95
CA ASP B 562 -47.24 6.99 -21.09
C ASP B 562 -46.67 8.41 -21.08
N ARG B 563 -46.18 8.88 -22.25
CA ARG B 563 -45.39 10.10 -22.29
C ARG B 563 -45.72 10.92 -23.54
N GLU B 564 -46.23 12.11 -23.29
CA GLU B 564 -46.60 13.02 -24.38
C GLU B 564 -45.51 14.11 -24.48
N ALA B 565 -44.94 14.23 -25.69
CA ALA B 565 -43.90 15.19 -25.95
C ALA B 565 -43.98 15.68 -27.39
N TYR B 566 -43.70 16.98 -27.56
CA TYR B 566 -43.58 17.59 -28.87
C TYR B 566 -42.70 16.72 -29.77
N SER B 567 -41.56 16.26 -29.24
CA SER B 567 -40.66 15.36 -29.95
C SER B 567 -40.65 14.01 -29.25
N THR B 568 -40.52 12.92 -30.01
CA THR B 568 -40.45 11.62 -29.33
C THR B 568 -39.01 11.15 -29.27
N LYS B 569 -38.08 11.92 -29.87
CA LYS B 569 -36.68 11.55 -29.95
C LYS B 569 -35.89 12.24 -28.82
N GLU B 570 -36.13 13.53 -28.53
CA GLU B 570 -35.26 14.29 -27.63
C GLU B 570 -35.54 13.96 -26.16
N ALA B 571 -34.91 12.90 -25.65
CA ALA B 571 -34.92 12.66 -24.22
C ALA B 571 -33.60 12.04 -23.78
N TYR B 572 -33.22 12.29 -22.52
CA TYR B 572 -31.85 12.02 -22.11
C TYR B 572 -31.80 11.49 -20.68
N ARG B 573 -30.98 10.43 -20.51
CA ARG B 573 -30.71 9.81 -19.21
C ARG B 573 -29.21 9.46 -19.05
N TRP B 574 -28.59 10.02 -17.99
CA TRP B 574 -27.21 9.73 -17.62
C TRP B 574 -27.04 8.24 -17.35
N ARG B 575 -26.39 7.52 -18.27
CA ARG B 575 -25.91 6.21 -17.86
C ARG B 575 -25.01 6.37 -16.62
N GLY B 576 -24.95 5.30 -15.81
CA GLY B 576 -23.92 5.14 -14.81
C GLY B 576 -24.42 5.56 -13.44
N ARG B 577 -25.74 5.65 -13.23
CA ARG B 577 -26.02 6.01 -11.85
C ARG B 577 -26.10 4.79 -10.94
N THR B 578 -26.10 5.12 -9.64
CA THR B 578 -26.20 4.13 -8.58
C THR B 578 -27.16 4.73 -7.56
N VAL B 579 -27.39 4.05 -6.46
CA VAL B 579 -28.53 4.46 -5.65
C VAL B 579 -28.42 5.93 -5.18
N SER B 580 -27.27 6.36 -4.68
CA SER B 580 -27.15 7.68 -4.06
C SER B 580 -26.43 8.72 -4.95
N HIS B 581 -26.21 8.41 -6.22
CA HIS B 581 -25.18 9.16 -6.91
C HIS B 581 -25.43 9.20 -8.40
N CYS B 582 -24.79 10.19 -9.04
CA CYS B 582 -24.71 10.30 -10.48
C CYS B 582 -23.40 10.98 -10.85
N LEU B 583 -22.31 10.19 -10.83
CA LEU B 583 -20.97 10.75 -10.97
C LEU B 583 -20.70 11.28 -12.39
N THR B 584 -21.22 10.58 -13.40
CA THR B 584 -21.06 10.99 -14.78
C THR B 584 -21.57 12.42 -15.00
N SER B 585 -22.60 12.81 -14.25
CA SER B 585 -23.24 14.10 -14.48
C SER B 585 -22.34 15.22 -13.97
N GLY B 586 -21.39 14.87 -13.08
CA GLY B 586 -20.49 15.85 -12.50
C GLY B 586 -20.98 16.37 -11.16
N LEU B 587 -22.28 16.33 -10.92
CA LEU B 587 -22.77 16.79 -9.63
C LEU B 587 -23.09 15.55 -8.82
N ASP B 588 -22.04 14.98 -8.19
CA ASP B 588 -21.96 13.62 -7.72
C ASP B 588 -23.21 13.16 -6.98
N ASP B 589 -23.61 13.88 -5.92
CA ASP B 589 -24.63 13.40 -4.97
C ASP B 589 -25.90 14.27 -5.00
N TYR B 590 -26.03 15.07 -6.06
CA TYR B 590 -27.20 15.92 -6.17
C TYR B 590 -28.43 15.00 -6.22
N PRO B 591 -29.46 15.29 -5.39
CA PRO B 591 -30.64 14.43 -5.30
C PRO B 591 -31.25 14.21 -6.67
N ARG B 592 -31.46 12.93 -7.02
CA ARG B 592 -32.05 12.48 -8.27
C ARG B 592 -33.29 11.64 -7.94
N PRO B 593 -34.11 11.13 -8.90
CA PRO B 593 -35.32 10.38 -8.53
C PRO B 593 -34.97 9.12 -7.76
N GLN B 594 -35.71 8.81 -6.69
CA GLN B 594 -35.50 7.57 -5.94
C GLN B 594 -36.60 6.58 -6.33
N PRO B 595 -36.29 5.30 -6.67
CA PRO B 595 -34.92 4.85 -6.85
C PRO B 595 -34.48 5.28 -8.25
N PRO B 596 -33.21 5.04 -8.62
CA PRO B 596 -32.80 5.10 -10.02
C PRO B 596 -33.73 4.20 -10.81
N HIS B 597 -33.83 4.44 -12.12
CA HIS B 597 -34.83 3.76 -12.95
C HIS B 597 -34.52 4.06 -14.42
N PRO B 598 -34.70 3.11 -15.35
CA PRO B 598 -34.46 3.34 -16.78
C PRO B 598 -35.36 4.36 -17.50
N GLY B 599 -36.39 4.84 -16.81
CA GLY B 599 -37.32 5.80 -17.37
C GLY B 599 -37.07 7.20 -16.80
N GLU B 600 -35.94 7.32 -16.08
CA GLU B 600 -35.40 8.59 -15.65
C GLU B 600 -35.11 9.44 -16.89
N LEU B 601 -35.30 10.76 -16.72
CA LEU B 601 -34.87 11.76 -17.67
C LEU B 601 -34.24 12.91 -16.89
N HIS B 602 -32.96 13.22 -17.22
CA HIS B 602 -32.21 14.27 -16.54
C HIS B 602 -32.17 15.54 -17.37
N VAL B 603 -32.60 16.65 -16.76
CA VAL B 603 -32.78 17.95 -17.41
C VAL B 603 -31.42 18.58 -17.74
N ASP B 604 -30.42 18.40 -16.86
CA ASP B 604 -29.07 18.87 -17.12
C ASP B 604 -28.48 18.19 -18.37
N LEU B 605 -28.72 16.89 -18.54
CA LEU B 605 -28.09 16.25 -19.67
C LEU B 605 -28.72 16.76 -20.95
N MET B 606 -30.04 17.03 -20.91
CA MET B 606 -30.70 17.49 -22.13
C MET B 606 -30.13 18.87 -22.49
N SER B 607 -30.10 19.77 -21.51
CA SER B 607 -29.32 20.99 -21.61
C SER B 607 -27.97 20.80 -22.33
N TRP B 608 -27.07 19.93 -21.83
CA TRP B 608 -25.76 19.77 -22.48
C TRP B 608 -25.93 19.39 -23.95
N VAL B 609 -26.97 18.63 -24.29
CA VAL B 609 -27.15 18.35 -25.71
C VAL B 609 -27.53 19.66 -26.42
N GLY B 610 -28.38 20.48 -25.76
CA GLY B 610 -28.65 21.86 -26.16
C GLY B 610 -27.36 22.63 -26.50
N VAL B 611 -26.44 22.66 -25.52
CA VAL B 611 -25.13 23.27 -25.67
C VAL B 611 -24.39 22.78 -26.92
N MET B 612 -24.36 21.45 -27.13
CA MET B 612 -23.53 20.90 -28.19
C MET B 612 -24.14 21.24 -29.55
N VAL B 613 -25.48 21.20 -29.59
CA VAL B 613 -26.18 21.45 -30.84
C VAL B 613 -25.97 22.92 -31.19
N LYS B 614 -26.07 23.81 -30.19
CA LYS B 614 -25.82 25.21 -30.53
C LYS B 614 -24.43 25.36 -31.12
N SER B 615 -23.41 24.78 -30.44
CA SER B 615 -22.04 24.90 -30.92
C SER B 615 -21.89 24.45 -32.36
N LEU B 616 -22.53 23.31 -32.70
CA LEU B 616 -22.34 22.70 -34.01
C LEU B 616 -23.05 23.50 -35.11
N ILE B 617 -24.19 24.13 -34.76
CA ILE B 617 -24.80 25.10 -35.66
C ILE B 617 -23.78 26.18 -36.07
N SER B 618 -23.14 26.87 -35.10
CA SER B 618 -22.11 27.86 -35.45
C SER B 618 -21.02 27.26 -36.31
N ILE B 619 -20.37 26.18 -35.81
CA ILE B 619 -19.16 25.67 -36.41
C ILE B 619 -19.50 25.09 -37.78
N GLY B 620 -20.61 24.33 -37.84
CA GLY B 620 -20.99 23.69 -39.08
C GLY B 620 -21.25 24.77 -40.13
N SER B 621 -21.85 25.87 -39.67
CA SER B 621 -22.19 26.96 -40.55
C SER B 621 -20.93 27.66 -41.08
N LEU B 622 -19.97 27.91 -40.19
CA LEU B 622 -18.64 28.39 -40.59
C LEU B 622 -17.97 27.53 -41.66
N LEU B 623 -18.33 26.25 -41.77
CA LEU B 623 -17.60 25.32 -42.62
C LEU B 623 -18.43 25.00 -43.87
N GLY B 624 -19.69 25.49 -43.89
CA GLY B 624 -20.66 25.23 -44.94
C GLY B 624 -21.18 23.78 -44.97
N ALA B 625 -21.23 23.11 -43.82
CA ALA B 625 -21.94 21.86 -43.71
C ALA B 625 -23.45 22.11 -43.66
N THR B 626 -24.04 22.46 -44.82
CA THR B 626 -25.39 23.02 -44.84
C THR B 626 -26.40 21.92 -44.54
N GLU B 627 -26.15 20.72 -45.07
CA GLU B 627 -26.97 19.55 -44.76
C GLU B 627 -26.95 19.25 -43.25
N ASP B 628 -25.80 19.49 -42.59
CA ASP B 628 -25.69 19.25 -41.16
C ASP B 628 -26.53 20.27 -40.39
N VAL B 629 -26.51 21.54 -40.82
CA VAL B 629 -27.17 22.64 -40.11
C VAL B 629 -28.70 22.46 -40.10
N GLU B 630 -29.29 21.92 -41.19
CA GLU B 630 -30.72 21.65 -41.26
C GLU B 630 -31.08 20.68 -40.13
N PHE B 631 -30.23 19.65 -39.96
CA PHE B 631 -30.47 18.62 -38.97
C PHE B 631 -30.31 19.16 -37.54
N TYR B 632 -29.21 19.90 -37.26
CA TYR B 632 -29.00 20.44 -35.92
C TYR B 632 -30.16 21.34 -35.53
N THR B 633 -30.62 22.12 -36.52
CA THR B 633 -31.72 23.05 -36.36
C THR B 633 -32.95 22.30 -35.81
N LYS B 634 -33.31 21.21 -36.49
CA LYS B 634 -34.45 20.42 -36.08
C LYS B 634 -34.25 19.93 -34.64
N VAL B 635 -33.02 19.53 -34.30
CA VAL B 635 -32.79 18.94 -32.99
C VAL B 635 -32.97 20.02 -31.93
N LEU B 636 -32.40 21.20 -32.22
CA LEU B 636 -32.45 22.28 -31.26
C LEU B 636 -33.91 22.62 -30.98
N ASP B 637 -34.71 22.71 -32.05
CA ASP B 637 -36.12 23.02 -31.94
C ASP B 637 -36.83 22.00 -31.05
N ALA B 638 -36.57 20.70 -31.29
CA ALA B 638 -37.06 19.61 -30.46
C ALA B 638 -36.70 19.81 -28.99
N ILE B 639 -35.45 20.22 -28.74
CA ILE B 639 -34.94 20.19 -27.37
C ILE B 639 -35.68 21.25 -26.57
N GLU B 640 -35.97 22.35 -27.26
CA GLU B 640 -36.50 23.57 -26.67
C GLU B 640 -37.91 23.27 -26.21
N HIS B 641 -38.62 22.51 -27.03
CA HIS B 641 -39.96 22.05 -26.70
C HIS B 641 -39.91 21.03 -25.55
N ASN B 642 -39.07 19.98 -25.74
CA ASN B 642 -39.09 18.82 -24.87
C ASN B 642 -38.71 19.18 -23.43
N LEU B 643 -37.77 20.11 -23.28
CA LEU B 643 -37.42 20.69 -22.00
C LEU B 643 -38.69 21.19 -21.30
N ASP B 644 -39.61 21.79 -22.07
CA ASP B 644 -40.83 22.31 -21.46
C ASP B 644 -41.76 21.13 -21.18
N ASP B 645 -42.00 20.34 -22.25
CA ASP B 645 -42.82 19.15 -22.21
C ASP B 645 -42.45 18.20 -21.08
N LEU B 646 -41.17 17.80 -20.98
CA LEU B 646 -40.74 16.71 -20.10
C LEU B 646 -40.20 17.19 -18.76
N HIS B 647 -39.83 18.48 -18.61
CA HIS B 647 -39.12 18.85 -17.39
C HIS B 647 -39.66 20.09 -16.68
N TRP B 648 -40.49 20.89 -17.34
CA TRP B 648 -40.96 22.10 -16.69
C TRP B 648 -42.03 21.74 -15.68
N SER B 649 -41.91 22.28 -14.46
CA SER B 649 -42.92 22.12 -13.43
C SER B 649 -43.59 23.46 -13.18
N GLU B 650 -44.82 23.54 -13.68
CA GLU B 650 -45.71 24.65 -13.39
C GLU B 650 -45.83 24.87 -11.88
N LYS B 651 -46.04 23.80 -11.08
CA LYS B 651 -46.18 23.93 -9.64
C LYS B 651 -44.95 24.58 -8.97
N GLU B 652 -43.76 24.09 -9.31
CA GLU B 652 -42.51 24.50 -8.62
C GLU B 652 -41.87 25.75 -9.20
N GLY B 653 -42.19 26.12 -10.43
CA GLY B 653 -41.58 27.33 -11.02
C GLY B 653 -40.15 27.07 -11.43
N CYS B 654 -39.84 25.83 -11.75
CA CYS B 654 -38.47 25.43 -12.14
C CYS B 654 -38.49 24.19 -13.01
N TYR B 655 -37.34 23.80 -13.52
CA TYR B 655 -37.18 22.58 -14.34
C TYR B 655 -36.79 21.43 -13.41
N CYS B 656 -37.34 20.25 -13.62
CA CYS B 656 -37.00 19.10 -12.75
C CYS B 656 -36.63 17.89 -13.61
N ASP B 657 -35.93 16.92 -13.00
CA ASP B 657 -35.72 15.59 -13.55
C ASP B 657 -37.06 14.83 -13.59
N ALA B 658 -37.17 13.84 -14.48
CA ALA B 658 -38.37 13.00 -14.50
C ALA B 658 -38.04 11.53 -14.21
N THR B 659 -39.00 10.80 -13.63
CA THR B 659 -38.92 9.33 -13.60
C THR B 659 -40.22 8.76 -14.13
N ILE B 660 -40.34 7.44 -13.94
CA ILE B 660 -41.55 6.65 -13.90
C ILE B 660 -41.67 6.09 -12.48
N ASP B 661 -42.78 6.45 -11.80
CA ASP B 661 -42.99 6.08 -10.40
C ASP B 661 -43.61 4.70 -10.30
N GLU B 662 -43.97 4.32 -9.06
CA GLU B 662 -44.46 2.99 -8.74
C GLU B 662 -45.70 2.61 -9.55
N PHE B 663 -46.55 3.59 -9.88
CA PHE B 663 -47.79 3.35 -10.61
C PHE B 663 -47.57 3.32 -12.13
N GLU B 664 -46.30 3.29 -12.56
CA GLU B 664 -45.87 3.36 -13.97
C GLU B 664 -46.22 4.71 -14.60
N GLU B 665 -46.20 5.77 -13.77
CA GLU B 665 -46.54 7.13 -14.19
C GLU B 665 -45.31 8.03 -14.29
N HIS B 666 -45.22 8.79 -15.39
CA HIS B 666 -44.38 9.96 -15.53
C HIS B 666 -44.60 10.94 -14.36
N LYS B 667 -43.54 11.16 -13.58
CA LYS B 667 -43.55 12.05 -12.43
C LYS B 667 -42.32 12.97 -12.48
N LEU B 668 -42.51 14.24 -12.16
CA LEU B 668 -41.37 15.11 -12.01
C LEU B 668 -40.82 14.98 -10.59
N VAL B 669 -39.49 15.05 -10.46
CA VAL B 669 -38.90 15.06 -9.13
C VAL B 669 -38.16 16.38 -8.98
N CYS B 670 -38.70 17.28 -8.17
CA CYS B 670 -38.08 18.59 -8.07
C CYS B 670 -37.23 18.63 -6.82
N HIS B 671 -35.95 18.96 -7.02
CA HIS B 671 -35.08 19.39 -5.95
C HIS B 671 -34.47 20.72 -6.35
N LYS B 672 -35.02 21.79 -5.77
CA LYS B 672 -34.67 23.13 -6.20
C LYS B 672 -33.19 23.39 -5.88
N GLY B 673 -32.42 23.53 -6.96
CA GLY B 673 -30.99 23.75 -6.87
C GLY B 673 -30.36 23.93 -8.26
N TYR B 674 -29.07 23.59 -8.39
CA TYR B 674 -28.39 23.85 -9.66
C TYR B 674 -29.11 23.17 -10.81
N ILE B 675 -29.53 21.91 -10.59
CA ILE B 675 -30.11 21.14 -11.68
C ILE B 675 -31.34 21.87 -12.21
N SER B 676 -32.04 22.55 -11.31
CA SER B 676 -33.32 23.14 -11.66
C SER B 676 -33.15 24.39 -12.53
N LEU B 677 -31.91 24.89 -12.65
CA LEU B 677 -31.56 26.10 -13.37
C LEU B 677 -30.96 25.77 -14.73
N PHE B 678 -30.75 24.48 -15.03
CA PHE B 678 -29.86 24.08 -16.12
C PHE B 678 -30.17 24.72 -17.48
N PRO B 679 -31.42 24.70 -18.00
CA PRO B 679 -31.70 25.32 -19.29
C PRO B 679 -31.20 26.77 -19.30
N PHE B 680 -31.32 27.43 -18.14
CA PHE B 680 -30.80 28.77 -17.97
C PHE B 680 -29.26 28.81 -17.99
N LEU B 681 -28.61 28.03 -17.12
CA LEU B 681 -27.17 28.09 -16.97
C LEU B 681 -26.47 27.79 -18.30
N THR B 682 -27.16 27.11 -19.21
CA THR B 682 -26.47 26.66 -20.41
C THR B 682 -26.88 27.53 -21.59
N GLY B 683 -27.62 28.62 -21.28
CA GLY B 683 -27.97 29.65 -22.23
C GLY B 683 -28.95 29.14 -23.28
N LEU B 684 -29.99 28.44 -22.85
CA LEU B 684 -30.94 27.92 -23.83
C LEU B 684 -32.23 28.73 -23.83
N LEU B 685 -32.42 29.63 -22.85
CA LEU B 685 -33.71 30.30 -22.76
C LEU B 685 -33.65 31.63 -23.50
N LYS B 686 -34.79 32.02 -24.07
CA LYS B 686 -34.89 33.29 -24.76
C LYS B 686 -35.01 34.37 -23.66
N PRO B 687 -34.60 35.64 -23.85
CA PRO B 687 -34.69 36.65 -22.79
C PRO B 687 -36.11 37.10 -22.43
N ASP B 688 -37.08 36.60 -23.17
CA ASP B 688 -38.46 36.91 -22.91
C ASP B 688 -39.22 35.64 -22.53
N SER B 689 -38.53 34.66 -21.92
CA SER B 689 -39.20 33.43 -21.54
C SER B 689 -39.86 33.68 -20.19
N PRO B 690 -41.16 33.40 -20.04
CA PRO B 690 -41.78 33.52 -18.72
C PRO B 690 -41.13 32.50 -17.78
N LYS B 691 -40.53 31.45 -18.36
CA LYS B 691 -39.83 30.46 -17.56
C LYS B 691 -38.54 31.05 -17.04
N LEU B 692 -37.95 31.98 -17.82
CA LEU B 692 -36.69 32.52 -17.39
C LEU B 692 -36.88 33.42 -16.17
N GLY B 693 -38.04 34.06 -16.08
CA GLY B 693 -38.27 34.97 -14.98
C GLY B 693 -38.58 34.23 -13.69
N LYS B 694 -39.26 33.08 -13.84
CA LYS B 694 -39.49 32.16 -12.73
C LYS B 694 -38.16 31.69 -12.14
N LEU B 695 -37.22 31.30 -13.02
CA LEU B 695 -35.89 30.92 -12.58
C LEU B 695 -35.13 32.06 -11.87
N LEU B 696 -35.26 33.31 -12.35
CA LEU B 696 -34.49 34.41 -11.79
C LEU B 696 -34.99 34.72 -10.36
N ALA B 697 -36.30 34.49 -10.14
CA ALA B 697 -36.90 34.72 -8.83
C ALA B 697 -36.36 33.71 -7.81
N LEU B 698 -36.23 32.44 -8.26
CA LEU B 698 -35.62 31.36 -7.49
C LEU B 698 -34.14 31.68 -7.18
N ILE B 699 -33.39 32.09 -8.22
CA ILE B 699 -31.97 32.32 -8.12
C ILE B 699 -31.73 33.39 -7.06
N GLY B 700 -32.66 34.35 -6.98
CA GLY B 700 -32.43 35.52 -6.16
C GLY B 700 -33.07 35.45 -4.78
N ASP B 701 -33.68 34.29 -4.47
CA ASP B 701 -34.48 34.01 -3.28
C ASP B 701 -33.59 33.54 -2.12
N GLU B 702 -33.42 34.41 -1.10
CA GLU B 702 -32.55 34.22 0.06
C GLU B 702 -32.99 32.98 0.87
N SER B 703 -34.23 32.53 0.67
CA SER B 703 -34.73 31.43 1.47
C SER B 703 -34.49 30.12 0.75
N GLU B 704 -34.04 30.21 -0.52
CA GLU B 704 -33.85 29.06 -1.40
C GLU B 704 -32.37 28.98 -1.78
N LEU B 705 -31.93 29.78 -2.76
CA LEU B 705 -30.63 29.55 -3.41
C LEU B 705 -29.61 30.63 -3.03
N TRP B 706 -30.08 31.81 -2.63
CA TRP B 706 -29.24 33.00 -2.58
C TRP B 706 -28.59 33.15 -1.21
N SER B 707 -27.32 32.75 -1.09
CA SER B 707 -26.58 32.96 0.14
C SER B 707 -25.79 34.25 0.00
N PRO B 708 -25.25 34.80 1.10
CA PRO B 708 -24.27 35.91 1.00
C PRO B 708 -23.02 35.56 0.18
N TYR B 709 -22.86 34.28 -0.13
CA TYR B 709 -21.59 33.78 -0.62
C TYR B 709 -21.71 33.25 -2.04
N GLY B 710 -22.91 33.28 -2.63
CA GLY B 710 -23.11 32.67 -3.93
C GLY B 710 -24.33 31.76 -3.94
N LEU B 711 -24.64 31.17 -5.11
CA LEU B 711 -25.81 30.31 -5.23
C LEU B 711 -25.51 28.96 -4.55
N ARG B 712 -26.33 28.59 -3.55
CA ARG B 712 -26.30 27.28 -2.91
C ARG B 712 -26.53 26.22 -3.97
N SER B 713 -25.85 25.07 -3.88
CA SER B 713 -26.04 23.99 -4.85
C SER B 713 -27.45 23.44 -4.78
N LEU B 714 -27.98 23.43 -3.55
CA LEU B 714 -29.29 22.93 -3.23
C LEU B 714 -29.99 23.89 -2.25
N SER B 715 -31.32 24.00 -2.39
CA SER B 715 -32.11 24.95 -1.63
C SER B 715 -32.10 24.58 -0.15
N LYS B 716 -32.13 25.61 0.72
CA LYS B 716 -32.34 25.45 2.16
C LYS B 716 -33.62 24.66 2.45
N LYS B 717 -34.63 24.84 1.59
CA LYS B 717 -35.93 24.20 1.75
C LYS B 717 -35.94 22.76 1.25
N ASP B 718 -34.91 22.33 0.49
CA ASP B 718 -35.01 20.97 -0.02
C ASP B 718 -34.84 20.03 1.16
N GLU B 719 -35.55 18.91 1.11
CA GLU B 719 -35.45 17.99 2.21
C GLU B 719 -34.04 17.42 2.35
N PHE B 720 -33.26 17.39 1.25
CA PHE B 720 -31.95 16.76 1.25
C PHE B 720 -30.83 17.74 1.56
N TYR B 721 -31.20 18.97 1.94
CA TYR B 721 -30.24 20.02 2.12
C TYR B 721 -29.36 19.67 3.31
N GLY B 722 -28.04 19.66 3.11
CA GLY B 722 -27.11 19.45 4.21
C GLY B 722 -26.89 17.96 4.52
N THR B 723 -27.53 17.05 3.79
CA THR B 723 -27.52 15.62 4.13
C THR B 723 -26.37 14.84 3.48
N ALA B 724 -26.05 13.67 4.04
CA ALA B 724 -25.09 12.68 3.56
C ALA B 724 -23.67 13.26 3.42
N GLU B 725 -23.06 13.00 2.26
CA GLU B 725 -21.74 13.50 1.91
C GLU B 725 -21.75 15.03 1.80
N ASN B 726 -22.90 15.64 1.50
CA ASN B 726 -23.10 17.10 1.49
C ASN B 726 -22.17 17.79 0.47
N TYR B 727 -22.12 17.20 -0.73
CA TYR B 727 -21.12 17.57 -1.71
C TYR B 727 -21.71 18.61 -2.65
N TRP B 728 -22.85 18.25 -3.23
CA TRP B 728 -23.58 19.14 -4.08
C TRP B 728 -24.95 19.39 -3.45
N ARG B 729 -25.04 19.44 -2.12
CA ARG B 729 -26.33 19.43 -1.43
C ARG B 729 -26.44 20.63 -0.50
N SER B 730 -25.72 21.71 -0.83
CA SER B 730 -25.88 23.00 -0.15
C SER B 730 -24.79 23.97 -0.56
N PRO B 731 -23.50 23.54 -0.68
CA PRO B 731 -22.40 24.49 -0.73
C PRO B 731 -22.24 25.23 -2.06
N VAL B 732 -21.39 26.27 -2.06
CA VAL B 732 -21.22 27.12 -3.22
C VAL B 732 -20.12 26.58 -4.13
N TRP B 733 -20.45 26.35 -5.40
CA TRP B 733 -19.46 25.88 -6.35
C TRP B 733 -19.28 26.93 -7.44
N ILE B 734 -18.02 27.31 -7.69
CA ILE B 734 -17.64 28.41 -8.56
C ILE B 734 -17.94 28.12 -10.04
N ASN B 735 -17.79 26.86 -10.51
CA ASN B 735 -18.07 26.58 -11.92
C ASN B 735 -19.54 26.88 -12.26
N ILE B 736 -20.47 26.45 -11.40
CA ILE B 736 -21.88 26.59 -11.71
C ILE B 736 -22.25 28.05 -11.49
N ASN B 737 -21.65 28.66 -10.45
CA ASN B 737 -21.86 30.08 -10.22
C ASN B 737 -21.33 30.88 -11.43
N TYR B 738 -20.21 30.42 -11.99
CA TYR B 738 -19.68 31.07 -13.17
C TYR B 738 -20.70 31.05 -14.33
N LEU B 739 -21.30 29.88 -14.59
CA LEU B 739 -22.29 29.80 -15.65
C LEU B 739 -23.43 30.78 -15.41
N ALA B 740 -23.89 30.86 -14.15
CA ALA B 740 -24.98 31.75 -13.74
C ALA B 740 -24.60 33.20 -13.99
N ILE B 741 -23.42 33.61 -13.50
CA ILE B 741 -22.98 34.99 -13.66
C ILE B 741 -22.98 35.34 -15.16
N VAL B 742 -22.34 34.49 -15.98
CA VAL B 742 -22.26 34.73 -17.41
C VAL B 742 -23.66 34.95 -17.98
N GLN B 743 -24.63 34.11 -17.61
CA GLN B 743 -25.93 34.15 -18.23
C GLN B 743 -26.76 35.32 -17.70
N LEU B 744 -26.51 35.72 -16.44
CA LEU B 744 -27.17 36.90 -15.90
C LEU B 744 -26.73 38.12 -16.71
N TYR B 745 -25.44 38.11 -17.12
CA TYR B 745 -24.81 39.19 -17.87
C TYR B 745 -25.45 39.29 -19.25
N ASN B 746 -25.79 38.12 -19.79
CA ASN B 746 -26.30 38.01 -21.13
C ASN B 746 -27.73 38.57 -21.17
N ILE B 747 -28.48 38.36 -20.08
CA ILE B 747 -29.83 38.88 -20.00
C ILE B 747 -29.82 40.39 -19.73
N ALA B 748 -28.79 40.87 -19.03
CA ALA B 748 -28.81 42.25 -18.54
C ALA B 748 -28.34 43.21 -19.65
N THR B 749 -27.97 42.64 -20.79
CA THR B 749 -27.39 43.47 -21.83
C THR B 749 -28.22 43.29 -23.09
N GLN B 750 -29.49 42.96 -22.92
CA GLN B 750 -30.41 43.03 -24.04
C GLN B 750 -31.82 43.38 -23.59
N ASP B 751 -32.65 43.75 -24.57
CA ASP B 751 -34.00 44.24 -24.32
C ASP B 751 -34.87 43.11 -23.82
N GLY B 752 -35.55 43.35 -22.69
CA GLY B 752 -36.67 42.50 -22.29
C GLY B 752 -37.20 42.74 -20.87
N PRO B 753 -38.19 41.97 -20.38
CA PRO B 753 -38.80 42.27 -19.09
C PRO B 753 -37.86 42.00 -17.93
N TYR B 754 -36.82 41.13 -18.11
CA TYR B 754 -36.02 40.77 -16.95
C TYR B 754 -34.63 41.39 -16.97
N LYS B 755 -34.42 42.39 -17.87
CA LYS B 755 -33.14 43.03 -18.01
C LYS B 755 -32.66 43.54 -16.65
N GLU B 756 -33.45 44.42 -16.02
CA GLU B 756 -33.10 45.01 -14.74
C GLU B 756 -32.90 43.94 -13.67
N THR B 757 -33.72 42.90 -13.65
CA THR B 757 -33.54 41.85 -12.66
C THR B 757 -32.17 41.20 -12.85
N ALA B 758 -31.84 40.91 -14.11
CA ALA B 758 -30.54 40.34 -14.43
C ALA B 758 -29.38 41.25 -14.02
N ARG B 759 -29.43 42.57 -14.30
CA ARG B 759 -28.36 43.51 -13.94
C ARG B 759 -28.09 43.43 -12.43
N ASP B 760 -29.17 43.42 -11.65
CA ASP B 760 -29.05 43.47 -10.21
C ASP B 760 -28.42 42.15 -9.73
N LEU B 761 -28.99 41.02 -10.18
CA LEU B 761 -28.46 39.72 -9.80
C LEU B 761 -27.00 39.57 -10.25
N TYR B 762 -26.69 40.09 -11.46
CA TYR B 762 -25.36 39.94 -11.99
C TYR B 762 -24.43 40.69 -11.07
N THR B 763 -24.74 41.95 -10.81
CA THR B 763 -23.84 42.76 -10.01
C THR B 763 -23.65 42.13 -8.62
N ARG B 764 -24.74 41.64 -8.01
CA ARG B 764 -24.66 41.21 -6.63
C ARG B 764 -23.90 39.87 -6.56
N LEU B 765 -24.18 38.96 -7.50
CA LEU B 765 -23.61 37.62 -7.41
C LEU B 765 -22.14 37.69 -7.78
N ARG B 766 -21.80 38.49 -8.78
CA ARG B 766 -20.40 38.71 -9.07
C ARG B 766 -19.67 39.11 -7.80
N LYS B 767 -20.15 40.19 -7.14
CA LYS B 767 -19.47 40.79 -5.98
C LYS B 767 -19.37 39.74 -4.87
N ASN B 768 -20.48 39.10 -4.54
CA ASN B 768 -20.49 38.02 -3.58
C ASN B 768 -19.40 37.00 -3.87
N ILE B 769 -19.33 36.47 -5.10
CA ILE B 769 -18.51 35.30 -5.44
C ILE B 769 -17.04 35.64 -5.38
N VAL B 770 -16.66 36.77 -5.99
CA VAL B 770 -15.25 37.11 -6.05
C VAL B 770 -14.76 37.30 -4.63
N GLU B 771 -15.59 37.99 -3.85
CA GLU B 771 -15.28 38.35 -2.48
C GLU B 771 -15.13 37.08 -1.65
N THR B 772 -16.03 36.11 -1.82
CA THR B 772 -15.86 34.95 -0.98
C THR B 772 -14.53 34.24 -1.27
N VAL B 773 -14.23 34.02 -2.56
CA VAL B 773 -13.00 33.36 -2.97
C VAL B 773 -11.80 34.21 -2.53
N TYR B 774 -11.92 35.55 -2.67
CA TYR B 774 -10.84 36.43 -2.28
C TYR B 774 -10.53 36.37 -0.78
N ARG B 775 -11.58 36.52 0.07
CA ARG B 775 -11.43 36.64 1.52
C ARG B 775 -10.79 35.36 2.07
N ASN B 776 -11.05 34.22 1.41
CA ASN B 776 -10.47 32.95 1.84
C ASN B 776 -9.00 32.84 1.40
N TRP B 777 -8.72 33.39 0.22
CA TRP B 777 -7.37 33.30 -0.31
C TRP B 777 -6.45 34.20 0.51
N GLU B 778 -7.00 35.27 1.08
CA GLU B 778 -6.28 36.09 2.04
C GLU B 778 -5.95 35.24 3.27
N GLU B 779 -7.00 34.69 3.90
CA GLU B 779 -6.80 33.95 5.14
C GLU B 779 -5.88 32.75 4.91
N THR B 780 -6.28 31.84 4.01
CA THR B 780 -5.73 30.50 3.98
C THR B 780 -4.67 30.33 2.88
N GLY B 781 -4.65 31.27 1.91
CA GLY B 781 -3.72 31.18 0.81
C GLY B 781 -4.19 30.20 -0.28
N PHE B 782 -5.35 29.58 -0.06
CA PHE B 782 -5.83 28.52 -0.95
C PHE B 782 -7.08 28.94 -1.73
N ALA B 783 -7.16 28.41 -2.96
CA ALA B 783 -8.42 28.27 -3.66
C ALA B 783 -9.07 26.99 -3.16
N TRP B 784 -10.37 27.05 -2.86
CA TRP B 784 -11.03 25.86 -2.36
C TRP B 784 -11.96 25.28 -3.42
N GLU B 785 -12.31 24.01 -3.19
CA GLU B 785 -13.13 23.23 -4.10
C GLU B 785 -14.57 23.74 -4.04
N GLN B 786 -15.01 24.11 -2.84
CA GLN B 786 -16.35 24.64 -2.61
C GLN B 786 -16.33 25.53 -1.39
N TYR B 787 -17.43 26.28 -1.22
CA TYR B 787 -17.49 27.34 -0.23
C TYR B 787 -18.75 27.11 0.60
N ASN B 788 -18.59 27.27 1.91
CA ASN B 788 -19.69 27.12 2.85
C ASN B 788 -20.71 28.25 2.65
N PRO B 789 -22.02 27.93 2.49
CA PRO B 789 -23.04 28.95 2.26
C PRO B 789 -23.47 29.77 3.50
N GLU B 790 -23.01 29.36 4.70
CA GLU B 790 -23.41 30.01 5.94
C GLU B 790 -22.32 30.95 6.43
N THR B 791 -21.05 30.51 6.35
CA THR B 791 -19.95 31.32 6.86
C THR B 791 -19.14 31.91 5.71
N GLY B 792 -19.11 31.21 4.56
CA GLY B 792 -18.24 31.56 3.45
C GLY B 792 -16.88 30.84 3.46
N LYS B 793 -16.62 29.95 4.44
CA LYS B 793 -15.29 29.35 4.58
C LYS B 793 -15.10 28.26 3.50
N GLY B 794 -13.96 28.33 2.77
CA GLY B 794 -13.48 27.26 1.90
C GLY B 794 -13.52 25.91 2.60
N GLN B 795 -14.07 24.90 1.92
CA GLN B 795 -14.29 23.57 2.48
C GLN B 795 -13.92 22.52 1.44
N ARG B 796 -13.97 21.24 1.82
CA ARG B 796 -13.43 20.18 0.97
C ARG B 796 -11.96 20.45 0.65
N THR B 797 -11.45 20.02 -0.52
CA THR B 797 -10.00 20.08 -0.72
C THR B 797 -9.54 21.49 -1.10
N GLN B 798 -8.29 21.79 -0.73
CA GLN B 798 -7.59 23.00 -1.14
C GLN B 798 -6.80 22.71 -2.41
N HIS B 799 -6.13 23.75 -2.87
CA HIS B 799 -5.29 23.66 -4.05
C HIS B 799 -6.16 23.41 -5.28
N PHE B 800 -7.38 23.92 -5.25
CA PHE B 800 -8.33 23.56 -6.28
C PHE B 800 -8.26 24.57 -7.44
N THR B 801 -7.31 24.36 -8.33
CA THR B 801 -7.18 25.30 -9.40
C THR B 801 -6.91 24.52 -10.67
N GLY B 802 -7.95 23.84 -11.18
CA GLY B 802 -9.24 23.82 -10.49
C GLY B 802 -10.14 24.96 -10.98
N TRP B 803 -11.43 24.65 -11.18
CA TRP B 803 -12.28 25.65 -11.83
C TRP B 803 -12.56 26.87 -10.95
N THR B 804 -12.16 26.83 -9.68
CA THR B 804 -12.31 27.99 -8.80
C THR B 804 -11.59 29.21 -9.38
N SER B 805 -10.52 28.95 -10.16
CA SER B 805 -9.74 30.00 -10.80
C SER B 805 -10.57 30.78 -11.82
N LEU B 806 -11.79 30.31 -12.12
CA LEU B 806 -12.70 31.02 -13.00
C LEU B 806 -12.86 32.47 -12.51
N VAL B 807 -12.73 32.67 -11.21
CA VAL B 807 -12.89 33.95 -10.59
C VAL B 807 -12.07 35.02 -11.31
N VAL B 808 -10.91 34.67 -11.88
CA VAL B 808 -10.13 35.64 -12.64
C VAL B 808 -10.99 36.26 -13.73
N LYS B 809 -11.79 35.45 -14.43
CA LYS B 809 -12.58 35.96 -15.53
C LYS B 809 -13.76 36.74 -14.95
N ILE B 810 -14.23 36.33 -13.77
CA ILE B 810 -15.39 36.97 -13.18
C ILE B 810 -15.04 38.41 -12.85
N MET B 811 -13.78 38.66 -12.49
CA MET B 811 -13.30 39.99 -12.15
C MET B 811 -13.06 40.85 -13.40
N SER B 812 -12.83 40.24 -14.57
CA SER B 812 -12.38 40.98 -15.75
C SER B 812 -13.55 41.50 -16.57
N GLY B 813 -14.77 41.13 -16.16
CA GLY B 813 -16.00 41.51 -16.85
C GLY B 813 -16.26 40.67 -18.12
N HIS B 814 -17.45 40.88 -18.73
CA HIS B 814 -17.75 40.25 -20.01
C HIS B 814 -17.84 41.35 -21.07
#